data_4EAC
#
_entry.id   4EAC
#
_cell.length_a   158.961
_cell.length_b   238.461
_cell.length_c   54.345
_cell.angle_alpha   90.00
_cell.angle_beta   90.00
_cell.angle_gamma   90.00
#
_symmetry.space_group_name_H-M   'P 21 21 2'
#
loop_
_entity.id
_entity.type
_entity.pdbx_description
1 polymer 'Mannonate dehydratase'
2 non-polymer 'CHLORIDE ION'
3 non-polymer 'MANGANESE (II) ION'
4 water water
#
_entity_poly.entity_id   1
_entity_poly.type   'polypeptide(L)'
_entity_poly.pdbx_seq_one_letter_code
;MGSSHHHHHHSSGLVPRGSHMEQTWRWYGPNDPVSLADVRQAGATGVVTALHHIPNGEVWSVEEILKRKAIIEDAGLVWS
VVESVPIHEDIKTHTGNYEQWIANYQQTLRNLAQCGIRTVCYNFMPVLDWTRTDLEYVLPDGSKALRFDQIEFAAFEMHI
LKRPGAEADYTEEEIAQAAERFATMSDEDKARLTRNIIAGLPGAEEGYTLDQFRKHLELYKDIDKAKLRENFAVFLKAII
PVAEEVGVRMAVHPDDPPRPILGLPRIVSTIEDMQWMVDTVNSMANGFTMCTGSYGVRADNDLVDMIKQFGPRIYFTHLR
STMREDNPKTFHEAAHLNGDVDMYEVVKAIVEEEHRRKAEGKEDLIPMRPDHGHQMLDDLKKKTNPGYSAIGRLKGLAEV
RGVELAIQRAFFSR
;
_entity_poly.pdbx_strand_id   A,B,C,D
#
loop_
_chem_comp.id
_chem_comp.type
_chem_comp.name
_chem_comp.formula
CL non-polymer 'CHLORIDE ION' 'Cl -1'
MN non-polymer 'MANGANESE (II) ION' 'Mn 2'
#
# COMPACT_ATOMS: atom_id res chain seq x y z
N SER A 19 -20.19 -29.32 -33.16
CA SER A 19 -20.22 -30.58 -33.98
C SER A 19 -21.26 -31.59 -33.45
N HIS A 20 -21.16 -31.93 -32.17
CA HIS A 20 -22.19 -32.69 -31.44
C HIS A 20 -22.83 -31.83 -30.32
N MET A 21 -22.21 -30.68 -30.05
CA MET A 21 -22.76 -29.66 -29.16
C MET A 21 -24.19 -29.29 -29.56
N GLU A 22 -25.09 -29.17 -28.58
CA GLU A 22 -26.46 -28.77 -28.85
C GLU A 22 -26.54 -27.24 -29.08
N GLN A 23 -26.63 -26.86 -30.34
CA GLN A 23 -26.50 -25.48 -30.75
C GLN A 23 -27.85 -24.87 -31.04
N THR A 24 -28.19 -23.85 -30.24
CA THR A 24 -29.51 -23.20 -30.31
C THR A 24 -29.38 -21.70 -30.58
N TRP A 25 -30.50 -21.05 -30.86
CA TRP A 25 -30.48 -19.69 -31.37
C TRP A 25 -31.78 -19.02 -31.01
N ARG A 26 -31.69 -17.87 -30.36
CA ARG A 26 -32.90 -17.16 -30.00
C ARG A 26 -33.55 -16.49 -31.22
N TRP A 27 -34.81 -16.83 -31.45
CA TRP A 27 -35.61 -16.30 -32.56
C TRP A 27 -36.86 -15.73 -31.95
N TYR A 28 -37.19 -14.47 -32.28
CA TYR A 28 -38.34 -13.79 -31.64
C TYR A 28 -39.70 -14.11 -32.24
N GLY A 29 -39.72 -14.86 -33.33
CA GLY A 29 -40.98 -15.20 -34.00
C GLY A 29 -41.05 -14.64 -35.41
N PRO A 30 -42.25 -14.76 -36.04
CA PRO A 30 -42.46 -14.36 -37.43
C PRO A 30 -42.02 -12.93 -37.75
N ASN A 31 -42.05 -12.02 -36.76
CA ASN A 31 -41.67 -10.62 -36.98
C ASN A 31 -40.16 -10.32 -36.82
N ASP A 32 -39.39 -11.31 -36.35
CA ASP A 32 -37.93 -11.20 -36.24
C ASP A 32 -37.33 -11.01 -37.62
N PRO A 33 -36.49 -9.97 -37.81
CA PRO A 33 -35.82 -9.77 -39.11
C PRO A 33 -34.86 -10.92 -39.47
N VAL A 34 -34.43 -11.68 -38.46
CA VAL A 34 -33.67 -12.89 -38.68
C VAL A 34 -34.64 -14.04 -38.96
N SER A 35 -34.48 -14.64 -40.14
CA SER A 35 -35.33 -15.74 -40.57
C SER A 35 -34.84 -17.08 -40.06
N LEU A 36 -35.70 -18.09 -40.13
CA LEU A 36 -35.31 -19.42 -39.68
C LEU A 36 -34.30 -20.04 -40.64
N ALA A 37 -34.28 -19.57 -41.88
CA ALA A 37 -33.25 -19.97 -42.84
C ALA A 37 -31.86 -19.45 -42.43
N ASP A 38 -31.81 -18.21 -41.93
CA ASP A 38 -30.57 -17.64 -41.38
C ASP A 38 -30.07 -18.50 -40.22
N VAL A 39 -31.01 -18.88 -39.35
CA VAL A 39 -30.70 -19.70 -38.18
C VAL A 39 -30.08 -21.05 -38.59
N ARG A 40 -30.68 -21.73 -39.57
CA ARG A 40 -30.13 -23.00 -40.02
C ARG A 40 -28.74 -22.87 -40.63
N GLN A 41 -28.57 -21.85 -41.46
CA GLN A 41 -27.29 -21.59 -42.12
C GLN A 41 -26.20 -21.19 -41.12
N ALA A 42 -26.61 -20.60 -39.99
CA ALA A 42 -25.69 -20.31 -38.89
C ALA A 42 -25.17 -21.59 -38.20
N GLY A 43 -25.88 -22.70 -38.42
CA GLY A 43 -25.49 -24.01 -37.90
C GLY A 43 -26.18 -24.40 -36.61
N ALA A 44 -27.19 -23.64 -36.19
CA ALA A 44 -28.01 -24.01 -35.04
C ALA A 44 -29.04 -25.06 -35.47
N THR A 45 -29.33 -26.01 -34.57
CA THR A 45 -30.33 -27.04 -34.85
C THR A 45 -31.54 -26.83 -33.97
N GLY A 46 -31.41 -25.94 -33.00
CA GLY A 46 -32.47 -25.68 -32.05
C GLY A 46 -32.82 -24.22 -32.00
N VAL A 47 -34.09 -23.95 -31.70
CA VAL A 47 -34.55 -22.58 -31.52
C VAL A 47 -34.93 -22.31 -30.07
N VAL A 48 -34.57 -21.13 -29.61
CA VAL A 48 -34.96 -20.61 -28.32
C VAL A 48 -35.96 -19.49 -28.61
N THR A 49 -37.13 -19.56 -28.00
CA THR A 49 -38.16 -18.58 -28.27
C THR A 49 -39.18 -18.50 -27.15
N ALA A 50 -40.09 -17.55 -27.25
CA ALA A 50 -41.16 -17.37 -26.28
C ALA A 50 -42.35 -16.77 -26.99
N LEU A 51 -43.52 -16.84 -26.35
CA LEU A 51 -44.72 -16.24 -26.89
C LEU A 51 -44.85 -14.80 -26.36
N HIS A 52 -44.06 -13.92 -26.95
CA HIS A 52 -43.94 -12.51 -26.52
C HIS A 52 -45.23 -11.70 -26.61
N HIS A 53 -46.14 -12.11 -27.50
CA HIS A 53 -47.40 -11.41 -27.77
C HIS A 53 -48.48 -11.72 -26.73
N ILE A 54 -48.25 -12.75 -25.92
CA ILE A 54 -49.17 -13.10 -24.84
C ILE A 54 -48.88 -12.24 -23.62
N PRO A 55 -49.90 -11.50 -23.13
CA PRO A 55 -49.71 -10.56 -22.03
C PRO A 55 -49.07 -11.22 -20.81
N ASN A 56 -48.27 -10.43 -20.10
CA ASN A 56 -47.59 -10.88 -18.89
C ASN A 56 -48.52 -11.51 -17.89
N GLY A 57 -48.16 -12.71 -17.45
CA GLY A 57 -48.90 -13.41 -16.41
C GLY A 57 -50.06 -14.27 -16.89
N GLU A 58 -50.41 -14.16 -18.16
CA GLU A 58 -51.53 -14.95 -18.68
C GLU A 58 -51.02 -16.32 -19.14
N VAL A 59 -51.93 -17.30 -19.15
CA VAL A 59 -51.64 -18.67 -19.54
C VAL A 59 -51.27 -18.75 -21.02
N TRP A 60 -50.20 -19.48 -21.32
CA TRP A 60 -49.84 -19.80 -22.70
C TRP A 60 -50.63 -21.04 -23.09
N SER A 61 -51.59 -20.87 -23.99
CA SER A 61 -52.44 -21.97 -24.42
C SER A 61 -51.70 -22.99 -25.28
N VAL A 62 -52.19 -24.22 -25.27
CA VAL A 62 -51.67 -25.27 -26.14
C VAL A 62 -51.70 -24.83 -27.61
N GLU A 63 -52.79 -24.19 -28.02
CA GLU A 63 -52.92 -23.70 -29.39
C GLU A 63 -51.76 -22.77 -29.80
N GLU A 64 -51.45 -21.79 -28.96
CA GLU A 64 -50.40 -20.81 -29.24
C GLU A 64 -49.01 -21.44 -29.26
N ILE A 65 -48.78 -22.34 -28.31
CA ILE A 65 -47.53 -23.07 -28.20
C ILE A 65 -47.28 -23.93 -29.44
N LEU A 66 -48.30 -24.70 -29.85
CA LEU A 66 -48.21 -25.59 -31.01
C LEU A 66 -48.03 -24.83 -32.32
N LYS A 67 -48.65 -23.66 -32.41
CA LYS A 67 -48.47 -22.77 -33.56
C LYS A 67 -46.99 -22.37 -33.76
N ARG A 68 -46.36 -21.89 -32.69
CA ARG A 68 -44.94 -21.50 -32.74
C ARG A 68 -44.04 -22.71 -33.02
N LYS A 69 -44.36 -23.82 -32.37
CA LYS A 69 -43.66 -25.08 -32.57
C LYS A 69 -43.70 -25.54 -34.04
N ALA A 70 -44.90 -25.53 -34.63
CA ALA A 70 -45.09 -25.94 -36.03
C ALA A 70 -44.28 -25.09 -37.00
N ILE A 71 -44.27 -23.76 -36.78
CA ILE A 71 -43.52 -22.85 -37.62
C ILE A 71 -42.03 -23.19 -37.62
N ILE A 72 -41.52 -23.49 -36.43
CA ILE A 72 -40.12 -23.85 -36.24
C ILE A 72 -39.78 -25.19 -36.88
N GLU A 73 -40.63 -26.20 -36.66
CA GLU A 73 -40.40 -27.53 -37.24
C GLU A 73 -40.50 -27.52 -38.75
N ASP A 74 -41.34 -26.61 -39.24
CA ASP A 74 -41.49 -26.33 -40.67
C ASP A 74 -40.17 -25.96 -41.33
N ALA A 75 -39.29 -25.29 -40.59
CA ALA A 75 -38.01 -24.84 -41.10
C ALA A 75 -36.91 -25.89 -40.91
N GLY A 76 -37.27 -27.05 -40.38
CA GLY A 76 -36.31 -28.14 -40.14
C GLY A 76 -35.54 -27.92 -38.85
N LEU A 77 -36.19 -27.25 -37.90
CA LEU A 77 -35.60 -26.95 -36.62
C LEU A 77 -36.49 -27.54 -35.52
N VAL A 78 -36.01 -27.55 -34.28
CA VAL A 78 -36.84 -27.93 -33.13
C VAL A 78 -36.86 -26.78 -32.13
N TRP A 79 -37.95 -26.66 -31.38
CA TRP A 79 -38.05 -25.67 -30.32
C TRP A 79 -37.50 -26.31 -29.05
N SER A 80 -36.32 -25.84 -28.64
CA SER A 80 -35.50 -26.49 -27.62
C SER A 80 -35.72 -25.92 -26.23
N VAL A 81 -35.74 -24.60 -26.14
CA VAL A 81 -35.78 -23.89 -24.88
C VAL A 81 -36.73 -22.72 -24.98
N VAL A 82 -37.47 -22.48 -23.89
CA VAL A 82 -38.32 -21.32 -23.78
C VAL A 82 -37.51 -20.23 -23.06
N GLU A 83 -37.44 -19.05 -23.67
CA GLU A 83 -36.83 -17.90 -23.02
C GLU A 83 -37.58 -16.63 -23.38
N SER A 84 -38.40 -16.09 -22.47
CA SER A 84 -38.66 -16.65 -21.15
C SER A 84 -40.17 -16.74 -20.90
N VAL A 85 -40.56 -17.38 -19.80
CA VAL A 85 -41.91 -17.24 -19.29
C VAL A 85 -41.81 -16.14 -18.25
N PRO A 86 -42.42 -14.97 -18.53
CA PRO A 86 -42.20 -13.81 -17.66
C PRO A 86 -42.88 -13.95 -16.31
N ILE A 87 -42.22 -13.47 -15.27
CA ILE A 87 -42.79 -13.44 -13.92
C ILE A 87 -43.37 -12.06 -13.66
N HIS A 88 -44.69 -12.00 -13.47
CA HIS A 88 -45.41 -10.74 -13.22
C HIS A 88 -44.81 -10.00 -12.03
N GLU A 89 -44.75 -8.67 -12.13
CA GLU A 89 -44.22 -7.82 -11.03
C GLU A 89 -44.95 -7.99 -9.70
N ASP A 90 -46.23 -8.36 -9.75
CA ASP A 90 -47.00 -8.65 -8.56
C ASP A 90 -46.40 -9.82 -7.78
N ILE A 91 -45.84 -10.80 -8.50
CA ILE A 91 -45.16 -11.92 -7.83
C ILE A 91 -43.87 -11.44 -7.14
N LYS A 92 -43.14 -10.55 -7.80
CA LYS A 92 -41.87 -10.06 -7.28
C LYS A 92 -42.04 -9.16 -6.06
N THR A 93 -43.12 -8.37 -6.06
CA THR A 93 -43.42 -7.52 -4.91
C THR A 93 -44.33 -8.21 -3.88
N HIS A 94 -44.83 -9.42 -4.23
CA HIS A 94 -45.79 -10.16 -3.40
C HIS A 94 -47.01 -9.29 -3.04
N THR A 95 -47.59 -8.65 -4.06
CA THR A 95 -48.78 -7.82 -3.91
C THR A 95 -49.84 -8.20 -4.98
N GLY A 96 -51.00 -7.55 -4.92
CA GLY A 96 -52.04 -7.69 -5.95
C GLY A 96 -52.48 -9.10 -6.26
N ASN A 97 -52.43 -9.45 -7.55
CA ASN A 97 -53.00 -10.71 -8.03
C ASN A 97 -51.99 -11.86 -8.15
N TYR A 98 -50.99 -11.86 -7.27
CA TYR A 98 -49.87 -12.81 -7.36
C TYR A 98 -50.29 -14.28 -7.38
N GLU A 99 -51.36 -14.60 -6.64
CA GLU A 99 -51.83 -15.99 -6.52
C GLU A 99 -52.37 -16.53 -7.84
N GLN A 100 -53.12 -15.69 -8.56
CA GLN A 100 -53.62 -16.04 -9.88
C GLN A 100 -52.47 -16.17 -10.90
N TRP A 101 -51.55 -15.21 -10.88
CA TRP A 101 -50.39 -15.22 -11.77
C TRP A 101 -49.57 -16.50 -11.61
N ILE A 102 -49.37 -16.91 -10.36
CA ILE A 102 -48.67 -18.15 -10.02
C ILE A 102 -49.40 -19.38 -10.60
N ALA A 103 -50.72 -19.43 -10.43
CA ALA A 103 -51.53 -20.52 -10.97
C ALA A 103 -51.41 -20.60 -12.48
N ASN A 104 -51.45 -19.44 -13.14
CA ASN A 104 -51.29 -19.34 -14.58
C ASN A 104 -49.90 -19.80 -15.07
N TYR A 105 -48.86 -19.37 -14.36
CA TYR A 105 -47.49 -19.81 -14.61
C TYR A 105 -47.41 -21.33 -14.55
N GLN A 106 -48.01 -21.90 -13.50
CA GLN A 106 -48.09 -23.35 -13.34
C GLN A 106 -48.77 -24.02 -14.54
N GLN A 107 -49.87 -23.43 -15.02
CA GLN A 107 -50.62 -23.98 -16.14
C GLN A 107 -49.85 -23.86 -17.46
N THR A 108 -49.17 -22.72 -17.63
CA THR A 108 -48.25 -22.52 -18.75
C THR A 108 -47.23 -23.64 -18.83
N LEU A 109 -46.64 -24.01 -17.69
CA LEU A 109 -45.61 -25.05 -17.67
C LEU A 109 -46.19 -26.41 -18.04
N ARG A 110 -47.39 -26.69 -17.53
CA ARG A 110 -48.16 -27.88 -17.91
C ARG A 110 -48.40 -27.90 -19.42
N ASN A 111 -48.83 -26.77 -19.97
CA ASN A 111 -49.11 -26.69 -21.41
C ASN A 111 -47.84 -26.90 -22.25
N LEU A 112 -46.75 -26.25 -21.87
CA LEU A 112 -45.45 -26.44 -22.53
C LEU A 112 -45.02 -27.89 -22.55
N ALA A 113 -45.08 -28.53 -21.37
CA ALA A 113 -44.70 -29.92 -21.23
C ALA A 113 -45.56 -30.84 -22.08
N GLN A 114 -46.87 -30.60 -22.05
CA GLN A 114 -47.81 -31.35 -22.88
C GLN A 114 -47.47 -31.22 -24.37
N CYS A 115 -46.83 -30.11 -24.74
CA CYS A 115 -46.39 -29.89 -26.11
C CYS A 115 -44.95 -30.35 -26.41
N GLY A 116 -44.29 -30.96 -25.41
CA GLY A 116 -42.95 -31.54 -25.61
C GLY A 116 -41.78 -30.57 -25.52
N ILE A 117 -42.00 -29.46 -24.82
CA ILE A 117 -41.00 -28.41 -24.65
C ILE A 117 -40.66 -28.34 -23.17
N ARG A 118 -39.43 -28.71 -22.82
CA ARG A 118 -39.14 -29.13 -21.44
C ARG A 118 -38.05 -28.37 -20.67
N THR A 119 -37.59 -27.25 -21.23
CA THR A 119 -36.63 -26.40 -20.54
C THR A 119 -37.07 -24.94 -20.58
N VAL A 120 -37.19 -24.34 -19.40
CA VAL A 120 -37.67 -22.98 -19.29
C VAL A 120 -36.66 -22.06 -18.61
N CYS A 121 -36.21 -21.07 -19.36
CA CYS A 121 -35.34 -20.00 -18.88
C CYS A 121 -36.24 -18.89 -18.36
N TYR A 122 -35.84 -18.23 -17.27
CA TYR A 122 -36.62 -17.17 -16.65
C TYR A 122 -35.67 -16.34 -15.78
N ASN A 123 -36.14 -15.19 -15.30
CA ASN A 123 -35.34 -14.37 -14.40
C ASN A 123 -36.15 -13.71 -13.30
N PHE A 124 -35.46 -13.21 -12.28
CA PHE A 124 -36.12 -12.51 -11.17
C PHE A 124 -35.53 -11.12 -10.97
N MET A 125 -35.06 -10.50 -12.06
CA MET A 125 -34.65 -9.11 -12.04
C MET A 125 -35.89 -8.26 -11.79
N PRO A 126 -35.88 -7.43 -10.74
CA PRO A 126 -37.07 -6.64 -10.43
C PRO A 126 -37.12 -5.33 -11.22
N VAL A 127 -38.31 -5.00 -11.72
CA VAL A 127 -38.60 -3.78 -12.52
C VAL A 127 -37.92 -3.78 -13.88
N LEU A 128 -36.60 -3.65 -13.90
CA LEU A 128 -35.84 -3.69 -15.15
C LEU A 128 -35.27 -5.07 -15.40
N ASP A 129 -35.21 -5.43 -16.67
CA ASP A 129 -34.60 -6.65 -17.12
C ASP A 129 -33.12 -6.34 -17.45
N TRP A 130 -32.52 -7.03 -18.41
CA TRP A 130 -31.11 -6.78 -18.71
C TRP A 130 -30.90 -5.37 -19.24
N THR A 131 -29.80 -4.74 -18.84
CA THR A 131 -29.68 -3.28 -18.93
C THR A 131 -28.38 -2.80 -19.58
N ARG A 132 -28.53 -1.89 -20.54
CA ARG A 132 -27.42 -1.26 -21.25
C ARG A 132 -27.72 0.24 -21.37
N THR A 133 -26.67 1.07 -21.49
CA THR A 133 -26.85 2.52 -21.64
C THR A 133 -26.69 2.95 -23.10
N ASP A 134 -25.95 2.14 -23.86
CA ASP A 134 -25.61 2.49 -25.24
C ASP A 134 -25.81 1.23 -26.08
N LEU A 135 -26.60 1.37 -27.15
CA LEU A 135 -26.97 0.24 -28.00
C LEU A 135 -26.24 0.27 -29.34
N GLU A 136 -25.38 1.27 -29.52
CA GLU A 136 -24.76 1.51 -30.84
C GLU A 136 -23.32 1.94 -30.67
N TYR A 137 -22.64 1.34 -29.72
CA TYR A 137 -21.25 1.69 -29.43
C TYR A 137 -20.30 1.14 -30.51
N VAL A 138 -19.66 2.06 -31.24
CA VAL A 138 -18.80 1.73 -32.37
C VAL A 138 -17.43 1.28 -31.88
N LEU A 139 -17.04 0.07 -32.28
CA LEU A 139 -15.75 -0.50 -31.91
C LEU A 139 -14.73 -0.08 -32.95
N PRO A 140 -13.42 -0.28 -32.65
CA PRO A 140 -12.37 0.10 -33.60
C PRO A 140 -12.53 -0.49 -35.00
N ASP A 141 -13.15 -1.67 -35.11
CA ASP A 141 -13.36 -2.31 -36.42
C ASP A 141 -14.62 -1.82 -37.15
N GLY A 142 -15.38 -0.93 -36.51
CA GLY A 142 -16.56 -0.34 -37.14
C GLY A 142 -17.85 -1.06 -36.80
N SER A 143 -17.74 -2.25 -36.24
CA SER A 143 -18.95 -2.94 -35.80
C SER A 143 -19.51 -2.25 -34.55
N LYS A 144 -20.78 -2.51 -34.28
CA LYS A 144 -21.43 -1.91 -33.13
C LYS A 144 -21.72 -2.92 -32.03
N ALA A 145 -21.41 -2.51 -30.79
CA ALA A 145 -21.61 -3.33 -29.62
C ALA A 145 -22.58 -2.68 -28.63
N LEU A 146 -23.12 -3.48 -27.72
CA LEU A 146 -23.88 -2.93 -26.61
C LEU A 146 -22.91 -2.56 -25.49
N ARG A 147 -23.25 -1.53 -24.73
CA ARG A 147 -22.35 -1.05 -23.69
C ARG A 147 -23.13 -0.57 -22.48
N PHE A 148 -22.59 -0.85 -21.30
CA PHE A 148 -23.07 -0.26 -20.06
C PHE A 148 -21.98 0.70 -19.61
N ASP A 149 -22.22 2.00 -19.82
CA ASP A 149 -21.27 3.03 -19.41
C ASP A 149 -21.72 3.53 -18.05
N GLN A 150 -20.90 3.24 -17.05
CA GLN A 150 -21.19 3.59 -15.65
C GLN A 150 -21.49 5.08 -15.48
N ILE A 151 -20.79 5.92 -16.23
CA ILE A 151 -20.97 7.37 -16.13
C ILE A 151 -22.29 7.79 -16.79
N GLU A 152 -22.60 7.22 -17.97
CA GLU A 152 -23.94 7.39 -18.57
C GLU A 152 -25.05 6.97 -17.60
N PHE A 153 -24.87 5.83 -16.94
CA PHE A 153 -25.86 5.32 -16.00
C PHE A 153 -26.02 6.21 -14.74
N ALA A 154 -24.90 6.68 -14.21
CA ALA A 154 -24.93 7.64 -13.11
C ALA A 154 -25.64 8.93 -13.51
N ALA A 155 -25.34 9.41 -14.71
CA ALA A 155 -25.95 10.62 -15.26
C ALA A 155 -27.47 10.50 -15.36
N PHE A 156 -27.95 9.35 -15.86
CA PHE A 156 -29.38 9.05 -15.86
C PHE A 156 -29.97 9.06 -14.45
N GLU A 157 -29.36 8.33 -13.53
CA GLU A 157 -29.86 8.18 -12.16
C GLU A 157 -29.94 9.50 -11.39
N MET A 158 -28.91 10.32 -11.50
CA MET A 158 -28.80 11.53 -10.68
C MET A 158 -29.33 12.82 -11.33
N HIS A 159 -29.39 12.85 -12.66
CA HIS A 159 -29.78 14.08 -13.37
C HIS A 159 -31.04 13.94 -14.22
N ILE A 160 -31.49 12.71 -14.44
CA ILE A 160 -32.70 12.46 -15.22
C ILE A 160 -33.78 11.86 -14.33
N LEU A 161 -33.53 10.66 -13.81
CA LEU A 161 -34.43 10.06 -12.83
C LEU A 161 -34.43 10.87 -11.52
N LYS A 162 -33.27 11.41 -11.15
CA LYS A 162 -33.08 12.14 -9.88
C LYS A 162 -33.50 11.31 -8.67
N ARG A 163 -33.02 10.07 -8.58
CA ARG A 163 -33.38 9.21 -7.47
C ARG A 163 -32.69 9.66 -6.19
N PRO A 164 -33.46 9.96 -5.12
CA PRO A 164 -32.85 10.22 -3.82
C PRO A 164 -32.51 8.90 -3.15
N GLY A 165 -31.31 8.74 -2.61
CA GLY A 165 -30.14 9.56 -2.91
C GLY A 165 -29.22 8.60 -3.61
N ALA A 166 -29.22 8.66 -4.94
CA ALA A 166 -28.48 7.72 -5.79
C ALA A 166 -26.98 7.86 -5.60
N GLU A 167 -26.58 9.00 -5.04
CA GLU A 167 -25.18 9.35 -4.79
C GLU A 167 -24.42 8.28 -4.01
N ALA A 168 -25.12 7.55 -3.14
CA ALA A 168 -24.51 6.49 -2.33
C ALA A 168 -23.92 5.35 -3.17
N ASP A 169 -24.49 5.13 -4.35
CA ASP A 169 -24.02 4.06 -5.24
C ASP A 169 -22.74 4.43 -6.01
N TYR A 170 -22.27 5.66 -5.83
CA TYR A 170 -21.16 6.16 -6.65
C TYR A 170 -20.00 6.76 -5.85
N THR A 171 -18.82 6.75 -6.46
CA THR A 171 -17.66 7.44 -5.91
C THR A 171 -17.79 8.94 -6.21
N GLU A 172 -17.03 9.75 -5.47
CA GLU A 172 -16.96 11.19 -5.70
C GLU A 172 -16.54 11.51 -7.12
N GLU A 173 -15.59 10.74 -7.65
CA GLU A 173 -15.13 10.93 -9.02
C GLU A 173 -16.25 10.66 -10.04
N GLU A 174 -16.97 9.56 -9.85
CA GLU A 174 -18.09 9.18 -10.74
C GLU A 174 -19.21 10.22 -10.73
N ILE A 175 -19.53 10.73 -9.54
CA ILE A 175 -20.50 11.82 -9.39
C ILE A 175 -20.07 13.06 -10.17
N ALA A 176 -18.81 13.47 -10.02
CA ALA A 176 -18.25 14.58 -10.79
C ALA A 176 -18.29 14.32 -12.30
N GLN A 177 -17.89 13.11 -12.71
CA GLN A 177 -17.90 12.75 -14.13
C GLN A 177 -19.31 12.69 -14.73
N ALA A 178 -20.29 12.25 -13.94
CA ALA A 178 -21.69 12.19 -14.34
C ALA A 178 -22.23 13.59 -14.64
N ALA A 179 -22.03 14.51 -13.69
CA ALA A 179 -22.47 15.90 -13.88
C ALA A 179 -21.89 16.48 -15.15
N GLU A 180 -20.63 16.18 -15.43
CA GLU A 180 -19.97 16.68 -16.61
C GLU A 180 -20.49 16.04 -17.91
N ARG A 181 -20.70 14.72 -17.89
CA ARG A 181 -21.28 14.04 -19.04
C ARG A 181 -22.69 14.55 -19.34
N PHE A 182 -23.49 14.74 -18.29
CA PHE A 182 -24.85 15.25 -18.45
C PHE A 182 -24.88 16.64 -19.11
N ALA A 183 -23.90 17.48 -18.80
CA ALA A 183 -23.86 18.85 -19.36
C ALA A 183 -23.46 18.86 -20.85
N THR A 184 -22.89 17.77 -21.33
CA THR A 184 -22.55 17.64 -22.75
C THR A 184 -23.67 16.99 -23.57
N MET A 185 -24.72 16.51 -22.92
CA MET A 185 -25.77 15.74 -23.58
C MET A 185 -26.79 16.65 -24.27
N SER A 186 -27.09 16.36 -25.52
CA SER A 186 -28.22 17.01 -26.18
C SER A 186 -29.54 16.52 -25.59
N ASP A 187 -30.63 17.18 -25.97
CA ASP A 187 -31.96 16.80 -25.55
C ASP A 187 -32.23 15.36 -25.99
N GLU A 188 -31.93 15.08 -27.25
CA GLU A 188 -32.09 13.75 -27.80
C GLU A 188 -31.17 12.68 -27.15
N ASP A 189 -29.93 13.04 -26.80
CA ASP A 189 -29.05 12.16 -26.01
C ASP A 189 -29.74 11.71 -24.73
N LYS A 190 -30.34 12.66 -24.02
CA LYS A 190 -31.00 12.39 -22.74
C LYS A 190 -32.21 11.48 -22.91
N ALA A 191 -33.03 11.74 -23.93
CA ALA A 191 -34.17 10.90 -24.22
C ALA A 191 -33.76 9.48 -24.63
N ARG A 192 -32.74 9.36 -25.48
CA ARG A 192 -32.28 8.06 -25.95
C ARG A 192 -31.69 7.22 -24.80
N LEU A 193 -30.89 7.86 -23.97
CA LEU A 193 -30.34 7.23 -22.77
C LEU A 193 -31.48 6.70 -21.89
N THR A 194 -32.51 7.52 -21.70
CA THR A 194 -33.66 7.13 -20.91
C THR A 194 -34.37 5.90 -21.48
N ARG A 195 -34.73 5.95 -22.76
CA ARG A 195 -35.36 4.79 -23.43
C ARG A 195 -34.47 3.53 -23.37
N ASN A 196 -33.17 3.68 -23.62
CA ASN A 196 -32.24 2.58 -23.52
C ASN A 196 -32.37 1.84 -22.19
N ILE A 197 -32.49 2.59 -21.11
CA ILE A 197 -32.49 2.04 -19.77
C ILE A 197 -33.86 1.49 -19.34
N ILE A 198 -34.96 2.11 -19.77
CA ILE A 198 -36.27 1.76 -19.21
C ILE A 198 -37.34 1.22 -20.15
N ALA A 199 -37.15 1.34 -21.45
CA ALA A 199 -38.20 0.94 -22.39
C ALA A 199 -38.19 -0.57 -22.65
N GLY A 200 -37.11 -1.23 -22.29
CA GLY A 200 -37.00 -2.67 -22.47
C GLY A 200 -36.17 -3.04 -23.70
N LEU A 201 -35.12 -3.81 -23.47
CA LEU A 201 -34.31 -4.34 -24.57
C LEU A 201 -34.96 -5.63 -25.12
N PRO A 202 -34.44 -6.14 -26.26
CA PRO A 202 -35.05 -7.36 -26.82
C PRO A 202 -35.13 -8.50 -25.81
N GLY A 203 -36.31 -9.13 -25.73
CA GLY A 203 -36.56 -10.19 -24.77
C GLY A 203 -37.18 -9.74 -23.46
N ALA A 204 -37.09 -8.45 -23.16
CA ALA A 204 -37.69 -7.90 -21.94
C ALA A 204 -39.22 -7.85 -22.04
N GLU A 205 -39.87 -8.17 -20.93
CA GLU A 205 -41.33 -8.22 -20.89
C GLU A 205 -41.95 -7.07 -20.10
N GLU A 206 -41.12 -6.10 -19.75
CA GLU A 206 -41.59 -4.86 -19.12
C GLU A 206 -40.98 -3.66 -19.85
N GLY A 207 -41.76 -2.59 -19.99
CA GLY A 207 -41.29 -1.32 -20.56
C GLY A 207 -41.99 -0.12 -19.93
N TYR A 208 -41.25 0.95 -19.67
CA TYR A 208 -41.79 2.08 -18.94
C TYR A 208 -41.52 3.46 -19.57
N THR A 209 -42.44 4.40 -19.33
CA THR A 209 -42.16 5.83 -19.42
C THR A 209 -41.52 6.23 -18.10
N LEU A 210 -40.85 7.37 -18.07
CA LEU A 210 -40.13 7.81 -16.88
C LEU A 210 -41.00 7.88 -15.63
N ASP A 211 -42.23 8.35 -15.80
CA ASP A 211 -43.17 8.46 -14.68
C ASP A 211 -43.71 7.10 -14.22
N GLN A 212 -44.11 6.24 -15.17
CA GLN A 212 -44.45 4.84 -14.86
C GLN A 212 -43.32 4.19 -14.07
N PHE A 213 -42.09 4.37 -14.57
CA PHE A 213 -40.89 3.80 -13.95
C PHE A 213 -40.70 4.30 -12.52
N ARG A 214 -40.76 5.61 -12.35
CA ARG A 214 -40.54 6.26 -11.07
C ARG A 214 -41.53 5.82 -9.99
N LYS A 215 -42.80 5.69 -10.36
CA LYS A 215 -43.81 5.23 -9.39
C LYS A 215 -43.76 3.72 -9.17
N HIS A 216 -43.26 2.99 -10.17
CA HIS A 216 -43.07 1.55 -10.02
C HIS A 216 -41.95 1.24 -9.02
N LEU A 217 -40.90 2.06 -9.03
CA LEU A 217 -39.81 1.95 -8.07
C LEU A 217 -40.30 2.04 -6.61
N GLU A 218 -41.31 2.89 -6.38
CA GLU A 218 -41.91 3.08 -5.05
C GLU A 218 -42.42 1.78 -4.42
N LEU A 219 -42.94 0.86 -5.24
CA LEU A 219 -43.40 -0.46 -4.76
C LEU A 219 -42.31 -1.25 -4.04
N TYR A 220 -41.04 -0.85 -4.22
CA TYR A 220 -39.90 -1.53 -3.62
C TYR A 220 -39.24 -0.82 -2.44
N LYS A 221 -39.85 0.26 -1.96
CA LYS A 221 -39.25 1.05 -0.86
C LYS A 221 -38.94 0.21 0.39
N ASP A 222 -39.75 -0.82 0.65
CA ASP A 222 -39.53 -1.70 1.80
C ASP A 222 -39.09 -3.13 1.42
N ILE A 223 -38.72 -3.32 0.15
CA ILE A 223 -38.21 -4.60 -0.31
C ILE A 223 -36.69 -4.58 -0.44
N ASP A 224 -36.01 -5.15 0.55
CA ASP A 224 -34.56 -5.34 0.51
C ASP A 224 -34.22 -6.74 -0.02
N LYS A 225 -32.94 -7.04 -0.13
CA LYS A 225 -32.46 -8.35 -0.62
C LYS A 225 -33.17 -9.53 0.06
N ALA A 226 -33.23 -9.50 1.40
CA ALA A 226 -33.88 -10.56 2.16
C ALA A 226 -35.37 -10.72 1.82
N LYS A 227 -36.09 -9.61 1.70
CA LYS A 227 -37.51 -9.64 1.34
C LYS A 227 -37.74 -10.14 -0.08
N LEU A 228 -36.89 -9.72 -1.03
CA LEU A 228 -37.04 -10.16 -2.40
C LEU A 228 -36.80 -11.68 -2.51
N ARG A 229 -35.85 -12.19 -1.74
CA ARG A 229 -35.60 -13.62 -1.62
C ARG A 229 -36.83 -14.38 -1.10
N GLU A 230 -37.48 -13.84 -0.06
CA GLU A 230 -38.75 -14.38 0.46
C GLU A 230 -39.80 -14.49 -0.64
N ASN A 231 -39.95 -13.42 -1.42
CA ASN A 231 -40.89 -13.39 -2.55
C ASN A 231 -40.55 -14.42 -3.61
N PHE A 232 -39.26 -14.56 -3.90
CA PHE A 232 -38.77 -15.56 -4.85
C PHE A 232 -38.99 -16.98 -4.33
N ALA A 233 -38.80 -17.17 -3.02
CA ALA A 233 -39.03 -18.48 -2.40
C ALA A 233 -40.48 -18.93 -2.58
N VAL A 234 -41.43 -17.99 -2.41
CA VAL A 234 -42.84 -18.29 -2.61
C VAL A 234 -43.07 -18.79 -4.04
N PHE A 235 -42.51 -18.07 -5.00
CA PHE A 235 -42.62 -18.46 -6.40
C PHE A 235 -42.03 -19.84 -6.65
N LEU A 236 -40.79 -20.06 -6.18
CA LEU A 236 -40.10 -21.32 -6.41
C LEU A 236 -40.83 -22.52 -5.79
N LYS A 237 -41.22 -22.41 -4.52
CA LYS A 237 -41.93 -23.49 -3.83
C LYS A 237 -43.28 -23.84 -4.47
N ALA A 238 -43.86 -22.90 -5.19
CA ALA A 238 -45.10 -23.16 -5.93
C ALA A 238 -44.85 -23.73 -7.33
N ILE A 239 -43.82 -23.21 -8.01
CA ILE A 239 -43.55 -23.54 -9.42
C ILE A 239 -42.77 -24.83 -9.63
N ILE A 240 -41.73 -25.06 -8.83
CA ILE A 240 -40.85 -26.23 -9.00
C ILE A 240 -41.58 -27.59 -8.89
N PRO A 241 -42.43 -27.78 -7.85
CA PRO A 241 -43.08 -29.09 -7.80
C PRO A 241 -43.92 -29.38 -9.05
N VAL A 242 -44.47 -28.33 -9.65
CA VAL A 242 -45.25 -28.47 -10.87
C VAL A 242 -44.32 -28.83 -12.02
N ALA A 243 -43.18 -28.15 -12.09
CA ALA A 243 -42.18 -28.42 -13.13
C ALA A 243 -41.69 -29.86 -13.01
N GLU A 244 -41.36 -30.27 -11.79
CA GLU A 244 -40.94 -31.64 -11.52
C GLU A 244 -42.02 -32.65 -11.90
N GLU A 245 -43.26 -32.39 -11.49
CA GLU A 245 -44.39 -33.28 -11.80
C GLU A 245 -44.56 -33.52 -13.30
N VAL A 246 -44.33 -32.48 -14.09
CA VAL A 246 -44.63 -32.53 -15.52
C VAL A 246 -43.39 -32.79 -16.40
N GLY A 247 -42.22 -32.89 -15.78
CA GLY A 247 -40.98 -33.19 -16.52
C GLY A 247 -40.35 -32.00 -17.23
N VAL A 248 -40.60 -30.80 -16.69
CA VAL A 248 -39.95 -29.56 -17.15
C VAL A 248 -38.82 -29.19 -16.20
N ARG A 249 -37.70 -28.75 -16.77
CA ARG A 249 -36.57 -28.23 -15.98
C ARG A 249 -36.46 -26.72 -16.08
N MET A 250 -36.35 -26.07 -14.93
CA MET A 250 -36.29 -24.62 -14.86
C MET A 250 -34.83 -24.17 -14.82
N ALA A 251 -34.49 -23.12 -15.57
CA ALA A 251 -33.10 -22.67 -15.66
C ALA A 251 -33.03 -21.16 -15.52
N VAL A 252 -32.83 -20.71 -14.27
CA VAL A 252 -32.83 -19.30 -13.97
C VAL A 252 -31.65 -18.53 -14.61
N HIS A 253 -31.98 -17.39 -15.21
CA HIS A 253 -30.97 -16.51 -15.79
C HIS A 253 -30.51 -15.49 -14.75
N PRO A 254 -29.19 -15.23 -14.69
CA PRO A 254 -28.63 -14.28 -13.76
C PRO A 254 -29.05 -12.84 -14.06
N ASP A 255 -28.88 -11.98 -13.06
CA ASP A 255 -29.06 -10.55 -13.21
C ASP A 255 -28.01 -10.03 -14.19
N ASP A 256 -28.39 -9.05 -15.01
CA ASP A 256 -27.50 -8.47 -16.02
C ASP A 256 -27.71 -6.96 -16.09
N PRO A 257 -26.78 -6.17 -15.53
CA PRO A 257 -25.58 -6.56 -14.80
C PRO A 257 -25.88 -7.21 -13.43
N PRO A 258 -24.97 -8.06 -12.93
CA PRO A 258 -25.17 -8.74 -11.64
C PRO A 258 -24.78 -7.86 -10.44
N ARG A 259 -25.40 -6.69 -10.33
CA ARG A 259 -25.24 -5.84 -9.16
C ARG A 259 -26.56 -5.08 -8.88
N PRO A 260 -26.76 -4.64 -7.62
CA PRO A 260 -28.00 -3.92 -7.28
C PRO A 260 -28.03 -2.50 -7.85
N ILE A 261 -28.88 -2.26 -8.84
CA ILE A 261 -28.97 -0.94 -9.46
C ILE A 261 -30.26 -0.23 -9.04
N LEU A 262 -30.20 1.11 -9.04
CA LEU A 262 -31.36 1.95 -8.78
C LEU A 262 -31.92 1.78 -7.38
N GLY A 263 -31.09 1.33 -6.44
CA GLY A 263 -31.55 1.09 -5.07
C GLY A 263 -32.44 -0.15 -4.92
N LEU A 264 -32.50 -0.97 -5.98
CA LEU A 264 -33.27 -2.21 -5.95
C LEU A 264 -32.31 -3.38 -5.81
N PRO A 265 -32.74 -4.45 -5.11
CA PRO A 265 -31.85 -5.59 -4.96
C PRO A 265 -31.77 -6.40 -6.27
N ARG A 266 -30.71 -7.18 -6.42
CA ARG A 266 -30.64 -8.15 -7.51
C ARG A 266 -30.04 -9.41 -6.91
N ILE A 267 -30.79 -10.51 -7.00
CA ILE A 267 -30.55 -11.66 -6.12
C ILE A 267 -30.18 -12.97 -6.83
N VAL A 268 -29.81 -12.86 -8.11
CA VAL A 268 -29.27 -13.98 -8.89
C VAL A 268 -28.00 -13.46 -9.56
N SER A 269 -27.00 -13.13 -8.74
CA SER A 269 -25.81 -12.41 -9.18
C SER A 269 -24.49 -13.14 -8.91
N THR A 270 -24.49 -13.99 -7.86
CA THR A 270 -23.24 -14.59 -7.37
C THR A 270 -23.42 -16.06 -7.03
N ILE A 271 -22.33 -16.73 -6.68
CA ILE A 271 -22.37 -18.14 -6.29
C ILE A 271 -23.18 -18.39 -4.99
N GLU A 272 -23.18 -17.40 -4.09
CA GLU A 272 -24.01 -17.46 -2.89
C GLU A 272 -25.50 -17.51 -3.26
N ASP A 273 -25.90 -16.73 -4.27
CA ASP A 273 -27.28 -16.72 -4.73
C ASP A 273 -27.69 -18.06 -5.33
N MET A 274 -26.79 -18.63 -6.13
CA MET A 274 -26.97 -19.98 -6.67
C MET A 274 -27.17 -21.00 -5.54
N GLN A 275 -26.31 -20.92 -4.52
CA GLN A 275 -26.43 -21.80 -3.35
C GLN A 275 -27.75 -21.61 -2.63
N TRP A 276 -28.19 -20.36 -2.52
CA TRP A 276 -29.44 -20.01 -1.86
C TRP A 276 -30.63 -20.68 -2.56
N MET A 277 -30.59 -20.72 -3.88
CA MET A 277 -31.69 -21.32 -4.64
C MET A 277 -31.80 -22.82 -4.44
N VAL A 278 -30.66 -23.49 -4.40
CA VAL A 278 -30.59 -24.90 -4.12
C VAL A 278 -31.07 -25.17 -2.68
N ASP A 279 -30.58 -24.39 -1.72
CA ASP A 279 -31.00 -24.49 -0.31
C ASP A 279 -32.50 -24.26 -0.12
N THR A 280 -33.07 -23.38 -0.94
CA THR A 280 -34.48 -23.02 -0.86
C THR A 280 -35.40 -24.11 -1.43
N VAL A 281 -35.08 -24.62 -2.62
CA VAL A 281 -35.81 -25.76 -3.20
C VAL A 281 -34.82 -26.79 -3.75
N ASN A 282 -34.80 -27.95 -3.11
CA ASN A 282 -33.84 -29.01 -3.45
C ASN A 282 -34.05 -29.75 -4.76
N SER A 283 -35.29 -29.79 -5.24
CA SER A 283 -35.63 -30.52 -6.46
C SER A 283 -34.70 -30.19 -7.62
N MET A 284 -34.36 -31.21 -8.41
CA MET A 284 -33.47 -31.04 -9.57
C MET A 284 -34.14 -30.25 -10.71
N ALA A 285 -35.46 -30.11 -10.65
CA ALA A 285 -36.15 -29.24 -11.60
C ALA A 285 -35.76 -27.77 -11.40
N ASN A 286 -35.24 -27.46 -10.21
CA ASN A 286 -34.74 -26.12 -9.90
C ASN A 286 -33.29 -26.00 -10.34
N GLY A 287 -33.08 -25.43 -11.53
CA GLY A 287 -31.73 -25.35 -12.11
C GLY A 287 -31.37 -23.99 -12.66
N PHE A 288 -30.36 -24.00 -13.53
CA PHE A 288 -29.66 -22.79 -13.94
C PHE A 288 -29.42 -22.65 -15.44
N THR A 289 -29.50 -21.39 -15.89
CA THR A 289 -28.91 -20.96 -17.15
C THR A 289 -27.56 -20.35 -16.82
N MET A 290 -26.49 -20.97 -17.27
CA MET A 290 -25.17 -20.39 -17.07
C MET A 290 -24.92 -19.34 -18.14
N CYS A 291 -25.28 -18.09 -17.85
CA CYS A 291 -24.95 -16.99 -18.76
C CYS A 291 -23.60 -16.40 -18.38
N THR A 292 -22.59 -16.72 -19.18
CA THR A 292 -21.24 -16.24 -18.89
C THR A 292 -21.11 -14.74 -19.13
N GLY A 293 -21.92 -14.19 -20.05
CA GLY A 293 -21.90 -12.76 -20.29
C GLY A 293 -22.33 -11.97 -19.06
N SER A 294 -23.36 -12.45 -18.36
CA SER A 294 -23.91 -11.76 -17.20
C SER A 294 -23.10 -11.99 -15.93
N TYR A 295 -22.86 -13.25 -15.56
CA TYR A 295 -22.05 -13.55 -14.36
C TYR A 295 -20.62 -12.95 -14.48
N GLY A 296 -20.06 -12.99 -15.68
CA GLY A 296 -18.70 -12.49 -15.95
C GLY A 296 -18.51 -10.98 -15.91
N VAL A 297 -19.61 -10.23 -15.80
CA VAL A 297 -19.53 -8.78 -15.66
C VAL A 297 -18.67 -8.40 -14.45
N ARG A 298 -18.83 -9.13 -13.34
CA ARG A 298 -18.07 -8.86 -12.13
C ARG A 298 -16.96 -9.90 -11.94
N ALA A 299 -15.75 -9.41 -11.69
CA ALA A 299 -14.54 -10.24 -11.68
C ALA A 299 -14.51 -11.28 -10.55
N ASP A 300 -15.31 -11.06 -9.51
CA ASP A 300 -15.32 -11.96 -8.35
C ASP A 300 -16.16 -13.24 -8.55
N ASN A 301 -16.90 -13.31 -9.67
CA ASN A 301 -17.60 -14.54 -10.05
C ASN A 301 -16.64 -15.49 -10.75
N ASP A 302 -16.48 -16.68 -10.19
CA ASP A 302 -15.58 -17.68 -10.75
C ASP A 302 -16.43 -18.62 -11.60
N LEU A 303 -16.48 -18.36 -12.90
CA LEU A 303 -17.37 -19.06 -13.81
C LEU A 303 -17.12 -20.56 -13.84
N VAL A 304 -15.85 -20.94 -13.89
CA VAL A 304 -15.46 -22.35 -13.92
C VAL A 304 -15.88 -23.07 -12.64
N ASP A 305 -15.66 -22.44 -11.49
CA ASP A 305 -16.06 -23.03 -10.22
C ASP A 305 -17.57 -23.16 -10.13
N MET A 306 -18.29 -22.12 -10.60
CA MET A 306 -19.74 -22.15 -10.69
C MET A 306 -20.24 -23.35 -11.47
N ILE A 307 -19.59 -23.63 -12.60
CA ILE A 307 -19.95 -24.77 -13.43
C ILE A 307 -19.56 -26.10 -12.75
N LYS A 308 -18.40 -26.14 -12.11
CA LYS A 308 -17.99 -27.33 -11.35
C LYS A 308 -18.95 -27.64 -10.19
N GLN A 309 -19.35 -26.63 -9.43
CA GLN A 309 -20.23 -26.86 -8.27
C GLN A 309 -21.69 -27.13 -8.65
N PHE A 310 -22.20 -26.39 -9.63
CA PHE A 310 -23.63 -26.45 -9.99
C PHE A 310 -23.93 -27.12 -11.35
N GLY A 311 -22.89 -27.65 -11.99
CA GLY A 311 -23.02 -28.40 -13.25
C GLY A 311 -24.19 -29.36 -13.43
N PRO A 312 -24.49 -30.19 -12.38
CA PRO A 312 -25.64 -31.08 -12.53
C PRO A 312 -26.96 -30.35 -12.76
N ARG A 313 -27.05 -29.09 -12.31
CA ARG A 313 -28.26 -28.28 -12.43
C ARG A 313 -28.20 -27.27 -13.57
N ILE A 314 -27.15 -27.30 -14.37
CA ILE A 314 -27.04 -26.37 -15.48
C ILE A 314 -27.72 -26.97 -16.71
N TYR A 315 -28.82 -26.36 -17.11
CA TYR A 315 -29.66 -26.94 -18.16
C TYR A 315 -29.68 -26.11 -19.44
N PHE A 316 -28.91 -25.02 -19.44
CA PHE A 316 -28.88 -24.06 -20.55
C PHE A 316 -27.66 -23.16 -20.35
N THR A 317 -26.95 -22.82 -21.42
CA THR A 317 -25.85 -21.87 -21.33
C THR A 317 -25.97 -20.74 -22.35
N HIS A 318 -25.54 -19.55 -21.95
CA HIS A 318 -25.35 -18.43 -22.86
C HIS A 318 -23.85 -18.18 -22.89
N LEU A 319 -23.23 -18.42 -24.03
CA LEU A 319 -21.78 -18.36 -24.12
C LEU A 319 -21.34 -17.14 -24.88
N ARG A 320 -21.22 -16.02 -24.17
CA ARG A 320 -20.74 -14.78 -24.72
C ARG A 320 -19.83 -14.14 -23.69
N SER A 321 -19.19 -13.04 -24.06
CA SER A 321 -18.26 -12.39 -23.15
C SER A 321 -18.44 -10.88 -23.15
N THR A 322 -18.29 -10.27 -21.99
CA THR A 322 -18.18 -8.83 -21.87
C THR A 322 -16.71 -8.47 -21.59
N MET A 323 -16.43 -7.17 -21.62
CA MET A 323 -15.11 -6.64 -21.35
C MET A 323 -15.29 -5.45 -20.42
N ARG A 324 -14.75 -5.55 -19.19
CA ARG A 324 -14.69 -4.42 -18.25
C ARG A 324 -13.65 -3.42 -18.70
N GLU A 325 -13.95 -2.14 -18.51
CA GLU A 325 -13.04 -1.07 -18.95
C GLU A 325 -12.28 -0.47 -17.75
N ASP A 326 -11.67 0.70 -17.96
CA ASP A 326 -10.91 1.40 -16.91
C ASP A 326 -11.69 1.52 -15.60
N ASN A 327 -12.92 2.03 -15.70
CA ASN A 327 -13.86 1.92 -14.59
C ASN A 327 -14.46 0.52 -14.66
N PRO A 328 -14.17 -0.35 -13.66
CA PRO A 328 -14.55 -1.77 -13.77
C PRO A 328 -16.07 -1.99 -13.81
N LYS A 329 -16.84 -0.97 -13.48
CA LYS A 329 -18.30 -1.07 -13.64
C LYS A 329 -18.78 -0.72 -15.05
N THR A 330 -17.90 -0.13 -15.85
CA THR A 330 -18.17 0.06 -17.26
C THR A 330 -17.78 -1.20 -18.05
N PHE A 331 -18.69 -1.70 -18.86
CA PHE A 331 -18.39 -2.84 -19.70
C PHE A 331 -19.13 -2.78 -21.02
N HIS A 332 -18.52 -3.36 -22.04
CA HIS A 332 -19.18 -3.53 -23.30
C HIS A 332 -19.11 -4.99 -23.69
N GLU A 333 -19.95 -5.37 -24.62
CA GLU A 333 -19.92 -6.69 -25.18
C GLU A 333 -18.70 -6.88 -26.09
N ALA A 334 -17.89 -7.88 -25.73
CA ALA A 334 -16.68 -8.21 -26.48
C ALA A 334 -16.97 -9.26 -27.53
N ALA A 335 -16.01 -9.45 -28.43
CA ALA A 335 -16.00 -10.64 -29.26
C ALA A 335 -15.92 -11.84 -28.31
N HIS A 336 -16.56 -12.94 -28.69
CA HIS A 336 -16.74 -14.12 -27.83
C HIS A 336 -15.44 -14.68 -27.24
N LEU A 337 -14.36 -14.65 -28.01
CA LEU A 337 -13.10 -15.26 -27.55
C LEU A 337 -12.13 -14.21 -27.01
N ASN A 338 -12.54 -12.94 -27.05
CA ASN A 338 -11.62 -11.87 -26.69
C ASN A 338 -12.08 -10.96 -25.56
N GLY A 339 -12.91 -11.46 -24.65
CA GLY A 339 -13.35 -10.65 -23.50
C GLY A 339 -12.76 -11.12 -22.19
N ASP A 340 -13.43 -10.78 -21.08
CA ASP A 340 -13.00 -11.21 -19.76
C ASP A 340 -13.23 -12.71 -19.52
N VAL A 341 -14.21 -13.29 -20.21
CA VAL A 341 -14.51 -14.72 -20.08
C VAL A 341 -13.41 -15.56 -20.72
N ASP A 342 -12.84 -16.47 -19.93
CA ASP A 342 -11.93 -17.46 -20.47
C ASP A 342 -12.79 -18.55 -21.11
N MET A 343 -13.11 -18.38 -22.38
CA MET A 343 -14.04 -19.25 -23.08
C MET A 343 -13.54 -20.71 -23.15
N TYR A 344 -12.22 -20.89 -23.32
CA TYR A 344 -11.65 -22.23 -23.32
C TYR A 344 -11.98 -22.96 -22.02
N GLU A 345 -11.71 -22.32 -20.90
CA GLU A 345 -11.91 -22.96 -19.59
C GLU A 345 -13.38 -23.20 -19.32
N VAL A 346 -14.22 -22.24 -19.68
CA VAL A 346 -15.66 -22.37 -19.49
C VAL A 346 -16.22 -23.56 -20.29
N VAL A 347 -15.89 -23.62 -21.58
CA VAL A 347 -16.39 -24.69 -22.44
C VAL A 347 -15.85 -26.06 -21.98
N LYS A 348 -14.58 -26.08 -21.58
CA LYS A 348 -14.00 -27.32 -21.06
C LYS A 348 -14.80 -27.85 -19.87
N ALA A 349 -15.19 -26.94 -18.97
CA ALA A 349 -15.96 -27.31 -17.79
C ALA A 349 -17.34 -27.83 -18.17
N ILE A 350 -17.97 -27.18 -19.15
CA ILE A 350 -19.28 -27.63 -19.62
C ILE A 350 -19.17 -29.02 -20.24
N VAL A 351 -18.19 -29.21 -21.12
CA VAL A 351 -17.94 -30.50 -21.75
C VAL A 351 -17.69 -31.59 -20.70
N GLU A 352 -16.93 -31.25 -19.68
CA GLU A 352 -16.64 -32.17 -18.59
C GLU A 352 -17.93 -32.57 -17.86
N GLU A 353 -18.82 -31.60 -17.64
CA GLU A 353 -20.12 -31.87 -17.05
C GLU A 353 -20.98 -32.78 -17.93
N GLU A 354 -20.98 -32.57 -19.25
CA GLU A 354 -21.76 -33.45 -20.13
C GLU A 354 -21.25 -34.91 -20.09
N HIS A 355 -19.93 -35.07 -20.02
CA HIS A 355 -19.34 -36.40 -19.95
C HIS A 355 -19.54 -37.10 -18.60
N ARG A 356 -19.64 -36.32 -17.52
CA ARG A 356 -19.95 -36.96 -16.24
C ARG A 356 -21.40 -37.44 -16.20
N ARG A 357 -22.31 -36.73 -16.85
CA ARG A 357 -23.68 -37.21 -17.01
C ARG A 357 -23.70 -38.53 -17.77
N LYS A 358 -22.96 -38.59 -18.87
CA LYS A 358 -22.88 -39.79 -19.70
C LYS A 358 -22.26 -40.97 -18.94
N ALA A 359 -21.30 -40.69 -18.07
CA ALA A 359 -20.66 -41.70 -17.22
C ALA A 359 -21.60 -42.17 -16.11
N GLU A 360 -22.52 -41.31 -15.69
CA GLU A 360 -23.60 -41.69 -14.77
C GLU A 360 -24.64 -42.57 -15.46
N GLY A 361 -24.40 -42.88 -16.74
CA GLY A 361 -25.25 -43.79 -17.51
C GLY A 361 -26.43 -43.11 -18.17
N LYS A 362 -26.35 -41.79 -18.31
CA LYS A 362 -27.42 -40.98 -18.88
C LYS A 362 -27.11 -40.61 -20.35
N GLU A 363 -26.74 -39.34 -20.53
CA GLU A 363 -26.48 -38.66 -21.81
C GLU A 363 -27.51 -37.53 -21.86
N ASP A 364 -27.07 -36.33 -21.48
CA ASP A 364 -27.96 -35.20 -21.29
C ASP A 364 -27.22 -33.90 -21.61
N LEU A 365 -27.21 -33.56 -22.88
CA LEU A 365 -26.45 -32.40 -23.38
C LEU A 365 -27.02 -31.11 -22.83
N ILE A 366 -26.13 -30.12 -22.72
CA ILE A 366 -26.51 -28.79 -22.28
C ILE A 366 -26.65 -27.86 -23.48
N PRO A 367 -27.88 -27.45 -23.81
CA PRO A 367 -28.03 -26.53 -24.95
C PRO A 367 -27.32 -25.20 -24.72
N MET A 368 -26.67 -24.68 -25.76
CA MET A 368 -26.05 -23.36 -25.71
C MET A 368 -26.67 -22.44 -26.75
N ARG A 369 -26.60 -21.13 -26.50
CA ARG A 369 -26.80 -20.17 -27.57
C ARG A 369 -25.72 -19.08 -27.45
N PRO A 370 -25.33 -18.47 -28.58
CA PRO A 370 -24.28 -17.42 -28.54
C PRO A 370 -24.74 -16.13 -27.83
N ASP A 371 -26.05 -16.00 -27.64
CA ASP A 371 -26.66 -14.95 -26.79
C ASP A 371 -26.77 -13.56 -27.46
N HIS A 372 -25.63 -12.84 -27.57
CA HIS A 372 -25.59 -11.54 -28.26
C HIS A 372 -24.44 -11.57 -29.26
N GLY A 373 -24.50 -10.71 -30.26
CA GLY A 373 -23.42 -10.57 -31.21
C GLY A 373 -23.28 -9.11 -31.57
N HIS A 374 -22.11 -8.73 -32.09
CA HIS A 374 -21.92 -7.40 -32.60
C HIS A 374 -22.74 -7.22 -33.89
N GLN A 375 -23.09 -5.98 -34.18
CA GLN A 375 -23.79 -5.62 -35.41
C GLN A 375 -22.71 -5.32 -36.43
N MET A 376 -22.63 -6.15 -37.46
CA MET A 376 -21.50 -6.06 -38.39
C MET A 376 -21.89 -6.40 -39.80
N LEU A 377 -21.01 -6.10 -40.75
CA LEU A 377 -21.25 -6.33 -42.17
C LEU A 377 -22.64 -5.81 -42.58
N ASP A 378 -23.42 -6.61 -43.31
CA ASP A 378 -24.70 -6.17 -43.85
C ASP A 378 -25.63 -5.61 -42.79
N ASP A 379 -25.54 -6.18 -41.58
CA ASP A 379 -26.42 -5.78 -40.48
C ASP A 379 -26.24 -4.30 -40.03
N LEU A 380 -25.09 -3.70 -40.40
CA LEU A 380 -24.86 -2.29 -40.05
C LEU A 380 -25.82 -1.34 -40.80
N LYS A 381 -26.36 -1.79 -41.93
CA LYS A 381 -27.27 -0.98 -42.72
C LYS A 381 -28.72 -1.23 -42.29
N LYS A 382 -28.93 -1.94 -41.19
CA LYS A 382 -30.27 -2.32 -40.79
C LYS A 382 -30.64 -1.71 -39.46
N LYS A 383 -31.93 -1.58 -39.23
CA LYS A 383 -32.50 -1.38 -37.90
C LYS A 383 -32.66 -2.76 -37.28
N THR A 384 -31.88 -3.04 -36.24
CA THR A 384 -31.82 -4.39 -35.67
C THR A 384 -32.38 -4.39 -34.27
N ASN A 385 -32.77 -5.57 -33.80
CA ASN A 385 -32.95 -5.80 -32.38
C ASN A 385 -31.57 -5.77 -31.74
N PRO A 386 -31.35 -4.86 -30.77
CA PRO A 386 -30.02 -4.75 -30.15
C PRO A 386 -29.61 -5.94 -29.24
N GLY A 387 -28.40 -6.48 -29.34
CA GLY A 387 -27.73 -6.81 -30.54
C GLY A 387 -28.14 -8.28 -30.69
N TYR A 388 -29.24 -8.46 -31.40
CA TYR A 388 -29.68 -9.75 -31.84
C TYR A 388 -29.67 -9.73 -33.37
N SER A 389 -28.71 -9.02 -33.94
CA SER A 389 -28.49 -9.15 -35.38
C SER A 389 -27.92 -10.54 -35.62
N ALA A 390 -27.95 -10.97 -36.89
CA ALA A 390 -27.59 -12.36 -37.24
C ALA A 390 -26.08 -12.60 -37.38
N ILE A 391 -25.37 -11.75 -38.11
CA ILE A 391 -24.01 -12.06 -38.50
C ILE A 391 -23.06 -12.17 -37.31
N GLY A 392 -23.12 -11.22 -36.39
CA GLY A 392 -22.30 -11.25 -35.19
C GLY A 392 -22.57 -12.44 -34.28
N ARG A 393 -23.83 -12.89 -34.25
CA ARG A 393 -24.18 -14.05 -33.45
C ARG A 393 -23.75 -15.34 -34.16
N LEU A 394 -23.88 -15.38 -35.48
CA LEU A 394 -23.33 -16.49 -36.26
C LEU A 394 -21.82 -16.68 -35.99
N LYS A 395 -21.11 -15.57 -35.92
CA LYS A 395 -19.67 -15.57 -35.69
C LYS A 395 -19.31 -16.11 -34.30
N GLY A 396 -19.97 -15.62 -33.25
CA GLY A 396 -19.75 -16.14 -31.90
C GLY A 396 -20.07 -17.63 -31.80
N LEU A 397 -21.17 -18.04 -32.44
CA LEU A 397 -21.54 -19.45 -32.45
C LEU A 397 -20.47 -20.30 -33.14
N ALA A 398 -19.96 -19.82 -34.29
CA ALA A 398 -18.88 -20.49 -35.00
C ALA A 398 -17.61 -20.61 -34.14
N GLU A 399 -17.30 -19.57 -33.38
CA GLU A 399 -16.12 -19.53 -32.54
C GLU A 399 -16.20 -20.57 -31.43
N VAL A 400 -17.36 -20.64 -30.77
CA VAL A 400 -17.53 -21.54 -29.65
C VAL A 400 -17.64 -22.99 -30.15
N ARG A 401 -18.26 -23.17 -31.32
CA ARG A 401 -18.30 -24.47 -31.99
C ARG A 401 -16.90 -25.02 -32.16
N GLY A 402 -15.97 -24.16 -32.64
CA GLY A 402 -14.58 -24.57 -32.84
C GLY A 402 -13.87 -24.92 -31.53
N VAL A 403 -14.05 -24.07 -30.51
CA VAL A 403 -13.47 -24.32 -29.20
C VAL A 403 -13.92 -25.69 -28.66
N GLU A 404 -15.24 -25.92 -28.66
CA GLU A 404 -15.87 -27.13 -28.13
C GLU A 404 -15.43 -28.37 -28.87
N LEU A 405 -15.44 -28.31 -30.20
CA LEU A 405 -14.95 -29.43 -31.02
C LEU A 405 -13.50 -29.82 -30.66
N ALA A 406 -12.61 -28.84 -30.56
CA ALA A 406 -11.21 -29.12 -30.21
C ALA A 406 -11.03 -29.69 -28.79
N ILE A 407 -11.83 -29.21 -27.84
CA ILE A 407 -11.85 -29.77 -26.48
C ILE A 407 -12.32 -31.23 -26.46
N GLN A 408 -13.39 -31.52 -27.19
CA GLN A 408 -13.87 -32.89 -27.39
C GLN A 408 -12.77 -33.81 -27.92
N ARG A 409 -12.04 -33.34 -28.93
CA ARG A 409 -10.97 -34.14 -29.52
C ARG A 409 -9.71 -34.23 -28.64
N ALA A 410 -9.33 -33.11 -28.01
CA ALA A 410 -8.13 -33.12 -27.14
C ALA A 410 -8.32 -33.99 -25.89
N PHE A 411 -9.51 -33.95 -25.30
CA PHE A 411 -9.77 -34.54 -24.00
C PHE A 411 -10.71 -35.75 -23.97
N PHE A 412 -11.55 -35.90 -24.98
CA PHE A 412 -12.59 -36.96 -24.93
C PHE A 412 -12.74 -37.77 -26.22
N SER A 413 -11.62 -38.13 -26.84
CA SER A 413 -11.69 -38.95 -28.05
C SER A 413 -11.20 -40.37 -27.76
N SER B 19 -32.48 -8.78 25.21
CA SER B 19 -33.73 -8.78 24.38
C SER B 19 -33.46 -8.69 22.86
N HIS B 20 -32.68 -7.70 22.42
CA HIS B 20 -32.32 -7.58 20.99
C HIS B 20 -30.83 -7.75 20.69
N MET B 21 -30.03 -7.80 21.76
CA MET B 21 -28.60 -8.13 21.66
C MET B 21 -28.41 -9.45 20.89
N GLU B 22 -27.42 -9.49 20.01
CA GLU B 22 -27.16 -10.70 19.25
C GLU B 22 -26.38 -11.71 20.09
N GLN B 23 -27.10 -12.65 20.67
CA GLN B 23 -26.55 -13.57 21.67
C GLN B 23 -26.20 -14.89 21.02
N THR B 24 -24.91 -15.24 21.06
CA THR B 24 -24.42 -16.46 20.45
C THR B 24 -23.70 -17.34 21.46
N TRP B 25 -23.35 -18.55 21.05
CA TRP B 25 -22.89 -19.57 21.98
C TRP B 25 -21.98 -20.54 21.23
N ARG B 26 -20.80 -20.79 21.78
CA ARG B 26 -19.88 -21.73 21.15
C ARG B 26 -20.29 -23.19 21.34
N TRP B 27 -20.47 -23.89 20.22
CA TRP B 27 -20.91 -25.28 20.20
C TRP B 27 -19.94 -26.06 19.34
N TYR B 28 -19.35 -27.11 19.91
CA TYR B 28 -18.27 -27.83 19.25
C TYR B 28 -18.72 -28.83 18.18
N GLY B 29 -20.02 -29.12 18.14
CA GLY B 29 -20.54 -30.06 17.15
C GLY B 29 -21.30 -31.22 17.78
N PRO B 30 -21.68 -32.23 16.97
CA PRO B 30 -22.42 -33.42 17.45
C PRO B 30 -21.81 -34.11 18.66
N ASN B 31 -20.49 -34.00 18.85
CA ASN B 31 -19.83 -34.61 20.01
C ASN B 31 -19.76 -33.75 21.28
N ASP B 32 -20.12 -32.47 21.16
CA ASP B 32 -20.21 -31.57 22.32
C ASP B 32 -21.22 -32.13 23.33
N PRO B 33 -20.81 -32.31 24.60
CA PRO B 33 -21.80 -32.78 25.57
C PRO B 33 -22.94 -31.77 25.79
N VAL B 34 -22.72 -30.51 25.42
CA VAL B 34 -23.76 -29.50 25.46
C VAL B 34 -24.55 -29.58 24.17
N SER B 35 -25.86 -29.76 24.30
CA SER B 35 -26.72 -29.93 23.12
C SER B 35 -27.24 -28.59 22.58
N LEU B 36 -27.76 -28.62 21.35
CA LEU B 36 -28.38 -27.42 20.78
C LEU B 36 -29.67 -27.03 21.50
N ALA B 37 -30.33 -27.99 22.14
CA ALA B 37 -31.48 -27.69 22.99
C ALA B 37 -31.02 -26.87 24.22
N ASP B 38 -29.89 -27.26 24.81
CA ASP B 38 -29.29 -26.51 25.91
C ASP B 38 -29.01 -25.07 25.48
N VAL B 39 -28.43 -24.91 24.30
CA VAL B 39 -28.13 -23.61 23.71
C VAL B 39 -29.40 -22.75 23.56
N ARG B 40 -30.47 -23.32 23.01
CA ARG B 40 -31.73 -22.57 22.84
C ARG B 40 -32.27 -22.13 24.21
N GLN B 41 -32.22 -23.05 25.17
CA GLN B 41 -32.76 -22.80 26.50
C GLN B 41 -31.94 -21.75 27.25
N ALA B 42 -30.64 -21.66 26.97
CA ALA B 42 -29.81 -20.59 27.54
C ALA B 42 -30.19 -19.21 27.03
N GLY B 43 -30.91 -19.16 25.90
CA GLY B 43 -31.32 -17.89 25.32
C GLY B 43 -30.46 -17.40 24.16
N ALA B 44 -29.52 -18.22 23.67
CA ALA B 44 -28.81 -17.87 22.46
C ALA B 44 -29.68 -18.11 21.24
N THR B 45 -29.50 -17.27 20.22
CA THR B 45 -30.22 -17.39 18.95
C THR B 45 -29.25 -17.75 17.82
N GLY B 46 -27.97 -17.53 18.06
CA GLY B 46 -26.94 -17.94 17.10
C GLY B 46 -25.93 -18.89 17.72
N VAL B 47 -25.30 -19.68 16.85
CA VAL B 47 -24.25 -20.62 17.22
C VAL B 47 -22.91 -20.14 16.65
N VAL B 48 -21.86 -20.30 17.45
CA VAL B 48 -20.49 -20.10 17.03
C VAL B 48 -19.89 -21.50 16.94
N THR B 49 -19.31 -21.85 15.80
CA THR B 49 -18.76 -23.19 15.63
C THR B 49 -17.68 -23.21 14.57
N ALA B 50 -17.05 -24.37 14.40
CA ALA B 50 -16.01 -24.56 13.41
C ALA B 50 -16.04 -26.02 12.99
N LEU B 51 -15.39 -26.33 11.88
CA LEU B 51 -15.30 -27.72 11.46
C LEU B 51 -14.03 -28.36 12.04
N HIS B 52 -14.11 -28.72 13.32
CA HIS B 52 -12.93 -29.18 14.08
C HIS B 52 -12.38 -30.52 13.60
N HIS B 53 -13.18 -31.26 12.85
CA HIS B 53 -12.80 -32.59 12.36
C HIS B 53 -11.96 -32.53 11.08
N ILE B 54 -11.85 -31.34 10.50
CA ILE B 54 -11.09 -31.15 9.27
C ILE B 54 -9.66 -30.74 9.62
N PRO B 55 -8.67 -31.45 9.05
CA PRO B 55 -7.27 -31.21 9.42
C PRO B 55 -6.84 -29.78 9.19
N ASN B 56 -5.98 -29.28 10.08
CA ASN B 56 -5.44 -27.94 9.99
C ASN B 56 -4.88 -27.65 8.61
N GLY B 57 -5.32 -26.56 8.02
CA GLY B 57 -4.81 -26.12 6.74
C GLY B 57 -5.59 -26.58 5.53
N GLU B 58 -6.42 -27.61 5.70
CA GLU B 58 -7.24 -28.13 4.59
C GLU B 58 -8.45 -27.26 4.36
N VAL B 59 -8.98 -27.31 3.14
CA VAL B 59 -10.16 -26.54 2.76
C VAL B 59 -11.41 -27.07 3.48
N TRP B 60 -12.24 -26.16 4.00
CA TRP B 60 -13.60 -26.51 4.44
C TRP B 60 -14.50 -26.52 3.22
N SER B 61 -14.93 -27.70 2.81
CA SER B 61 -15.78 -27.85 1.65
C SER B 61 -17.16 -27.23 1.87
N VAL B 62 -17.78 -26.77 0.79
CA VAL B 62 -19.16 -26.29 0.82
C VAL B 62 -20.07 -27.36 1.44
N GLU B 63 -19.90 -28.60 1.01
CA GLU B 63 -20.68 -29.74 1.54
C GLU B 63 -20.63 -29.89 3.08
N GLU B 64 -19.43 -29.87 3.64
CA GLU B 64 -19.25 -29.97 5.08
C GLU B 64 -19.82 -28.76 5.82
N ILE B 65 -19.62 -27.57 5.27
CA ILE B 65 -20.16 -26.35 5.85
C ILE B 65 -21.67 -26.44 5.93
N LEU B 66 -22.28 -26.88 4.84
CA LEU B 66 -23.72 -27.00 4.74
C LEU B 66 -24.28 -28.05 5.68
N LYS B 67 -23.57 -29.15 5.88
CA LYS B 67 -24.08 -30.15 6.79
C LYS B 67 -24.07 -29.66 8.26
N ARG B 68 -23.06 -28.88 8.66
CA ARG B 68 -23.02 -28.29 10.01
C ARG B 68 -24.14 -27.24 10.20
N LYS B 69 -24.32 -26.44 9.15
CA LYS B 69 -25.36 -25.42 9.10
C LYS B 69 -26.76 -26.05 9.20
N ALA B 70 -26.98 -27.13 8.46
CA ALA B 70 -28.28 -27.84 8.50
C ALA B 70 -28.62 -28.35 9.90
N ILE B 71 -27.64 -28.99 10.57
CA ILE B 71 -27.85 -29.53 11.92
C ILE B 71 -28.27 -28.41 12.87
N ILE B 72 -27.57 -27.27 12.76
CA ILE B 72 -27.85 -26.11 13.59
C ILE B 72 -29.25 -25.53 13.32
N GLU B 73 -29.59 -25.33 12.05
CA GLU B 73 -30.91 -24.84 11.66
C GLU B 73 -32.05 -25.80 11.99
N ASP B 74 -31.77 -27.11 11.97
CA ASP B 74 -32.74 -28.11 12.45
C ASP B 74 -33.13 -27.84 13.89
N ALA B 75 -32.21 -27.31 14.69
CA ALA B 75 -32.49 -27.00 16.10
C ALA B 75 -33.20 -25.66 16.29
N GLY B 76 -33.44 -24.91 15.20
CA GLY B 76 -34.06 -23.58 15.30
C GLY B 76 -33.06 -22.47 15.61
N LEU B 77 -31.80 -22.70 15.27
CA LEU B 77 -30.76 -21.72 15.47
C LEU B 77 -30.14 -21.36 14.13
N VAL B 78 -29.20 -20.41 14.12
CA VAL B 78 -28.43 -20.09 12.91
C VAL B 78 -26.95 -20.16 13.23
N TRP B 79 -26.13 -20.49 12.24
CA TRP B 79 -24.69 -20.39 12.39
C TRP B 79 -24.22 -18.99 12.04
N SER B 80 -23.81 -18.23 13.05
CA SER B 80 -23.55 -16.79 12.94
C SER B 80 -22.08 -16.46 12.74
N VAL B 81 -21.22 -17.11 13.52
CA VAL B 81 -19.80 -16.80 13.53
C VAL B 81 -18.99 -18.08 13.47
N VAL B 82 -17.88 -18.04 12.75
CA VAL B 82 -16.93 -19.15 12.72
C VAL B 82 -15.85 -18.91 13.78
N GLU B 83 -15.59 -19.90 14.62
CA GLU B 83 -14.46 -19.83 15.57
C GLU B 83 -13.81 -21.19 15.79
N SER B 84 -12.65 -21.45 15.19
CA SER B 84 -11.95 -20.55 14.28
C SER B 84 -11.61 -21.29 13.00
N VAL B 85 -11.17 -20.55 11.99
CA VAL B 85 -10.44 -21.16 10.89
C VAL B 85 -8.97 -21.09 11.29
N PRO B 86 -8.34 -22.27 11.58
CA PRO B 86 -7.00 -22.28 12.15
C PRO B 86 -5.94 -21.89 11.13
N ILE B 87 -4.94 -21.13 11.60
CA ILE B 87 -3.81 -20.78 10.78
C ILE B 87 -2.69 -21.77 11.07
N HIS B 88 -2.30 -22.50 10.05
CA HIS B 88 -1.26 -23.53 10.13
C HIS B 88 0.07 -22.92 10.59
N GLU B 89 0.80 -23.64 11.44
CA GLU B 89 2.13 -23.22 11.95
C GLU B 89 3.15 -22.88 10.86
N ASP B 90 3.00 -23.49 9.69
CA ASP B 90 3.84 -23.14 8.54
C ASP B 90 3.66 -21.68 8.14
N ILE B 91 2.42 -21.19 8.22
CA ILE B 91 2.13 -19.78 7.95
C ILE B 91 2.79 -18.88 9.00
N LYS B 92 2.66 -19.27 10.27
CA LYS B 92 3.18 -18.48 11.39
C LYS B 92 4.72 -18.45 11.40
N THR B 93 5.35 -19.54 10.96
CA THR B 93 6.82 -19.61 10.88
C THR B 93 7.36 -19.21 9.50
N HIS B 94 6.45 -19.02 8.54
CA HIS B 94 6.80 -18.70 7.15
C HIS B 94 7.78 -19.72 6.56
N THR B 95 7.46 -21.00 6.74
CA THR B 95 8.25 -22.12 6.21
C THR B 95 7.32 -23.17 5.63
N GLY B 96 7.89 -24.28 5.18
CA GLY B 96 7.13 -25.41 4.66
C GLY B 96 6.18 -25.00 3.54
N ASN B 97 4.94 -25.47 3.61
CA ASN B 97 3.99 -25.26 2.54
C ASN B 97 3.02 -24.10 2.78
N TYR B 98 3.54 -23.02 3.36
CA TYR B 98 2.71 -21.87 3.75
C TYR B 98 1.85 -21.29 2.62
N GLU B 99 2.34 -21.36 1.39
CA GLU B 99 1.62 -20.83 0.23
C GLU B 99 0.35 -21.62 -0.11
N GLN B 100 0.44 -22.96 -0.07
CA GLN B 100 -0.75 -23.79 -0.27
C GLN B 100 -1.77 -23.60 0.87
N TRP B 101 -1.30 -23.50 2.11
CA TRP B 101 -2.19 -23.32 3.26
C TRP B 101 -2.96 -21.99 3.18
N ILE B 102 -2.25 -20.94 2.76
CA ILE B 102 -2.85 -19.63 2.51
C ILE B 102 -3.93 -19.70 1.43
N ALA B 103 -3.62 -20.39 0.33
CA ALA B 103 -4.57 -20.59 -0.76
C ALA B 103 -5.81 -21.34 -0.28
N ASN B 104 -5.57 -22.38 0.52
CA ASN B 104 -6.64 -23.14 1.15
C ASN B 104 -7.48 -22.28 2.10
N TYR B 105 -6.80 -21.44 2.88
CA TYR B 105 -7.50 -20.53 3.79
C TYR B 105 -8.47 -19.65 2.98
N GLN B 106 -7.97 -19.06 1.90
CA GLN B 106 -8.76 -18.21 1.02
C GLN B 106 -10.00 -18.92 0.49
N GLN B 107 -9.82 -20.17 0.09
CA GLN B 107 -10.93 -20.96 -0.44
C GLN B 107 -11.97 -21.28 0.63
N THR B 108 -11.53 -21.53 1.86
CA THR B 108 -12.44 -21.78 2.98
C THR B 108 -13.32 -20.55 3.20
N LEU B 109 -12.72 -19.37 3.09
CA LEU B 109 -13.43 -18.10 3.21
C LEU B 109 -14.49 -17.92 2.14
N ARG B 110 -14.14 -18.24 0.89
CA ARG B 110 -15.09 -18.18 -0.23
C ARG B 110 -16.25 -19.16 0.01
N ASN B 111 -15.89 -20.38 0.40
CA ASN B 111 -16.87 -21.41 0.72
C ASN B 111 -17.83 -20.99 1.84
N LEU B 112 -17.32 -20.38 2.90
CA LEU B 112 -18.18 -19.87 3.98
C LEU B 112 -19.12 -18.78 3.47
N ALA B 113 -18.58 -17.83 2.70
CA ALA B 113 -19.40 -16.78 2.10
C ALA B 113 -20.47 -17.38 1.20
N GLN B 114 -20.13 -18.39 0.42
CA GLN B 114 -21.11 -19.04 -0.43
C GLN B 114 -22.30 -19.57 0.37
N CYS B 115 -22.03 -20.04 1.59
CA CYS B 115 -23.06 -20.61 2.46
C CYS B 115 -23.67 -19.57 3.42
N GLY B 116 -23.35 -18.31 3.21
CA GLY B 116 -23.96 -17.24 3.98
C GLY B 116 -23.35 -16.97 5.36
N ILE B 117 -22.18 -17.52 5.62
CA ILE B 117 -21.53 -17.29 6.92
C ILE B 117 -20.42 -16.25 6.74
N ARG B 118 -20.50 -15.16 7.52
CA ARG B 118 -19.80 -13.92 7.14
C ARG B 118 -18.90 -13.29 8.19
N THR B 119 -18.74 -13.95 9.33
CA THR B 119 -17.82 -13.48 10.35
C THR B 119 -16.91 -14.62 10.80
N VAL B 120 -15.61 -14.37 10.72
CA VAL B 120 -14.62 -15.40 11.01
C VAL B 120 -13.66 -14.95 12.10
N CYS B 121 -13.73 -15.63 13.24
CA CYS B 121 -12.80 -15.41 14.35
C CYS B 121 -11.56 -16.26 14.13
N TYR B 122 -10.40 -15.74 14.51
CA TYR B 122 -9.13 -16.45 14.32
C TYR B 122 -8.11 -15.85 15.27
N ASN B 123 -6.96 -16.52 15.43
CA ASN B 123 -5.88 -15.97 16.24
C ASN B 123 -4.50 -16.16 15.60
N PHE B 124 -3.51 -15.45 16.10
CA PHE B 124 -2.15 -15.61 15.63
C PHE B 124 -1.22 -15.94 16.78
N MET B 125 -1.71 -16.75 17.72
CA MET B 125 -0.88 -17.21 18.84
C MET B 125 0.06 -18.31 18.35
N PRO B 126 1.37 -18.12 18.55
CA PRO B 126 2.32 -19.11 18.04
C PRO B 126 2.48 -20.30 18.97
N VAL B 127 2.43 -21.50 18.39
CA VAL B 127 2.66 -22.78 19.08
C VAL B 127 1.51 -23.17 20.00
N LEU B 128 1.32 -22.42 21.07
CA LEU B 128 0.21 -22.65 21.99
C LEU B 128 -0.90 -21.66 21.71
N ASP B 129 -2.14 -22.11 21.92
CA ASP B 129 -3.33 -21.30 21.83
C ASP B 129 -3.59 -20.77 23.25
N TRP B 130 -4.85 -20.57 23.63
CA TRP B 130 -5.15 -20.01 24.95
C TRP B 130 -4.69 -20.96 26.08
N THR B 131 -4.12 -20.36 27.13
CA THR B 131 -3.30 -21.12 28.06
C THR B 131 -3.70 -20.91 29.50
N ARG B 132 -3.89 -22.03 30.21
CA ARG B 132 -4.14 -22.06 31.65
C ARG B 132 -3.28 -23.15 32.29
N THR B 133 -3.03 -23.05 33.61
CA THR B 133 -2.26 -24.08 34.31
C THR B 133 -3.13 -25.02 35.14
N ASP B 134 -4.28 -24.53 35.58
CA ASP B 134 -5.18 -25.30 36.43
C ASP B 134 -6.57 -25.22 35.82
N LEU B 135 -7.15 -26.38 35.54
CA LEU B 135 -8.45 -26.47 34.89
C LEU B 135 -9.58 -26.80 35.86
N GLU B 136 -9.24 -26.90 37.15
CA GLU B 136 -10.20 -27.33 38.16
C GLU B 136 -10.00 -26.58 39.47
N TYR B 137 -9.80 -25.27 39.38
CA TYR B 137 -9.56 -24.46 40.54
C TYR B 137 -10.86 -24.22 41.30
N VAL B 138 -10.93 -24.73 42.53
CA VAL B 138 -12.15 -24.63 43.31
C VAL B 138 -12.28 -23.26 43.93
N LEU B 139 -13.39 -22.59 43.60
CA LEU B 139 -13.72 -21.29 44.18
C LEU B 139 -14.46 -21.45 45.51
N PRO B 140 -14.57 -20.37 46.32
CA PRO B 140 -15.21 -20.51 47.64
C PRO B 140 -16.64 -21.07 47.62
N ASP B 141 -17.37 -20.87 46.52
CA ASP B 141 -18.73 -21.43 46.42
C ASP B 141 -18.77 -22.91 46.02
N GLY B 142 -17.62 -23.47 45.65
CA GLY B 142 -17.53 -24.88 45.24
C GLY B 142 -17.48 -25.09 43.74
N SER B 143 -17.81 -24.06 42.97
CA SER B 143 -17.71 -24.15 41.52
C SER B 143 -16.24 -24.20 41.11
N LYS B 144 -15.98 -24.73 39.92
CA LYS B 144 -14.63 -24.81 39.42
C LYS B 144 -14.34 -23.78 38.33
N ALA B 145 -13.19 -23.14 38.44
CA ALA B 145 -12.75 -22.14 37.48
C ALA B 145 -11.44 -22.58 36.82
N LEU B 146 -11.13 -21.98 35.68
CA LEU B 146 -9.83 -22.09 35.08
C LEU B 146 -8.92 -21.00 35.67
N ARG B 147 -7.62 -21.31 35.76
CA ARG B 147 -6.68 -20.43 36.42
C ARG B 147 -5.33 -20.48 35.72
N PHE B 148 -4.68 -19.33 35.59
CA PHE B 148 -3.28 -19.27 35.19
C PHE B 148 -2.45 -18.88 36.41
N ASP B 149 -1.76 -19.86 37.00
CA ASP B 149 -0.97 -19.61 38.19
C ASP B 149 0.46 -19.36 37.74
N GLN B 150 0.92 -18.14 37.95
CA GLN B 150 2.25 -17.73 37.50
C GLN B 150 3.36 -18.65 38.03
N ILE B 151 3.21 -19.10 39.27
CA ILE B 151 4.20 -19.97 39.92
C ILE B 151 4.16 -21.39 39.33
N GLU B 152 2.97 -21.88 39.01
CA GLU B 152 2.82 -23.16 38.33
C GLU B 152 3.46 -23.11 36.93
N PHE B 153 3.23 -22.01 36.22
CA PHE B 153 3.78 -21.86 34.88
C PHE B 153 5.32 -21.75 34.91
N ALA B 154 5.83 -21.03 35.90
CA ALA B 154 7.26 -20.90 36.15
C ALA B 154 7.88 -22.25 36.49
N ALA B 155 7.19 -23.04 37.31
CA ALA B 155 7.68 -24.38 37.67
C ALA B 155 7.73 -25.28 36.43
N PHE B 156 6.70 -25.21 35.60
CA PHE B 156 6.70 -25.95 34.33
C PHE B 156 7.88 -25.52 33.45
N GLU B 157 8.02 -24.22 33.24
CA GLU B 157 9.06 -23.69 32.35
C GLU B 157 10.46 -24.07 32.79
N MET B 158 10.75 -23.88 34.08
CA MET B 158 12.11 -24.02 34.57
C MET B 158 12.45 -25.42 35.08
N HIS B 159 11.43 -26.21 35.45
CA HIS B 159 11.68 -27.51 36.08
C HIS B 159 11.17 -28.73 35.32
N ILE B 160 10.23 -28.52 34.40
CA ILE B 160 9.71 -29.61 33.56
C ILE B 160 10.20 -29.46 32.13
N LEU B 161 9.87 -28.33 31.51
CA LEU B 161 10.38 -28.02 30.18
C LEU B 161 11.87 -27.73 30.24
N LYS B 162 12.29 -27.03 31.30
CA LYS B 162 13.71 -26.66 31.50
C LYS B 162 14.22 -25.81 30.34
N ARG B 163 13.43 -24.80 29.97
CA ARG B 163 13.78 -23.90 28.88
C ARG B 163 15.01 -23.08 29.29
N PRO B 164 16.07 -23.10 28.45
CA PRO B 164 17.29 -22.33 28.73
C PRO B 164 17.03 -20.83 28.76
N GLY B 165 17.42 -20.18 29.85
CA GLY B 165 17.24 -18.74 30.01
C GLY B 165 15.84 -18.30 30.37
N ALA B 166 15.01 -19.23 30.82
CA ALA B 166 13.62 -18.94 31.18
C ALA B 166 13.55 -18.08 32.43
N GLU B 167 14.60 -18.15 33.24
CA GLU B 167 14.72 -17.38 34.49
C GLU B 167 14.60 -15.87 34.28
N ALA B 168 14.90 -15.41 33.07
CA ALA B 168 14.83 -13.99 32.71
C ALA B 168 13.40 -13.44 32.75
N ASP B 169 12.42 -14.33 32.61
CA ASP B 169 11.02 -13.94 32.58
C ASP B 169 10.41 -13.76 33.97
N TYR B 170 11.19 -14.07 35.00
CA TYR B 170 10.66 -14.15 36.37
C TYR B 170 11.50 -13.36 37.36
N THR B 171 10.84 -12.91 38.43
CA THR B 171 11.54 -12.26 39.51
C THR B 171 12.24 -13.31 40.36
N GLU B 172 13.21 -12.85 41.14
CA GLU B 172 13.93 -13.66 42.10
C GLU B 172 12.97 -14.44 43.00
N GLU B 173 11.95 -13.75 43.48
CA GLU B 173 10.93 -14.33 44.36
C GLU B 173 10.14 -15.44 43.66
N GLU B 174 9.75 -15.18 42.42
CA GLU B 174 9.01 -16.14 41.61
C GLU B 174 9.82 -17.41 41.35
N ILE B 175 11.13 -17.26 41.10
CA ILE B 175 12.03 -18.39 40.87
C ILE B 175 12.12 -19.26 42.13
N ALA B 176 12.29 -18.61 43.29
CA ALA B 176 12.31 -19.31 44.58
C ALA B 176 10.99 -20.05 44.84
N GLN B 177 9.87 -19.35 44.61
CA GLN B 177 8.54 -19.94 44.78
C GLN B 177 8.28 -21.12 43.83
N ALA B 178 8.79 -21.02 42.61
CA ALA B 178 8.63 -22.07 41.61
C ALA B 178 9.36 -23.35 42.02
N ALA B 179 10.59 -23.20 42.52
CA ALA B 179 11.42 -24.33 42.95
C ALA B 179 10.77 -25.04 44.13
N GLU B 180 10.28 -24.24 45.07
CA GLU B 180 9.57 -24.71 46.24
C GLU B 180 8.26 -25.43 45.85
N ARG B 181 7.52 -24.88 44.91
CA ARG B 181 6.25 -25.50 44.48
C ARG B 181 6.52 -26.83 43.77
N PHE B 182 7.52 -26.84 42.89
CA PHE B 182 7.92 -28.06 42.18
C PHE B 182 8.34 -29.17 43.14
N ALA B 183 9.06 -28.80 44.20
CA ALA B 183 9.56 -29.76 45.19
C ALA B 183 8.44 -30.51 45.92
N THR B 184 7.23 -29.95 45.94
CA THR B 184 6.10 -30.61 46.59
C THR B 184 5.07 -31.24 45.65
N MET B 185 5.30 -31.12 44.34
CA MET B 185 4.39 -31.72 43.36
C MET B 185 4.58 -33.23 43.30
N SER B 186 3.46 -33.94 43.23
CA SER B 186 3.46 -35.37 42.96
C SER B 186 3.82 -35.58 41.49
N ASP B 187 4.12 -36.83 41.12
CA ASP B 187 4.35 -37.17 39.71
C ASP B 187 3.15 -36.85 38.85
N GLU B 188 1.97 -37.17 39.37
CA GLU B 188 0.74 -36.89 38.66
C GLU B 188 0.49 -35.36 38.52
N ASP B 189 0.77 -34.58 39.57
CA ASP B 189 0.74 -33.08 39.47
C ASP B 189 1.56 -32.57 38.28
N LYS B 190 2.78 -33.09 38.14
CA LYS B 190 3.73 -32.66 37.08
C LYS B 190 3.22 -32.99 35.69
N ALA B 191 2.76 -34.22 35.51
CA ALA B 191 2.12 -34.65 34.25
C ALA B 191 0.86 -33.83 33.94
N ARG B 192 0.01 -33.61 34.95
CA ARG B 192 -1.23 -32.85 34.74
C ARG B 192 -0.93 -31.41 34.34
N LEU B 193 0.03 -30.79 35.04
CA LEU B 193 0.44 -29.43 34.73
C LEU B 193 0.91 -29.33 33.27
N THR B 194 1.80 -30.23 32.90
CA THR B 194 2.31 -30.35 31.53
C THR B 194 1.19 -30.46 30.49
N ARG B 195 0.35 -31.47 30.63
CA ARG B 195 -0.84 -31.68 29.78
C ARG B 195 -1.72 -30.40 29.69
N ASN B 196 -2.05 -29.79 30.83
CA ASN B 196 -2.82 -28.54 30.87
C ASN B 196 -2.25 -27.45 29.96
N ILE B 197 -0.93 -27.32 29.96
CA ILE B 197 -0.26 -26.27 29.20
C ILE B 197 -0.05 -26.61 27.71
N ILE B 198 0.21 -27.88 27.39
CA ILE B 198 0.60 -28.20 26.01
C ILE B 198 -0.32 -29.12 25.19
N ALA B 199 -1.26 -29.82 25.83
CA ALA B 199 -2.10 -30.76 25.09
C ALA B 199 -3.20 -30.05 24.30
N GLY B 200 -3.49 -28.81 24.67
CA GLY B 200 -4.51 -28.03 23.99
C GLY B 200 -5.83 -28.03 24.73
N LEU B 201 -6.37 -26.84 24.92
CA LEU B 201 -7.65 -26.63 25.60
C LEU B 201 -8.77 -26.57 24.57
N PRO B 202 -10.03 -26.67 25.00
CA PRO B 202 -11.12 -26.67 24.01
C PRO B 202 -11.01 -25.51 23.00
N GLY B 203 -11.15 -25.83 21.72
CA GLY B 203 -11.07 -24.84 20.67
C GLY B 203 -9.70 -24.73 20.03
N ALA B 204 -8.66 -25.14 20.77
CA ALA B 204 -7.29 -25.11 20.27
C ALA B 204 -7.16 -26.11 19.14
N GLU B 205 -6.32 -25.79 18.16
CA GLU B 205 -6.16 -26.66 17.00
C GLU B 205 -4.78 -27.28 16.93
N GLU B 206 -4.07 -27.24 18.05
CA GLU B 206 -2.75 -27.84 18.17
C GLU B 206 -2.66 -28.56 19.52
N GLY B 207 -2.01 -29.73 19.51
CA GLY B 207 -1.72 -30.49 20.72
C GLY B 207 -0.37 -31.17 20.61
N TYR B 208 0.41 -31.13 21.71
CA TYR B 208 1.78 -31.63 21.73
C TYR B 208 2.07 -32.58 22.89
N THR B 209 2.98 -33.52 22.66
CA THR B 209 3.68 -34.19 23.76
C THR B 209 4.85 -33.29 24.08
N LEU B 210 5.45 -33.46 25.26
CA LEU B 210 6.56 -32.61 25.69
C LEU B 210 7.70 -32.57 24.68
N ASP B 211 8.05 -33.73 24.13
CA ASP B 211 9.11 -33.75 23.13
C ASP B 211 8.72 -33.05 21.82
N GLN B 212 7.52 -33.34 21.31
CA GLN B 212 6.95 -32.61 20.15
C GLN B 212 6.96 -31.09 20.35
N PHE B 213 6.65 -30.67 21.57
CA PHE B 213 6.63 -29.27 21.94
C PHE B 213 8.00 -28.61 21.81
N ARG B 214 9.06 -29.40 21.99
CA ARG B 214 10.37 -28.86 22.38
C ARG B 214 11.33 -28.03 21.49
N LYS B 215 11.76 -28.40 20.27
CA LYS B 215 11.19 -29.20 19.18
C LYS B 215 10.39 -28.31 18.25
N HIS B 216 9.15 -28.02 18.61
CA HIS B 216 8.41 -27.03 17.86
C HIS B 216 8.88 -25.63 18.22
N LEU B 217 9.31 -25.45 19.48
CA LEU B 217 9.80 -24.15 19.95
C LEU B 217 11.06 -23.69 19.24
N GLU B 218 11.90 -24.63 18.80
CA GLU B 218 13.12 -24.28 18.11
C GLU B 218 12.90 -23.84 16.65
N LEU B 219 11.69 -24.05 16.14
CA LEU B 219 11.31 -23.43 14.87
C LEU B 219 11.19 -21.92 15.01
N TYR B 220 11.09 -21.45 16.26
CA TYR B 220 10.94 -20.03 16.56
C TYR B 220 12.20 -19.33 17.09
N LYS B 221 13.34 -20.03 17.13
CA LYS B 221 14.58 -19.48 17.68
C LYS B 221 15.00 -18.13 17.08
N ASP B 222 14.75 -17.95 15.77
CA ASP B 222 15.10 -16.69 15.09
C ASP B 222 13.89 -15.85 14.71
N ILE B 223 12.77 -16.07 15.40
CA ILE B 223 11.55 -15.28 15.22
C ILE B 223 11.27 -14.44 16.46
N ASP B 224 11.63 -13.16 16.38
CA ASP B 224 11.30 -12.19 17.42
C ASP B 224 9.95 -11.57 17.09
N LYS B 225 9.58 -10.52 17.83
CA LYS B 225 8.33 -9.81 17.60
C LYS B 225 8.23 -9.30 16.17
N ALA B 226 9.26 -8.59 15.72
CA ALA B 226 9.30 -8.01 14.36
C ALA B 226 9.06 -9.05 13.26
N LYS B 227 9.72 -10.20 13.37
CA LYS B 227 9.60 -11.28 12.39
C LYS B 227 8.20 -11.89 12.37
N LEU B 228 7.63 -12.14 13.54
CA LEU B 228 6.28 -12.69 13.63
C LEU B 228 5.25 -11.74 13.02
N ARG B 229 5.44 -10.44 13.25
CA ARG B 229 4.62 -9.41 12.60
C ARG B 229 4.71 -9.47 11.07
N GLU B 230 5.92 -9.60 10.53
CA GLU B 230 6.11 -9.75 9.08
C GLU B 230 5.36 -10.96 8.55
N ASN B 231 5.43 -12.09 9.27
CA ASN B 231 4.71 -13.31 8.89
C ASN B 231 3.19 -13.11 8.91
N PHE B 232 2.72 -12.42 9.95
CA PHE B 232 1.31 -12.08 10.06
C PHE B 232 0.87 -11.16 8.92
N ALA B 233 1.68 -10.14 8.63
CA ALA B 233 1.43 -9.22 7.52
C ALA B 233 1.28 -9.94 6.18
N VAL B 234 2.13 -10.94 5.95
CA VAL B 234 2.02 -11.79 4.77
C VAL B 234 0.67 -12.51 4.72
N PHE B 235 0.25 -13.06 5.86
CA PHE B 235 -1.05 -13.70 5.95
C PHE B 235 -2.18 -12.69 5.72
N LEU B 236 -2.11 -11.55 6.38
CA LEU B 236 -3.17 -10.53 6.26
C LEU B 236 -3.32 -9.98 4.84
N LYS B 237 -2.19 -9.68 4.19
CA LYS B 237 -2.22 -9.12 2.85
C LYS B 237 -2.78 -10.08 1.79
N ALA B 238 -2.73 -11.38 2.05
CA ALA B 238 -3.29 -12.37 1.14
C ALA B 238 -4.75 -12.71 1.44
N ILE B 239 -5.08 -12.78 2.73
CA ILE B 239 -6.41 -13.20 3.16
C ILE B 239 -7.46 -12.10 3.14
N ILE B 240 -7.09 -10.89 3.57
CA ILE B 240 -8.06 -9.80 3.72
C ILE B 240 -8.74 -9.35 2.42
N PRO B 241 -7.97 -9.20 1.31
CA PRO B 241 -8.64 -8.87 0.03
C PRO B 241 -9.70 -9.90 -0.35
N VAL B 242 -9.42 -11.18 -0.11
CA VAL B 242 -10.39 -12.26 -0.34
C VAL B 242 -11.63 -12.09 0.53
N ALA B 243 -11.41 -11.87 1.84
CA ALA B 243 -12.50 -11.63 2.78
C ALA B 243 -13.36 -10.44 2.32
N GLU B 244 -12.72 -9.33 2.01
CA GLU B 244 -13.40 -8.14 1.49
C GLU B 244 -14.18 -8.42 0.21
N GLU B 245 -13.55 -9.09 -0.73
CA GLU B 245 -14.20 -9.47 -1.99
C GLU B 245 -15.50 -10.24 -1.78
N VAL B 246 -15.52 -11.20 -0.84
CA VAL B 246 -16.70 -12.05 -0.65
C VAL B 246 -17.64 -11.58 0.47
N GLY B 247 -17.30 -10.47 1.12
CA GLY B 247 -18.16 -9.92 2.17
C GLY B 247 -18.08 -10.65 3.50
N VAL B 248 -16.92 -11.27 3.75
CA VAL B 248 -16.63 -11.87 5.05
C VAL B 248 -15.84 -10.87 5.88
N ARG B 249 -16.19 -10.76 7.17
CA ARG B 249 -15.42 -9.93 8.07
C ARG B 249 -14.58 -10.78 9.02
N MET B 250 -13.29 -10.45 9.09
CA MET B 250 -12.36 -11.17 9.95
C MET B 250 -12.31 -10.49 11.31
N ALA B 251 -12.23 -11.28 12.37
CA ALA B 251 -12.26 -10.77 13.72
C ALA B 251 -11.19 -11.44 14.57
N VAL B 252 -10.00 -10.85 14.57
CA VAL B 252 -8.86 -11.43 15.27
C VAL B 252 -9.10 -11.47 16.78
N HIS B 253 -8.89 -12.64 17.37
CA HIS B 253 -8.98 -12.81 18.81
C HIS B 253 -7.60 -12.50 19.39
N PRO B 254 -7.56 -11.83 20.55
CA PRO B 254 -6.27 -11.53 21.20
C PRO B 254 -5.54 -12.76 21.77
N ASP B 255 -4.26 -12.60 22.03
CA ASP B 255 -3.47 -13.59 22.75
C ASP B 255 -4.01 -13.75 24.17
N ASP B 256 -3.98 -14.98 24.68
CA ASP B 256 -4.54 -15.31 26.00
C ASP B 256 -3.64 -16.33 26.73
N PRO B 257 -2.85 -15.86 27.72
CA PRO B 257 -2.75 -14.48 28.21
C PRO B 257 -2.02 -13.56 27.22
N PRO B 258 -2.31 -12.25 27.24
CA PRO B 258 -1.76 -11.27 26.31
C PRO B 258 -0.35 -10.80 26.69
N ARG B 259 0.58 -11.75 26.77
CA ARG B 259 1.96 -11.44 27.09
C ARG B 259 2.86 -12.51 26.48
N PRO B 260 4.15 -12.18 26.23
CA PRO B 260 5.04 -13.17 25.62
C PRO B 260 5.38 -14.27 26.60
N ILE B 261 5.01 -15.50 26.27
CA ILE B 261 5.31 -16.64 27.13
C ILE B 261 6.26 -17.57 26.41
N LEU B 262 7.08 -18.31 27.18
CA LEU B 262 7.94 -19.37 26.65
C LEU B 262 9.00 -18.88 25.69
N GLY B 263 9.42 -17.63 25.84
CA GLY B 263 10.41 -17.02 24.94
C GLY B 263 9.86 -16.67 23.56
N LEU B 264 8.55 -16.87 23.38
CA LEU B 264 7.88 -16.62 22.11
C LEU B 264 7.24 -15.25 22.10
N PRO B 265 7.16 -14.61 20.93
CA PRO B 265 6.42 -13.36 20.88
C PRO B 265 4.92 -13.60 20.88
N ARG B 266 4.16 -12.62 21.35
CA ARG B 266 2.70 -12.63 21.19
C ARG B 266 2.29 -11.24 20.76
N ILE B 267 1.66 -11.17 19.58
CA ILE B 267 1.52 -9.92 18.83
C ILE B 267 0.10 -9.39 18.64
N VAL B 268 -0.86 -9.94 19.40
CA VAL B 268 -2.22 -9.39 19.43
C VAL B 268 -2.61 -9.23 20.91
N SER B 269 -1.90 -8.35 21.61
CA SER B 269 -1.98 -8.26 23.07
C SER B 269 -2.38 -6.89 23.61
N THR B 270 -2.12 -5.83 22.83
CA THR B 270 -2.29 -4.46 23.32
C THR B 270 -2.92 -3.58 22.24
N ILE B 271 -3.29 -2.35 22.60
CA ILE B 271 -3.88 -1.41 21.66
C ILE B 271 -2.93 -1.09 20.48
N GLU B 272 -1.63 -1.08 20.74
CA GLU B 272 -0.63 -0.81 19.69
C GLU B 272 -0.63 -1.90 18.63
N ASP B 273 -0.88 -3.15 19.06
CA ASP B 273 -0.99 -4.27 18.14
C ASP B 273 -2.25 -4.16 17.28
N MET B 274 -3.35 -3.68 17.87
CA MET B 274 -4.57 -3.39 17.11
C MET B 274 -4.30 -2.34 16.03
N GLN B 275 -3.60 -1.27 16.41
CA GLN B 275 -3.23 -0.21 15.48
C GLN B 275 -2.33 -0.74 14.37
N TRP B 276 -1.33 -1.55 14.73
CA TRP B 276 -0.42 -2.16 13.77
C TRP B 276 -1.19 -2.90 12.68
N MET B 277 -2.13 -3.74 13.10
CA MET B 277 -2.98 -4.47 12.15
C MET B 277 -3.70 -3.56 11.15
N VAL B 278 -4.30 -2.48 11.64
CA VAL B 278 -5.01 -1.54 10.78
C VAL B 278 -4.04 -0.83 9.85
N ASP B 279 -2.90 -0.38 10.38
CA ASP B 279 -1.83 0.19 9.55
C ASP B 279 -1.37 -0.78 8.48
N THR B 280 -1.27 -2.07 8.83
CA THR B 280 -0.80 -3.09 7.91
C THR B 280 -1.78 -3.32 6.75
N VAL B 281 -3.04 -3.56 7.08
CA VAL B 281 -4.08 -3.70 6.07
C VAL B 281 -5.29 -2.87 6.46
N ASN B 282 -5.57 -1.85 5.65
CA ASN B 282 -6.63 -0.87 5.91
C ASN B 282 -8.08 -1.31 5.72
N SER B 283 -8.30 -2.25 4.81
CA SER B 283 -9.64 -2.77 4.53
C SER B 283 -10.45 -3.04 5.79
N MET B 284 -11.72 -2.63 5.75
CA MET B 284 -12.64 -2.80 6.88
C MET B 284 -12.91 -4.27 7.20
N ALA B 285 -12.56 -5.17 6.28
CA ALA B 285 -12.70 -6.61 6.51
C ALA B 285 -11.65 -7.13 7.51
N ASN B 286 -10.64 -6.31 7.77
CA ASN B 286 -9.62 -6.58 8.77
C ASN B 286 -10.08 -6.02 10.12
N GLY B 287 -10.68 -6.88 10.94
CA GLY B 287 -11.28 -6.46 12.20
C GLY B 287 -10.97 -7.34 13.40
N PHE B 288 -11.78 -7.17 14.44
CA PHE B 288 -11.44 -7.65 15.78
C PHE B 288 -12.56 -8.40 16.49
N THR B 289 -12.14 -9.40 17.27
CA THR B 289 -12.97 -9.94 18.32
C THR B 289 -12.53 -9.24 19.59
N MET B 290 -13.43 -8.48 20.20
CA MET B 290 -13.10 -7.87 21.48
C MET B 290 -13.36 -8.90 22.58
N CYS B 291 -12.31 -9.62 22.96
CA CYS B 291 -12.38 -10.52 24.10
C CYS B 291 -11.92 -9.79 25.36
N THR B 292 -12.88 -9.39 26.18
CA THR B 292 -12.57 -8.67 27.41
C THR B 292 -11.84 -9.56 28.41
N GLY B 293 -12.09 -10.87 28.34
CA GLY B 293 -11.37 -11.83 29.19
C GLY B 293 -9.87 -11.85 28.96
N SER B 294 -9.45 -11.82 27.69
CA SER B 294 -8.04 -11.91 27.34
C SER B 294 -7.35 -10.55 27.48
N TYR B 295 -7.82 -9.54 26.75
CA TYR B 295 -7.24 -8.21 26.85
C TYR B 295 -7.17 -7.72 28.28
N GLY B 296 -8.19 -8.05 29.08
CA GLY B 296 -8.32 -7.58 30.46
C GLY B 296 -7.41 -8.24 31.49
N VAL B 297 -6.64 -9.25 31.05
CA VAL B 297 -5.62 -9.86 31.91
C VAL B 297 -4.55 -8.83 32.36
N ARG B 298 -4.16 -7.92 31.47
CA ARG B 298 -3.19 -6.84 31.79
C ARG B 298 -3.93 -5.57 32.17
N ALA B 299 -3.57 -4.97 33.31
CA ALA B 299 -4.15 -3.69 33.75
C ALA B 299 -3.94 -2.52 32.77
N ASP B 300 -2.88 -2.59 31.96
CA ASP B 300 -2.53 -1.50 31.06
C ASP B 300 -3.30 -1.53 29.72
N ASN B 301 -4.22 -2.48 29.58
CA ASN B 301 -5.20 -2.46 28.49
C ASN B 301 -6.47 -1.77 28.94
N ASP B 302 -6.74 -0.60 28.36
CA ASP B 302 -7.96 0.17 28.62
C ASP B 302 -9.01 -0.33 27.62
N LEU B 303 -9.84 -1.26 28.08
CA LEU B 303 -10.82 -1.92 27.22
C LEU B 303 -11.81 -0.94 26.60
N VAL B 304 -12.32 -0.02 27.40
CA VAL B 304 -13.29 0.96 26.92
C VAL B 304 -12.65 1.85 25.86
N ASP B 305 -11.42 2.30 26.10
CA ASP B 305 -10.71 3.07 25.08
C ASP B 305 -10.44 2.24 23.83
N MET B 306 -10.18 0.95 24.01
CA MET B 306 -10.04 0.02 22.88
C MET B 306 -11.32 -0.06 22.04
N ILE B 307 -12.46 -0.14 22.72
CA ILE B 307 -13.76 -0.14 22.04
C ILE B 307 -14.06 1.20 21.34
N LYS B 308 -13.73 2.31 21.98
CA LYS B 308 -13.94 3.65 21.39
C LYS B 308 -13.08 3.84 20.14
N GLN B 309 -11.81 3.45 20.22
CA GLN B 309 -10.87 3.62 19.10
C GLN B 309 -11.13 2.68 17.93
N PHE B 310 -11.48 1.43 18.22
CA PHE B 310 -11.61 0.42 17.16
C PHE B 310 -13.03 -0.12 16.99
N GLY B 311 -14.00 0.53 17.63
CA GLY B 311 -15.41 0.14 17.55
C GLY B 311 -15.93 -0.22 16.16
N PRO B 312 -15.66 0.65 15.15
CA PRO B 312 -16.15 0.38 13.79
C PRO B 312 -15.66 -0.96 13.22
N ARG B 313 -14.57 -1.49 13.80
CA ARG B 313 -13.98 -2.74 13.33
C ARG B 313 -14.22 -3.92 14.28
N ILE B 314 -15.01 -3.71 15.33
CA ILE B 314 -15.29 -4.80 16.26
C ILE B 314 -16.50 -5.58 15.78
N TYR B 315 -16.26 -6.83 15.38
CA TYR B 315 -17.25 -7.65 14.68
C TYR B 315 -17.78 -8.82 15.50
N PHE B 316 -17.28 -8.95 16.73
CA PHE B 316 -17.55 -10.11 17.58
C PHE B 316 -17.00 -9.72 18.94
N THR B 317 -17.72 -10.07 20.01
CA THR B 317 -17.18 -9.89 21.35
C THR B 317 -17.25 -11.16 22.18
N HIS B 318 -16.26 -11.35 23.05
CA HIS B 318 -16.34 -12.33 24.12
C HIS B 318 -16.45 -11.55 25.42
N LEU B 319 -17.60 -11.63 26.06
CA LEU B 319 -17.86 -10.83 27.25
C LEU B 319 -17.76 -11.69 28.51
N ARG B 320 -16.53 -11.78 29.02
CA ARG B 320 -16.21 -12.49 30.25
C ARG B 320 -15.12 -11.70 30.96
N SER B 321 -14.76 -12.15 32.16
CA SER B 321 -13.85 -11.39 32.99
C SER B 321 -12.95 -12.32 33.78
N THR B 322 -11.68 -11.96 33.84
CA THR B 322 -10.72 -12.61 34.72
C THR B 322 -10.45 -11.71 35.94
N MET B 323 -9.73 -12.26 36.90
CA MET B 323 -9.38 -11.59 38.13
C MET B 323 -7.90 -11.81 38.39
N ARG B 324 -7.12 -10.72 38.38
CA ARG B 324 -5.71 -10.77 38.77
C ARG B 324 -5.61 -10.97 40.26
N GLU B 325 -4.64 -11.78 40.69
CA GLU B 325 -4.47 -12.03 42.11
C GLU B 325 -3.33 -11.19 42.68
N ASP B 326 -2.76 -11.64 43.79
CA ASP B 326 -1.71 -10.91 44.49
C ASP B 326 -0.48 -10.70 43.62
N ASN B 327 0.03 -11.76 43.01
CA ASN B 327 0.99 -11.64 41.92
C ASN B 327 0.17 -11.27 40.67
N PRO B 328 0.41 -10.07 40.11
CA PRO B 328 -0.41 -9.50 39.02
C PRO B 328 -0.49 -10.38 37.79
N LYS B 329 0.43 -11.33 37.65
CA LYS B 329 0.48 -12.19 36.49
C LYS B 329 -0.28 -13.49 36.68
N THR B 330 -0.66 -13.77 37.92
CA THR B 330 -1.60 -14.85 38.21
C THR B 330 -3.03 -14.33 38.07
N PHE B 331 -3.88 -15.08 37.37
CA PHE B 331 -5.28 -14.72 37.24
C PHE B 331 -6.17 -15.95 37.14
N HIS B 332 -7.43 -15.80 37.58
CA HIS B 332 -8.43 -16.86 37.34
C HIS B 332 -9.67 -16.30 36.65
N GLU B 333 -10.50 -17.19 36.10
CA GLU B 333 -11.76 -16.78 35.50
C GLU B 333 -12.68 -16.34 36.61
N ALA B 334 -13.13 -15.08 36.54
CA ALA B 334 -14.03 -14.57 37.55
C ALA B 334 -15.45 -14.82 37.11
N ALA B 335 -16.40 -14.57 38.00
CA ALA B 335 -17.79 -14.45 37.62
C ALA B 335 -17.89 -13.19 36.74
N HIS B 336 -18.76 -13.25 35.73
CA HIS B 336 -18.85 -12.19 34.72
C HIS B 336 -18.97 -10.74 35.20
N LEU B 337 -19.63 -10.53 36.33
CA LEU B 337 -19.87 -9.15 36.80
C LEU B 337 -18.97 -8.79 37.97
N ASN B 338 -18.05 -9.69 38.29
CA ASN B 338 -17.34 -9.68 39.56
C ASN B 338 -15.81 -9.64 39.43
N GLY B 339 -15.29 -9.50 38.21
CA GLY B 339 -13.85 -9.47 37.99
C GLY B 339 -13.25 -8.10 37.76
N ASP B 340 -12.08 -8.07 37.12
CA ASP B 340 -11.41 -6.83 36.75
C ASP B 340 -12.12 -6.07 35.62
N VAL B 341 -12.88 -6.78 34.80
CA VAL B 341 -13.61 -6.12 33.73
C VAL B 341 -14.81 -5.38 34.32
N ASP B 342 -14.90 -4.08 34.09
CA ASP B 342 -16.10 -3.33 34.42
C ASP B 342 -17.09 -3.61 33.28
N MET B 343 -17.96 -4.60 33.49
CA MET B 343 -18.82 -5.10 32.42
C MET B 343 -19.82 -4.04 31.98
N TYR B 344 -20.33 -3.29 32.96
CA TYR B 344 -21.21 -2.16 32.67
C TYR B 344 -20.62 -1.18 31.66
N GLU B 345 -19.36 -0.78 31.87
CA GLU B 345 -18.73 0.23 31.03
C GLU B 345 -18.43 -0.35 29.66
N VAL B 346 -18.04 -1.63 29.65
CA VAL B 346 -17.73 -2.32 28.41
C VAL B 346 -18.97 -2.48 27.52
N VAL B 347 -20.08 -2.96 28.10
CA VAL B 347 -21.30 -3.16 27.32
C VAL B 347 -21.88 -1.81 26.91
N LYS B 348 -21.78 -0.80 27.79
CA LYS B 348 -22.21 0.54 27.42
C LYS B 348 -21.45 1.04 26.17
N ALA B 349 -20.14 0.85 26.13
CA ALA B 349 -19.34 1.23 24.97
C ALA B 349 -19.74 0.46 23.70
N ILE B 350 -20.05 -0.83 23.87
CA ILE B 350 -20.48 -1.67 22.74
C ILE B 350 -21.86 -1.27 22.22
N VAL B 351 -22.78 -1.00 23.13
CA VAL B 351 -24.11 -0.53 22.78
C VAL B 351 -24.00 0.80 22.02
N GLU B 352 -23.14 1.69 22.51
CA GLU B 352 -22.93 2.99 21.86
C GLU B 352 -22.39 2.82 20.45
N GLU B 353 -21.48 1.88 20.24
CA GLU B 353 -20.95 1.62 18.91
C GLU B 353 -22.05 1.13 17.98
N GLU B 354 -22.89 0.21 18.46
CA GLU B 354 -24.01 -0.27 17.68
C GLU B 354 -24.96 0.87 17.26
N HIS B 355 -25.26 1.80 18.18
CA HIS B 355 -26.13 2.93 17.84
C HIS B 355 -25.43 3.95 16.95
N ARG B 356 -24.09 4.02 17.04
CA ARG B 356 -23.31 4.85 16.12
C ARG B 356 -23.53 4.35 14.70
N ARG B 357 -23.41 3.04 14.51
CA ARG B 357 -23.66 2.39 13.21
C ARG B 357 -25.07 2.69 12.71
N LYS B 358 -26.05 2.50 13.60
CA LYS B 358 -27.44 2.72 13.25
C LYS B 358 -27.70 4.16 12.82
N ALA B 359 -26.98 5.11 13.43
CA ALA B 359 -27.12 6.52 13.08
C ALA B 359 -26.58 6.78 11.67
N GLU B 360 -25.53 6.05 11.29
CA GLU B 360 -24.97 6.16 9.95
C GLU B 360 -25.83 5.43 8.92
N GLY B 361 -26.98 4.91 9.35
CA GLY B 361 -27.93 4.21 8.47
C GLY B 361 -27.49 2.79 8.18
N LYS B 362 -27.54 1.93 9.19
CA LYS B 362 -27.02 0.55 9.10
C LYS B 362 -27.92 -0.49 9.75
N GLU B 363 -27.92 -0.45 11.09
CA GLU B 363 -28.12 -1.61 11.94
C GLU B 363 -27.17 -2.74 11.57
N ASP B 364 -26.10 -2.83 12.35
CA ASP B 364 -25.07 -3.82 12.15
C ASP B 364 -24.65 -4.24 13.57
N LEU B 365 -25.43 -5.13 14.17
CA LEU B 365 -25.19 -5.59 15.53
C LEU B 365 -23.87 -6.35 15.67
N ILE B 366 -23.32 -6.32 16.88
CA ILE B 366 -22.09 -7.02 17.21
C ILE B 366 -22.46 -8.29 17.99
N PRO B 367 -22.31 -9.46 17.36
CA PRO B 367 -22.58 -10.69 18.09
C PRO B 367 -21.65 -10.84 19.31
N MET B 368 -22.22 -11.33 20.41
CA MET B 368 -21.45 -11.65 21.59
C MET B 368 -21.63 -13.12 21.93
N ARG B 369 -20.66 -13.68 22.64
CA ARG B 369 -20.89 -14.91 23.36
C ARG B 369 -20.30 -14.77 24.78
N PRO B 370 -20.80 -15.55 25.74
CA PRO B 370 -20.29 -15.46 27.12
C PRO B 370 -18.84 -15.96 27.33
N ASP B 371 -18.37 -16.77 26.38
CA ASP B 371 -16.98 -17.23 26.25
C ASP B 371 -16.60 -18.42 27.13
N HIS B 372 -16.39 -18.20 28.44
CA HIS B 372 -16.15 -19.32 29.37
C HIS B 372 -17.13 -19.16 30.50
N GLY B 373 -17.35 -20.25 31.25
CA GLY B 373 -18.16 -20.19 32.46
C GLY B 373 -17.53 -21.08 33.49
N HIS B 374 -17.93 -20.87 34.74
CA HIS B 374 -17.50 -21.76 35.82
C HIS B 374 -18.23 -23.09 35.67
N GLN B 375 -17.62 -24.15 36.17
CA GLN B 375 -18.24 -25.48 36.21
C GLN B 375 -19.02 -25.56 37.52
N MET B 376 -20.34 -25.69 37.44
CA MET B 376 -21.18 -25.57 38.62
C MET B 376 -22.42 -26.44 38.51
N LEU B 377 -23.12 -26.58 39.63
CA LEU B 377 -24.34 -27.40 39.73
C LEU B 377 -24.12 -28.78 39.09
N ASP B 378 -25.03 -29.23 38.24
CA ASP B 378 -24.95 -30.56 37.60
C ASP B 378 -23.63 -30.81 36.88
N ASP B 379 -23.04 -29.76 36.31
CA ASP B 379 -21.81 -29.90 35.53
C ASP B 379 -20.59 -30.33 36.38
N LEU B 380 -20.67 -30.15 37.70
CA LEU B 380 -19.61 -30.60 38.62
C LEU B 380 -19.44 -32.12 38.63
N LYS B 381 -20.48 -32.85 38.23
CA LYS B 381 -20.44 -34.31 38.20
C LYS B 381 -20.05 -34.86 36.83
N LYS B 382 -19.66 -33.97 35.92
CA LYS B 382 -19.38 -34.34 34.53
C LYS B 382 -17.92 -34.14 34.19
N LYS B 383 -17.46 -34.89 33.20
CA LYS B 383 -16.17 -34.63 32.56
C LYS B 383 -16.46 -33.59 31.48
N THR B 384 -16.04 -32.35 31.73
CA THR B 384 -16.41 -31.23 30.88
C THR B 384 -15.27 -30.81 29.96
N ASN B 385 -15.63 -30.14 28.87
CA ASN B 385 -14.73 -29.27 28.15
C ASN B 385 -14.46 -28.07 29.05
N PRO B 386 -13.19 -27.89 29.46
CA PRO B 386 -12.77 -26.76 30.32
C PRO B 386 -12.86 -25.37 29.66
N GLY B 387 -13.44 -24.33 30.24
CA GLY B 387 -14.66 -24.31 30.99
C GLY B 387 -15.68 -23.93 29.93
N TYR B 388 -16.17 -24.96 29.26
CA TYR B 388 -17.21 -24.84 28.26
C TYR B 388 -18.38 -25.70 28.68
N SER B 389 -18.53 -25.88 30.00
CA SER B 389 -19.72 -26.49 30.54
C SER B 389 -20.87 -25.51 30.32
N ALA B 390 -22.10 -25.99 30.41
CA ALA B 390 -23.27 -25.19 30.03
C ALA B 390 -23.75 -24.18 31.06
N ILE B 391 -23.84 -24.60 32.33
CA ILE B 391 -24.58 -23.81 33.32
C ILE B 391 -23.87 -22.49 33.65
N GLY B 392 -22.56 -22.55 33.88
CA GLY B 392 -21.77 -21.34 34.11
C GLY B 392 -21.80 -20.35 32.95
N ARG B 393 -21.79 -20.84 31.72
CA ARG B 393 -21.93 -19.98 30.53
C ARG B 393 -23.34 -19.40 30.36
N LEU B 394 -24.37 -20.21 30.59
CA LEU B 394 -25.74 -19.72 30.63
C LEU B 394 -25.90 -18.56 31.65
N LYS B 395 -25.26 -18.71 32.80
CA LYS B 395 -25.29 -17.72 33.87
C LYS B 395 -24.68 -16.38 33.44
N GLY B 396 -23.47 -16.43 32.89
CA GLY B 396 -22.76 -15.22 32.42
C GLY B 396 -23.51 -14.55 31.28
N LEU B 397 -24.11 -15.37 30.42
CA LEU B 397 -24.91 -14.87 29.31
C LEU B 397 -26.14 -14.13 29.85
N ALA B 398 -26.80 -14.74 30.84
CA ALA B 398 -27.94 -14.10 31.50
C ALA B 398 -27.56 -12.78 32.18
N GLU B 399 -26.41 -12.77 32.86
CA GLU B 399 -25.92 -11.55 33.52
C GLU B 399 -25.71 -10.41 32.52
N VAL B 400 -25.01 -10.72 31.44
CA VAL B 400 -24.74 -9.75 30.38
C VAL B 400 -26.01 -9.34 29.64
N ARG B 401 -26.91 -10.28 29.38
CA ARG B 401 -28.24 -9.98 28.84
C ARG B 401 -28.90 -8.87 29.66
N GLY B 402 -28.92 -9.04 30.98
CA GLY B 402 -29.55 -8.08 31.87
C GLY B 402 -28.89 -6.72 31.84
N VAL B 403 -27.56 -6.70 31.94
CA VAL B 403 -26.78 -5.47 31.84
C VAL B 403 -27.11 -4.68 30.55
N GLU B 404 -27.06 -5.37 29.42
CA GLU B 404 -27.30 -4.78 28.09
C GLU B 404 -28.72 -4.26 27.94
N LEU B 405 -29.70 -5.05 28.39
CA LEU B 405 -31.09 -4.62 28.33
C LEU B 405 -31.26 -3.30 29.09
N ALA B 406 -30.73 -3.22 30.31
CA ALA B 406 -30.84 -2.01 31.13
C ALA B 406 -30.14 -0.78 30.54
N ILE B 407 -28.98 -0.98 29.93
CA ILE B 407 -28.26 0.09 29.21
C ILE B 407 -29.09 0.61 28.02
N GLN B 408 -29.68 -0.31 27.26
CA GLN B 408 -30.57 0.05 26.16
C GLN B 408 -31.73 0.93 26.61
N ARG B 409 -32.35 0.56 27.73
CA ARG B 409 -33.49 1.31 28.26
C ARG B 409 -33.12 2.64 28.90
N ALA B 410 -31.98 2.68 29.60
CA ALA B 410 -31.55 3.91 30.27
C ALA B 410 -31.05 4.96 29.27
N PHE B 411 -30.32 4.52 28.25
CA PHE B 411 -29.59 5.43 27.37
C PHE B 411 -30.15 5.56 25.95
N PHE B 412 -30.93 4.57 25.51
CA PHE B 412 -31.44 4.56 24.14
C PHE B 412 -32.92 4.20 24.06
N SER B 413 -33.72 4.69 25.01
CA SER B 413 -35.15 4.40 25.07
C SER B 413 -35.90 4.89 23.84
N SER C 19 22.99 -2.95 -49.46
CA SER C 19 22.64 -2.55 -48.07
C SER C 19 21.46 -3.38 -47.58
N HIS C 20 21.71 -4.28 -46.63
CA HIS C 20 20.61 -5.02 -45.99
C HIS C 20 20.27 -4.43 -44.63
N MET C 21 21.28 -3.80 -44.03
CA MET C 21 21.27 -3.43 -42.62
C MET C 21 20.01 -2.78 -42.12
N GLU C 22 19.48 -3.32 -41.02
CA GLU C 22 18.34 -2.73 -40.33
C GLU C 22 18.85 -1.62 -39.39
N GLN C 23 18.55 -0.38 -39.76
CA GLN C 23 19.17 0.81 -39.15
C GLN C 23 18.20 1.54 -38.24
N THR C 24 18.55 1.58 -36.95
CA THR C 24 17.69 2.16 -35.93
C THR C 24 18.44 3.27 -35.20
N TRP C 25 17.71 4.03 -34.38
CA TRP C 25 18.19 5.24 -33.77
C TRP C 25 17.46 5.43 -32.44
N ARG C 26 18.21 5.68 -31.38
CA ARG C 26 17.57 5.94 -30.10
C ARG C 26 16.98 7.34 -30.05
N TRP C 27 15.68 7.41 -29.79
CA TRP C 27 14.92 8.65 -29.66
C TRP C 27 14.22 8.64 -28.31
N TYR C 28 14.44 9.67 -27.50
CA TYR C 28 13.96 9.66 -26.11
C TYR C 28 12.49 10.03 -25.94
N GLY C 29 11.87 10.51 -27.00
CA GLY C 29 10.47 10.93 -26.95
C GLY C 29 10.29 12.37 -27.37
N PRO C 30 9.07 12.91 -27.21
CA PRO C 30 8.70 14.27 -27.63
C PRO C 30 9.62 15.39 -27.12
N ASN C 31 10.30 15.15 -26.00
CA ASN C 31 11.19 16.15 -25.39
C ASN C 31 12.65 16.02 -25.86
N ASP C 32 12.95 14.94 -26.58
CA ASP C 32 14.26 14.78 -27.18
C ASP C 32 14.49 15.93 -28.15
N PRO C 33 15.60 16.68 -27.99
CA PRO C 33 15.93 17.75 -28.93
C PRO C 33 16.12 17.27 -30.37
N VAL C 34 16.43 15.98 -30.54
CA VAL C 34 16.52 15.37 -31.87
C VAL C 34 15.11 14.96 -32.31
N SER C 35 14.68 15.45 -33.46
CA SER C 35 13.33 15.18 -33.95
C SER C 35 13.28 13.90 -34.77
N LEU C 36 12.08 13.36 -34.96
CA LEU C 36 11.89 12.20 -35.82
C LEU C 36 12.21 12.48 -37.31
N ALA C 37 12.05 13.74 -37.72
CA ALA C 37 12.51 14.18 -39.05
C ALA C 37 14.04 14.07 -39.18
N ASP C 38 14.76 14.45 -38.13
CA ASP C 38 16.21 14.27 -38.06
C ASP C 38 16.58 12.79 -38.22
N VAL C 39 15.80 11.92 -37.56
CA VAL C 39 16.02 10.47 -37.61
C VAL C 39 15.85 9.94 -39.03
N ARG C 40 14.72 10.30 -39.67
CA ARG C 40 14.46 9.89 -41.05
C ARG C 40 15.62 10.32 -41.95
N GLN C 41 16.01 11.59 -41.82
CA GLN C 41 17.02 12.18 -42.68
C GLN C 41 18.40 11.57 -42.42
N ALA C 42 18.63 11.07 -41.22
CA ALA C 42 19.86 10.32 -40.95
C ALA C 42 19.87 8.94 -41.63
N GLY C 43 18.72 8.49 -42.11
CA GLY C 43 18.65 7.21 -42.84
C GLY C 43 18.26 6.00 -42.00
N ALA C 44 17.87 6.24 -40.74
CA ALA C 44 17.31 5.19 -39.92
C ALA C 44 15.85 4.93 -40.34
N THR C 45 15.47 3.66 -40.38
CA THR C 45 14.08 3.28 -40.67
C THR C 45 13.35 2.86 -39.39
N GLY C 46 14.11 2.67 -38.32
CA GLY C 46 13.52 2.22 -37.08
C GLY C 46 13.91 3.09 -35.93
N VAL C 47 13.07 3.08 -34.90
CA VAL C 47 13.34 3.84 -33.69
C VAL C 47 13.52 2.90 -32.51
N VAL C 48 14.47 3.26 -31.65
CA VAL C 48 14.70 2.62 -30.38
C VAL C 48 14.25 3.62 -29.33
N THR C 49 13.37 3.20 -28.44
CA THR C 49 12.82 4.11 -27.47
C THR C 49 12.32 3.36 -26.24
N ALA C 50 11.82 4.11 -25.26
CA ALA C 50 11.29 3.54 -24.03
C ALA C 50 10.36 4.58 -23.43
N LEU C 51 9.50 4.14 -22.52
CA LEU C 51 8.58 5.04 -21.86
C LEU C 51 9.23 5.57 -20.58
N HIS C 52 10.13 6.53 -20.76
CA HIS C 52 10.97 7.05 -19.67
C HIS C 52 10.18 7.75 -18.57
N HIS C 53 8.94 8.12 -18.88
CA HIS C 53 8.06 8.87 -17.98
C HIS C 53 7.26 7.97 -17.02
N ILE C 54 7.42 6.66 -17.15
CA ILE C 54 6.80 5.71 -16.23
C ILE C 54 7.79 5.28 -15.16
N PRO C 55 7.41 5.41 -13.87
CA PRO C 55 8.32 5.08 -12.78
C PRO C 55 8.86 3.66 -12.86
N ASN C 56 10.10 3.48 -12.39
CA ASN C 56 10.76 2.18 -12.35
C ASN C 56 9.91 1.08 -11.73
N GLY C 57 9.73 0.00 -12.48
CA GLY C 57 9.04 -1.18 -11.99
C GLY C 57 7.53 -1.21 -12.23
N GLU C 58 6.97 -0.07 -12.62
CA GLU C 58 5.53 0.00 -12.95
C GLU C 58 5.26 -0.49 -14.37
N VAL C 59 4.04 -1.01 -14.56
CA VAL C 59 3.59 -1.57 -15.84
C VAL C 59 3.50 -0.50 -16.92
N TRP C 60 3.92 -0.87 -18.13
CA TRP C 60 3.71 -0.06 -19.32
C TRP C 60 2.39 -0.49 -19.94
N SER C 61 1.37 0.35 -19.81
CA SER C 61 0.05 0.02 -20.33
C SER C 61 0.05 -0.05 -21.85
N VAL C 62 -0.87 -0.83 -22.39
CA VAL C 62 -1.09 -0.89 -23.83
C VAL C 62 -1.36 0.52 -24.36
N GLU C 63 -2.18 1.30 -23.62
CA GLU C 63 -2.47 2.69 -23.99
C GLU C 63 -1.21 3.55 -24.18
N GLU C 64 -0.29 3.50 -23.21
CA GLU C 64 0.92 4.32 -23.27
C GLU C 64 1.88 3.88 -24.39
N ILE C 65 2.03 2.57 -24.56
CA ILE C 65 2.85 2.00 -25.62
C ILE C 65 2.32 2.43 -26.99
N LEU C 66 0.99 2.36 -27.16
CA LEU C 66 0.38 2.65 -28.45
C LEU C 66 0.51 4.11 -28.87
N LYS C 67 0.49 5.01 -27.89
CA LYS C 67 0.64 6.43 -28.20
C LYS C 67 2.08 6.80 -28.59
N ARG C 68 3.08 6.17 -27.97
CA ARG C 68 4.47 6.31 -28.44
C ARG C 68 4.62 5.70 -29.81
N LYS C 69 4.05 4.51 -29.99
CA LYS C 69 4.05 3.84 -31.29
C LYS C 69 3.42 4.70 -32.38
N ALA C 70 2.27 5.32 -32.08
CA ALA C 70 1.56 6.16 -33.06
C ALA C 70 2.37 7.40 -33.45
N ILE C 71 3.07 8.00 -32.49
CA ILE C 71 3.88 9.18 -32.75
C ILE C 71 5.02 8.84 -33.71
N ILE C 72 5.59 7.65 -33.53
CA ILE C 72 6.69 7.16 -34.35
C ILE C 72 6.21 6.84 -35.77
N GLU C 73 5.11 6.11 -35.88
CA GLU C 73 4.53 5.75 -37.18
C GLU C 73 4.01 6.97 -37.96
N ASP C 74 3.57 8.02 -37.24
CA ASP C 74 3.17 9.30 -37.85
C ASP C 74 4.30 9.95 -38.63
N ALA C 75 5.53 9.72 -38.19
CA ALA C 75 6.71 10.27 -38.84
C ALA C 75 7.28 9.33 -39.92
N GLY C 76 6.58 8.24 -40.18
CA GLY C 76 6.99 7.30 -41.22
C GLY C 76 8.08 6.34 -40.77
N LEU C 77 8.19 6.16 -39.46
CA LEU C 77 9.16 5.23 -38.89
C LEU C 77 8.46 4.09 -38.17
N VAL C 78 9.21 3.08 -37.75
CA VAL C 78 8.64 2.00 -36.92
C VAL C 78 9.38 1.92 -35.59
N TRP C 79 8.66 1.52 -34.54
CA TRP C 79 9.30 1.27 -33.26
C TRP C 79 9.80 -0.16 -33.24
N SER C 80 11.13 -0.32 -33.39
CA SER C 80 11.74 -1.63 -33.59
C SER C 80 12.18 -2.30 -32.27
N VAL C 81 12.75 -1.51 -31.37
CA VAL C 81 13.41 -2.07 -30.20
C VAL C 81 13.08 -1.21 -28.99
N VAL C 82 12.90 -1.87 -27.85
CA VAL C 82 12.75 -1.19 -26.57
C VAL C 82 14.12 -1.07 -25.91
N GLU C 83 14.54 0.15 -25.55
CA GLU C 83 15.75 0.32 -24.76
C GLU C 83 15.53 1.47 -23.76
N SER C 84 15.20 1.16 -22.50
CA SER C 84 15.08 -0.21 -21.95
C SER C 84 13.82 -0.32 -21.10
N VAL C 85 13.44 -1.54 -20.74
CA VAL C 85 12.53 -1.74 -19.62
C VAL C 85 13.43 -1.89 -18.39
N PRO C 86 13.42 -0.88 -17.49
CA PRO C 86 14.34 -0.86 -16.35
C PRO C 86 14.03 -1.92 -15.31
N ILE C 87 15.09 -2.48 -14.73
CA ILE C 87 14.98 -3.48 -13.69
C ILE C 87 15.15 -2.77 -12.36
N HIS C 88 14.09 -2.81 -11.54
CA HIS C 88 14.08 -2.15 -10.25
C HIS C 88 15.23 -2.66 -9.38
N GLU C 89 15.83 -1.75 -8.64
CA GLU C 89 16.90 -2.08 -7.69
C GLU C 89 16.53 -3.19 -6.70
N ASP C 90 15.25 -3.27 -6.32
CA ASP C 90 14.77 -4.35 -5.45
C ASP C 90 15.02 -5.74 -6.03
N ILE C 91 14.90 -5.86 -7.36
CA ILE C 91 15.16 -7.12 -8.07
C ILE C 91 16.66 -7.45 -8.06
N LYS C 92 17.48 -6.44 -8.28
CA LYS C 92 18.94 -6.59 -8.33
C LYS C 92 19.53 -6.97 -6.99
N THR C 93 18.90 -6.53 -5.90
CA THR C 93 19.34 -6.85 -4.54
C THR C 93 18.54 -7.97 -3.88
N HIS C 94 17.54 -8.49 -4.60
CA HIS C 94 16.63 -9.52 -4.08
C HIS C 94 16.05 -9.10 -2.71
N THR C 95 15.45 -7.91 -2.71
CA THR C 95 14.99 -7.23 -1.50
C THR C 95 13.60 -6.64 -1.75
N GLY C 96 12.89 -6.31 -0.67
CA GLY C 96 11.64 -5.54 -0.74
C GLY C 96 10.57 -6.10 -1.64
N ASN C 97 10.08 -5.25 -2.55
CA ASN C 97 8.91 -5.58 -3.38
C ASN C 97 9.24 -6.24 -4.72
N TYR C 98 10.38 -6.94 -4.76
CA TYR C 98 10.86 -7.57 -5.99
C TYR C 98 9.83 -8.49 -6.68
N GLU C 99 8.95 -9.10 -5.89
CA GLU C 99 7.94 -10.02 -6.41
C GLU C 99 6.97 -9.32 -7.36
N GLN C 100 6.45 -8.17 -6.93
CA GLN C 100 5.55 -7.39 -7.78
C GLN C 100 6.26 -6.75 -8.96
N TRP C 101 7.50 -6.30 -8.76
CA TRP C 101 8.27 -5.71 -9.84
C TRP C 101 8.47 -6.73 -10.97
N ILE C 102 8.76 -7.97 -10.58
CA ILE C 102 8.87 -9.08 -11.53
C ILE C 102 7.57 -9.32 -12.28
N ALA C 103 6.45 -9.40 -11.55
CA ALA C 103 5.13 -9.54 -12.16
C ALA C 103 4.84 -8.42 -13.15
N ASN C 104 5.12 -7.19 -12.74
CA ASN C 104 4.92 -6.01 -13.60
C ASN C 104 5.81 -6.05 -14.85
N TYR C 105 7.03 -6.52 -14.69
CA TYR C 105 7.97 -6.68 -15.79
C TYR C 105 7.39 -7.67 -16.81
N GLN C 106 6.83 -8.76 -16.31
CA GLN C 106 6.19 -9.78 -17.12
C GLN C 106 5.05 -9.18 -17.92
N GLN C 107 4.20 -8.40 -17.25
CA GLN C 107 3.06 -7.75 -17.88
C GLN C 107 3.49 -6.73 -18.96
N THR C 108 4.50 -5.92 -18.63
CA THR C 108 5.04 -4.96 -19.58
C THR C 108 5.44 -5.67 -20.88
N LEU C 109 6.09 -6.83 -20.76
CA LEU C 109 6.50 -7.63 -21.92
C LEU C 109 5.30 -8.14 -22.72
N ARG C 110 4.24 -8.53 -22.02
CA ARG C 110 3.00 -8.97 -22.65
C ARG C 110 2.32 -7.83 -23.40
N ASN C 111 2.30 -6.64 -22.80
CA ASN C 111 1.72 -5.46 -23.42
C ASN C 111 2.51 -5.01 -24.66
N LEU C 112 3.83 -5.07 -24.59
CA LEU C 112 4.68 -4.73 -25.74
C LEU C 112 4.43 -5.69 -26.90
N ALA C 113 4.39 -6.99 -26.61
CA ALA C 113 4.12 -8.00 -27.63
C ALA C 113 2.75 -7.79 -28.28
N GLN C 114 1.73 -7.56 -27.47
CA GLN C 114 0.40 -7.26 -27.98
C GLN C 114 0.43 -6.06 -28.92
N CYS C 115 1.37 -5.14 -28.68
CA CYS C 115 1.52 -3.94 -29.50
C CYS C 115 2.53 -4.13 -30.64
N GLY C 116 3.05 -5.35 -30.78
CA GLY C 116 3.90 -5.71 -31.92
C GLY C 116 5.34 -5.25 -31.81
N ILE C 117 5.80 -5.00 -30.59
CA ILE C 117 7.19 -4.60 -30.35
C ILE C 117 7.88 -5.75 -29.65
N ARG C 118 8.81 -6.38 -30.35
CA ARG C 118 9.23 -7.74 -29.98
C ARG C 118 10.71 -7.96 -29.63
N THR C 119 11.45 -6.87 -29.44
CA THR C 119 12.84 -6.96 -28.97
C THR C 119 13.08 -5.95 -27.84
N VAL C 120 13.60 -6.44 -26.71
CA VAL C 120 13.79 -5.61 -25.53
C VAL C 120 15.23 -5.63 -25.05
N CYS C 121 15.86 -4.45 -25.08
CA CYS C 121 17.21 -4.27 -24.55
C CYS C 121 17.04 -3.98 -23.07
N TYR C 122 18.01 -4.42 -22.27
CA TYR C 122 18.02 -4.18 -20.82
C TYR C 122 19.42 -4.47 -20.32
N ASN C 123 19.72 -4.03 -19.09
CA ASN C 123 21.00 -4.30 -18.46
C ASN C 123 20.81 -4.79 -17.01
N PHE C 124 21.88 -5.31 -16.42
CA PHE C 124 21.84 -5.70 -15.01
C PHE C 124 22.99 -5.03 -14.24
N MET C 125 23.28 -3.78 -14.58
CA MET C 125 24.29 -3.00 -13.87
C MET C 125 23.73 -2.54 -12.51
N PRO C 126 24.45 -2.85 -11.41
CA PRO C 126 24.02 -2.41 -10.09
C PRO C 126 24.27 -0.92 -9.87
N VAL C 127 23.25 -0.23 -9.38
CA VAL C 127 23.33 1.16 -8.91
C VAL C 127 23.57 2.17 -10.03
N LEU C 128 24.75 2.10 -10.64
CA LEU C 128 25.10 3.00 -11.74
C LEU C 128 24.90 2.32 -13.06
N ASP C 129 24.37 3.08 -14.01
CA ASP C 129 24.27 2.61 -15.37
C ASP C 129 25.61 2.88 -16.04
N TRP C 130 25.63 3.14 -17.35
CA TRP C 130 26.89 3.41 -18.03
C TRP C 130 27.60 4.65 -17.45
N THR C 131 28.93 4.63 -17.41
CA THR C 131 29.70 5.60 -16.63
C THR C 131 30.83 6.30 -17.39
N ARG C 132 30.87 7.62 -17.24
CA ARG C 132 31.91 8.48 -17.83
C ARG C 132 32.27 9.57 -16.83
N THR C 133 33.50 10.07 -16.90
CA THR C 133 33.97 11.12 -16.00
C THR C 133 33.98 12.48 -16.67
N ASP C 134 34.00 12.49 -18.01
CA ASP C 134 34.05 13.73 -18.77
C ASP C 134 33.07 13.64 -19.93
N LEU C 135 32.16 14.60 -20.00
CA LEU C 135 31.10 14.60 -21.01
C LEU C 135 31.35 15.61 -22.13
N GLU C 136 32.53 16.23 -22.10
CA GLU C 136 32.85 17.35 -22.97
C GLU C 136 34.34 17.39 -23.31
N TYR C 137 34.90 16.22 -23.60
CA TYR C 137 36.32 16.11 -23.92
C TYR C 137 36.54 16.56 -25.37
N VAL C 138 37.27 17.67 -25.52
CA VAL C 138 37.52 18.28 -26.82
C VAL C 138 38.59 17.48 -27.56
N LEU C 139 38.22 16.98 -28.74
CA LEU C 139 39.15 16.26 -29.60
C LEU C 139 39.93 17.23 -30.47
N PRO C 140 41.02 16.78 -31.13
CA PRO C 140 41.83 17.72 -31.90
C PRO C 140 41.04 18.49 -32.97
N ASP C 141 39.99 17.89 -33.53
CA ASP C 141 39.20 18.57 -34.56
C ASP C 141 38.20 19.59 -33.98
N GLY C 142 38.08 19.60 -32.65
CA GLY C 142 37.16 20.50 -31.97
C GLY C 142 35.80 19.88 -31.63
N SER C 143 35.56 18.65 -32.05
CA SER C 143 34.35 17.95 -31.63
C SER C 143 34.48 17.49 -30.17
N LYS C 144 33.35 17.28 -29.50
CA LYS C 144 33.41 16.83 -28.11
C LYS C 144 33.01 15.36 -27.99
N ALA C 145 33.78 14.64 -27.17
CA ALA C 145 33.59 13.22 -26.94
C ALA C 145 33.34 12.95 -25.46
N LEU C 146 32.77 11.79 -25.16
CA LEU C 146 32.69 11.34 -23.76
C LEU C 146 33.97 10.57 -23.43
N ARG C 147 34.38 10.62 -22.17
CA ARG C 147 35.64 10.03 -21.76
C ARG C 147 35.53 9.42 -20.36
N PHE C 148 36.25 8.33 -20.15
CA PHE C 148 36.45 7.78 -18.82
C PHE C 148 37.92 7.90 -18.51
N ASP C 149 38.25 8.87 -17.66
CA ASP C 149 39.62 9.10 -17.19
C ASP C 149 39.81 8.34 -15.89
N GLN C 150 40.56 7.24 -15.95
CA GLN C 150 40.83 6.38 -14.80
C GLN C 150 41.35 7.15 -13.58
N ILE C 151 42.19 8.14 -13.83
CA ILE C 151 42.79 8.96 -12.76
C ILE C 151 41.73 9.86 -12.11
N GLU C 152 40.87 10.44 -12.94
CA GLU C 152 39.75 11.26 -12.48
C GLU C 152 38.78 10.42 -11.64
N PHE C 153 38.49 9.21 -12.13
CA PHE C 153 37.61 8.30 -11.40
C PHE C 153 38.24 7.82 -10.08
N ALA C 154 39.54 7.54 -10.12
CA ALA C 154 40.29 7.18 -8.92
C ALA C 154 40.20 8.30 -7.89
N ALA C 155 40.36 9.55 -8.36
CA ALA C 155 40.29 10.72 -7.49
C ALA C 155 38.90 10.87 -6.88
N PHE C 156 37.85 10.65 -7.67
CA PHE C 156 36.49 10.65 -7.15
C PHE C 156 36.30 9.60 -6.07
N GLU C 157 36.72 8.37 -6.35
CA GLU C 157 36.53 7.26 -5.42
C GLU C 157 37.22 7.44 -4.07
N MET C 158 38.48 7.88 -4.10
CA MET C 158 39.30 7.93 -2.89
C MET C 158 39.32 9.29 -2.19
N HIS C 159 39.00 10.36 -2.92
CA HIS C 159 39.11 11.71 -2.34
C HIS C 159 37.79 12.48 -2.27
N ILE C 160 36.76 12.02 -2.98
CA ILE C 160 35.44 12.64 -2.88
C ILE C 160 34.46 11.71 -2.17
N LEU C 161 34.19 10.57 -2.80
CA LEU C 161 33.31 9.56 -2.21
C LEU C 161 33.95 8.98 -0.95
N LYS C 162 35.27 8.76 -1.01
CA LYS C 162 36.06 8.23 0.10
C LYS C 162 35.55 6.86 0.53
N ARG C 163 35.35 5.96 -0.43
CA ARG C 163 34.86 4.62 -0.17
C ARG C 163 35.96 3.79 0.47
N PRO C 164 35.70 3.23 1.67
CA PRO C 164 36.69 2.42 2.36
C PRO C 164 37.17 1.23 1.52
N GLY C 165 38.49 1.10 1.38
CA GLY C 165 39.11 -0.01 0.66
C GLY C 165 39.13 0.15 -0.85
N ALA C 166 38.88 1.36 -1.33
CA ALA C 166 38.86 1.63 -2.78
C ALA C 166 40.26 1.58 -3.38
N GLU C 167 41.26 1.82 -2.53
CA GLU C 167 42.68 1.82 -2.92
C GLU C 167 43.12 0.53 -3.62
N ALA C 168 42.51 -0.60 -3.22
CA ALA C 168 42.83 -1.91 -3.80
C ALA C 168 42.52 -2.04 -5.30
N ASP C 169 41.70 -1.13 -5.84
CA ASP C 169 41.32 -1.18 -7.24
C ASP C 169 42.33 -0.48 -8.16
N TYR C 170 43.40 0.03 -7.56
CA TYR C 170 44.35 0.84 -8.32
C TYR C 170 45.79 0.46 -8.03
N THR C 171 46.68 0.81 -8.97
CA THR C 171 48.10 0.65 -8.78
C THR C 171 48.61 1.81 -7.94
N GLU C 172 49.75 1.60 -7.26
CA GLU C 172 50.43 2.66 -6.51
C GLU C 172 50.65 3.90 -7.38
N GLU C 173 50.96 3.68 -8.65
CA GLU C 173 51.19 4.79 -9.58
C GLU C 173 49.90 5.57 -9.81
N GLU C 174 48.78 4.86 -9.96
CA GLU C 174 47.47 5.47 -10.16
C GLU C 174 47.02 6.28 -8.94
N ILE C 175 47.21 5.71 -7.75
CA ILE C 175 46.90 6.39 -6.49
C ILE C 175 47.64 7.72 -6.33
N ALA C 176 48.95 7.72 -6.60
CA ALA C 176 49.74 8.95 -6.56
C ALA C 176 49.24 9.98 -7.58
N GLN C 177 48.90 9.52 -8.78
CA GLN C 177 48.36 10.41 -9.83
C GLN C 177 47.01 10.99 -9.42
N ALA C 178 46.19 10.16 -8.77
CA ALA C 178 44.87 10.55 -8.31
C ALA C 178 44.93 11.68 -7.30
N ALA C 179 45.83 11.56 -6.33
CA ALA C 179 46.04 12.61 -5.33
C ALA C 179 46.52 13.91 -5.98
N GLU C 180 47.45 13.78 -6.92
CA GLU C 180 48.04 14.91 -7.62
C GLU C 180 47.00 15.65 -8.46
N ARG C 181 46.09 14.89 -9.08
CA ARG C 181 45.00 15.45 -9.88
C ARG C 181 43.96 16.14 -9.00
N PHE C 182 43.61 15.51 -7.87
CA PHE C 182 42.66 16.06 -6.92
C PHE C 182 43.13 17.40 -6.34
N ALA C 183 44.44 17.49 -6.09
CA ALA C 183 45.06 18.68 -5.52
C ALA C 183 45.04 19.86 -6.50
N THR C 184 44.76 19.56 -7.77
CA THR C 184 44.69 20.59 -8.81
C THR C 184 43.26 20.83 -9.31
N MET C 185 42.29 20.29 -8.58
CA MET C 185 40.86 20.49 -8.89
C MET C 185 40.27 21.63 -8.06
N SER C 186 39.42 22.43 -8.70
CA SER C 186 38.66 23.47 -8.00
C SER C 186 37.40 22.84 -7.42
N ASP C 187 36.64 23.63 -6.64
CA ASP C 187 35.33 23.18 -6.15
C ASP C 187 34.44 22.81 -7.33
N GLU C 188 34.52 23.62 -8.39
CA GLU C 188 33.74 23.41 -9.61
C GLU C 188 34.04 22.05 -10.28
N ASP C 189 35.32 21.78 -10.53
CA ASP C 189 35.76 20.53 -11.15
C ASP C 189 35.29 19.30 -10.36
N LYS C 190 35.37 19.37 -9.03
CA LYS C 190 34.97 18.27 -8.16
C LYS C 190 33.47 18.00 -8.22
N ALA C 191 32.69 19.08 -8.27
CA ALA C 191 31.22 18.96 -8.29
C ALA C 191 30.72 18.46 -9.64
N ARG C 192 31.44 18.82 -10.70
CA ARG C 192 31.11 18.39 -12.05
C ARG C 192 31.44 16.91 -12.20
N LEU C 193 32.62 16.53 -11.71
CA LEU C 193 33.06 15.15 -11.71
C LEU C 193 32.04 14.27 -11.00
N THR C 194 31.59 14.74 -9.84
CA THR C 194 30.61 14.00 -9.05
C THR C 194 29.31 13.78 -9.82
N ARG C 195 28.73 14.87 -10.31
CA ARG C 195 27.50 14.83 -11.12
C ARG C 195 27.63 13.93 -12.36
N ASN C 196 28.76 14.00 -13.05
CA ASN C 196 29.01 13.15 -14.20
C ASN C 196 28.91 11.68 -13.83
N ILE C 197 29.40 11.33 -12.65
CA ILE C 197 29.42 9.93 -12.23
C ILE C 197 28.08 9.41 -11.71
N ILE C 198 27.36 10.20 -10.92
CA ILE C 198 26.23 9.63 -10.17
C ILE C 198 24.82 10.09 -10.59
N ALA C 199 24.71 11.25 -11.21
CA ALA C 199 23.40 11.83 -11.50
C ALA C 199 22.67 11.10 -12.64
N GLY C 200 23.40 10.27 -13.36
CA GLY C 200 22.83 9.42 -14.40
C GLY C 200 22.90 10.08 -15.77
N LEU C 201 23.38 9.32 -16.75
CA LEU C 201 23.51 9.79 -18.13
C LEU C 201 22.24 9.45 -18.93
N PRO C 202 22.09 9.99 -20.16
CA PRO C 202 20.87 9.73 -20.93
C PRO C 202 20.58 8.24 -21.09
N GLY C 203 19.32 7.87 -20.90
CA GLY C 203 18.90 6.47 -20.96
C GLY C 203 18.92 5.77 -19.61
N ALA C 204 19.80 6.25 -18.72
CA ALA C 204 19.88 5.72 -17.36
C ALA C 204 18.59 6.03 -16.60
N GLU C 205 18.08 5.02 -15.90
CA GLU C 205 16.83 5.16 -15.18
C GLU C 205 17.09 5.18 -13.69
N GLU C 206 18.20 5.82 -13.32
CA GLU C 206 18.60 5.95 -11.93
C GLU C 206 19.46 7.20 -11.77
N GLY C 207 19.20 7.94 -10.68
CA GLY C 207 19.95 9.14 -10.33
C GLY C 207 20.02 9.34 -8.82
N TYR C 208 21.14 9.87 -8.34
CA TYR C 208 21.41 10.02 -6.90
C TYR C 208 22.10 11.34 -6.55
N THR C 209 21.87 11.82 -5.35
CA THR C 209 22.77 12.80 -4.72
C THR C 209 23.87 12.00 -4.00
N LEU C 210 24.99 12.63 -3.67
CA LEU C 210 26.13 11.90 -3.09
C LEU C 210 25.76 11.12 -1.83
N ASP C 211 24.87 11.68 -1.02
CA ASP C 211 24.41 11.00 0.17
C ASP C 211 23.45 9.84 -0.14
N GLN C 212 22.53 10.07 -1.07
CA GLN C 212 21.68 8.99 -1.58
C GLN C 212 22.53 7.86 -2.12
N PHE C 213 23.50 8.22 -2.95
CA PHE C 213 24.42 7.29 -3.59
C PHE C 213 25.18 6.44 -2.57
N ARG C 214 25.71 7.09 -1.54
CA ARG C 214 26.53 6.43 -0.54
C ARG C 214 25.71 5.41 0.26
N LYS C 215 24.47 5.77 0.58
CA LYS C 215 23.56 4.90 1.31
C LYS C 215 23.03 3.74 0.45
N HIS C 216 23.02 3.93 -0.86
CA HIS C 216 22.58 2.89 -1.78
C HIS C 216 23.66 1.83 -1.99
N LEU C 217 24.92 2.27 -1.95
CA LEU C 217 26.06 1.36 -2.13
C LEU C 217 26.13 0.28 -1.05
N GLU C 218 25.71 0.62 0.17
CA GLU C 218 25.77 -0.34 1.27
C GLU C 218 24.65 -1.40 1.22
N LEU C 219 23.81 -1.34 0.18
CA LEU C 219 22.84 -2.41 -0.05
C LEU C 219 23.55 -3.62 -0.68
N TYR C 220 24.68 -3.35 -1.30
CA TYR C 220 25.49 -4.37 -1.97
C TYR C 220 26.67 -4.88 -1.13
N LYS C 221 26.71 -4.45 0.14
CA LYS C 221 27.75 -4.88 1.08
C LYS C 221 27.87 -6.41 1.19
N ASP C 222 26.75 -7.10 1.05
CA ASP C 222 26.72 -8.55 1.17
C ASP C 222 26.42 -9.21 -0.18
N ILE C 223 26.62 -8.44 -1.25
CA ILE C 223 26.33 -8.89 -2.60
C ILE C 223 27.62 -8.92 -3.45
N ASP C 224 28.24 -10.09 -3.51
CA ASP C 224 29.40 -10.32 -4.37
C ASP C 224 28.96 -10.72 -5.79
N LYS C 225 29.92 -11.07 -6.64
CA LYS C 225 29.61 -11.48 -8.02
C LYS C 225 28.65 -12.66 -8.06
N ALA C 226 28.95 -13.68 -7.27
CA ALA C 226 28.15 -14.92 -7.21
C ALA C 226 26.69 -14.67 -6.80
N LYS C 227 26.48 -13.77 -5.84
CA LYS C 227 25.15 -13.46 -5.33
C LYS C 227 24.36 -12.61 -6.33
N LEU C 228 25.03 -11.67 -6.99
CA LEU C 228 24.38 -10.87 -8.02
C LEU C 228 23.91 -11.79 -9.15
N ARG C 229 24.72 -12.80 -9.46
CA ARG C 229 24.33 -13.83 -10.42
C ARG C 229 23.05 -14.56 -10.01
N GLU C 230 23.02 -15.03 -8.76
CA GLU C 230 21.82 -15.67 -8.18
C GLU C 230 20.59 -14.76 -8.31
N ASN C 231 20.76 -13.47 -8.08
CA ASN C 231 19.67 -12.50 -8.21
C ASN C 231 19.25 -12.32 -9.67
N PHE C 232 20.22 -12.31 -10.58
CA PHE C 232 19.93 -12.23 -12.01
C PHE C 232 19.24 -13.50 -12.50
N ALA C 233 19.73 -14.65 -12.03
CA ALA C 233 19.12 -15.95 -12.33
C ALA C 233 17.62 -15.98 -11.99
N VAL C 234 17.25 -15.47 -10.82
CA VAL C 234 15.84 -15.40 -10.42
C VAL C 234 15.03 -14.58 -11.42
N PHE C 235 15.59 -13.43 -11.82
CA PHE C 235 14.94 -12.56 -12.79
C PHE C 235 14.78 -13.28 -14.14
N LEU C 236 15.86 -13.89 -14.63
CA LEU C 236 15.82 -14.55 -15.92
C LEU C 236 14.79 -15.70 -15.95
N LYS C 237 14.74 -16.48 -14.86
CA LYS C 237 13.82 -17.62 -14.80
C LYS C 237 12.34 -17.24 -14.77
N ALA C 238 12.03 -16.04 -14.28
CA ALA C 238 10.66 -15.54 -14.29
C ALA C 238 10.27 -14.83 -15.59
N ILE C 239 11.23 -14.12 -16.18
CA ILE C 239 10.97 -13.26 -17.33
C ILE C 239 11.08 -13.96 -18.68
N ILE C 240 12.10 -14.80 -18.84
CA ILE C 240 12.38 -15.44 -20.14
C ILE C 240 11.22 -16.33 -20.66
N PRO C 241 10.62 -17.18 -19.80
CA PRO C 241 9.47 -17.98 -20.28
C PRO C 241 8.31 -17.12 -20.80
N VAL C 242 8.06 -15.96 -20.17
CA VAL C 242 6.99 -15.05 -20.61
C VAL C 242 7.33 -14.42 -21.97
N ALA C 243 8.55 -13.90 -22.09
CA ALA C 243 9.05 -13.37 -23.35
C ALA C 243 8.92 -14.39 -24.47
N GLU C 244 9.32 -15.63 -24.18
CA GLU C 244 9.22 -16.72 -25.13
C GLU C 244 7.76 -16.97 -25.52
N GLU C 245 6.89 -17.04 -24.53
CA GLU C 245 5.46 -17.23 -24.70
C GLU C 245 4.84 -16.18 -25.64
N VAL C 246 5.24 -14.93 -25.49
CA VAL C 246 4.64 -13.84 -26.26
C VAL C 246 5.44 -13.45 -27.52
N GLY C 247 6.54 -14.13 -27.76
CA GLY C 247 7.37 -13.87 -28.95
C GLY C 247 8.25 -12.64 -28.86
N VAL C 248 8.64 -12.28 -27.64
CA VAL C 248 9.58 -11.20 -27.40
C VAL C 248 10.97 -11.80 -27.22
N ARG C 249 11.98 -11.17 -27.81
CA ARG C 249 13.37 -11.59 -27.60
C ARG C 249 14.12 -10.59 -26.73
N MET C 250 14.75 -11.09 -25.68
CA MET C 250 15.47 -10.23 -24.75
C MET C 250 16.92 -10.08 -25.21
N ALA C 251 17.46 -8.87 -25.07
CA ALA C 251 18.77 -8.51 -25.61
C ALA C 251 19.57 -7.77 -24.55
N VAL C 252 20.28 -8.52 -23.72
CA VAL C 252 21.00 -7.94 -22.59
C VAL C 252 22.18 -7.07 -23.03
N HIS C 253 22.21 -5.85 -22.52
CA HIS C 253 23.28 -4.92 -22.81
C HIS C 253 24.39 -5.10 -21.77
N PRO C 254 25.66 -5.10 -22.22
CA PRO C 254 26.79 -5.29 -21.29
C PRO C 254 27.00 -4.15 -20.31
N ASP C 255 27.82 -4.40 -19.30
CA ASP C 255 28.28 -3.38 -18.38
C ASP C 255 29.17 -2.36 -19.13
N ASP C 256 29.10 -1.10 -18.72
CA ASP C 256 29.88 -0.04 -19.37
C ASP C 256 30.39 0.96 -18.32
N PRO C 257 31.68 0.92 -18.00
CA PRO C 257 32.70 0.01 -18.54
C PRO C 257 32.51 -1.44 -18.05
N PRO C 258 33.01 -2.43 -18.82
CA PRO C 258 32.83 -3.84 -18.48
C PRO C 258 33.84 -4.35 -17.45
N ARG C 259 33.86 -3.72 -16.27
CA ARG C 259 34.70 -4.17 -15.16
C ARG C 259 34.06 -3.77 -13.82
N PRO C 260 34.43 -4.45 -12.72
CA PRO C 260 33.85 -4.10 -11.43
C PRO C 260 34.33 -2.72 -11.00
N ILE C 261 33.39 -1.83 -10.72
CA ILE C 261 33.72 -0.51 -10.18
C ILE C 261 32.96 -0.26 -8.87
N LEU C 262 33.55 0.57 -8.01
CA LEU C 262 32.92 1.02 -6.76
C LEU C 262 32.59 -0.08 -5.74
N GLY C 263 33.38 -1.15 -5.72
CA GLY C 263 33.12 -2.28 -4.83
C GLY C 263 31.88 -3.08 -5.24
N LEU C 264 31.40 -2.85 -6.44
CA LEU C 264 30.21 -3.54 -6.95
C LEU C 264 30.60 -4.55 -8.02
N PRO C 265 29.83 -5.66 -8.12
CA PRO C 265 30.06 -6.59 -9.21
C PRO C 265 29.46 -6.08 -10.53
N ARG C 266 30.06 -6.48 -11.63
CA ARG C 266 29.47 -6.25 -12.94
C ARG C 266 29.58 -7.57 -13.69
N ILE C 267 28.42 -8.17 -13.97
CA ILE C 267 28.34 -9.57 -14.39
C ILE C 267 27.89 -9.81 -15.84
N VAL C 268 27.95 -8.77 -16.65
CA VAL C 268 27.71 -8.90 -18.09
C VAL C 268 28.87 -8.16 -18.77
N SER C 269 30.09 -8.68 -18.59
CA SER C 269 31.31 -7.98 -19.00
C SER C 269 32.20 -8.76 -19.95
N THR C 270 32.09 -10.08 -19.90
CA THR C 270 33.00 -10.97 -20.62
C THR C 270 32.27 -12.10 -21.33
N ILE C 271 32.99 -12.84 -22.17
CA ILE C 271 32.39 -13.96 -22.90
C ILE C 271 31.90 -15.05 -21.92
N GLU C 272 32.59 -15.19 -20.80
CA GLU C 272 32.20 -16.13 -19.75
C GLU C 272 30.86 -15.77 -19.11
N ASP C 273 30.57 -14.47 -19.02
CA ASP C 273 29.28 -13.99 -18.52
C ASP C 273 28.17 -14.34 -19.50
N MET C 274 28.47 -14.22 -20.79
CA MET C 274 27.52 -14.59 -21.83
C MET C 274 27.19 -16.08 -21.72
N GLN C 275 28.24 -16.90 -21.56
CA GLN C 275 28.08 -18.35 -21.43
C GLN C 275 27.27 -18.70 -20.18
N TRP C 276 27.53 -17.96 -19.09
CA TRP C 276 26.76 -18.15 -17.84
C TRP C 276 25.27 -17.92 -18.07
N MET C 277 24.93 -16.88 -18.82
CA MET C 277 23.53 -16.56 -19.08
C MET C 277 22.80 -17.68 -19.84
N VAL C 278 23.45 -18.18 -20.89
CA VAL C 278 22.92 -19.27 -21.68
C VAL C 278 22.77 -20.54 -20.82
N ASP C 279 23.77 -20.84 -19.99
CA ASP C 279 23.73 -21.97 -19.06
C ASP C 279 22.58 -21.90 -18.05
N THR C 280 22.19 -20.68 -17.68
CA THR C 280 21.18 -20.46 -16.65
C THR C 280 19.77 -20.63 -17.22
N VAL C 281 19.54 -20.03 -18.39
CA VAL C 281 18.27 -20.17 -19.10
C VAL C 281 18.58 -20.42 -20.58
N ASN C 282 18.27 -21.64 -21.02
CA ASN C 282 18.59 -22.10 -22.37
C ASN C 282 17.70 -21.53 -23.48
N SER C 283 16.49 -21.08 -23.12
CA SER C 283 15.54 -20.54 -24.08
C SER C 283 16.20 -19.52 -25.00
N MET C 284 15.82 -19.54 -26.27
CA MET C 284 16.36 -18.62 -27.27
C MET C 284 15.84 -17.18 -27.12
N ALA C 285 14.84 -16.99 -26.26
CA ALA C 285 14.37 -15.66 -25.92
C ALA C 285 15.41 -14.93 -25.06
N ASN C 286 16.28 -15.71 -24.44
CA ASN C 286 17.41 -15.19 -23.65
C ASN C 286 18.62 -14.88 -24.53
N GLY C 287 18.71 -13.62 -24.97
CA GLY C 287 19.75 -13.22 -25.90
C GLY C 287 20.52 -11.96 -25.53
N PHE C 288 21.13 -11.34 -26.54
CA PHE C 288 22.16 -10.33 -26.33
C PHE C 288 22.06 -9.10 -27.24
N THR C 289 22.40 -7.94 -26.68
CA THR C 289 22.79 -6.78 -27.46
C THR C 289 24.31 -6.83 -27.57
N MET C 290 24.82 -6.91 -28.78
CA MET C 290 26.26 -6.85 -28.95
C MET C 290 26.65 -5.38 -29.00
N CYS C 291 27.06 -4.82 -27.87
CA CYS C 291 27.53 -3.42 -27.84
C CYS C 291 29.04 -3.43 -27.91
N THR C 292 29.57 -3.12 -29.09
CA THR C 292 31.01 -3.16 -29.34
C THR C 292 31.75 -2.07 -28.56
N GLY C 293 31.06 -0.95 -28.31
CA GLY C 293 31.65 0.14 -27.53
C GLY C 293 31.94 -0.28 -26.09
N SER C 294 31.01 -1.04 -25.51
CA SER C 294 31.15 -1.46 -24.10
C SER C 294 32.09 -2.66 -23.96
N TYR C 295 31.81 -3.74 -24.67
CA TYR C 295 32.67 -4.93 -24.62
C TYR C 295 34.11 -4.61 -25.06
N GLY C 296 34.26 -3.68 -26.02
CA GLY C 296 35.57 -3.33 -26.59
C GLY C 296 36.49 -2.51 -25.70
N VAL C 297 36.01 -2.12 -24.53
CA VAL C 297 36.79 -1.31 -23.61
C VAL C 297 38.01 -2.10 -23.12
N ARG C 298 37.80 -3.39 -22.86
CA ARG C 298 38.87 -4.25 -22.41
C ARG C 298 39.39 -5.13 -23.54
N ALA C 299 40.71 -5.13 -23.69
CA ALA C 299 41.41 -5.81 -24.78
C ALA C 299 41.17 -7.32 -24.82
N ASP C 300 40.83 -7.91 -23.67
CA ASP C 300 40.66 -9.35 -23.59
C ASP C 300 39.28 -9.85 -24.04
N ASN C 301 38.42 -8.94 -24.49
CA ASN C 301 37.18 -9.33 -25.16
C ASN C 301 37.42 -9.43 -26.66
N ASP C 302 37.28 -10.64 -27.20
CA ASP C 302 37.40 -10.87 -28.63
C ASP C 302 36.00 -10.74 -29.24
N LEU C 303 35.67 -9.54 -29.71
CA LEU C 303 34.32 -9.24 -30.21
C LEU C 303 33.88 -10.18 -31.32
N VAL C 304 34.79 -10.45 -32.25
CA VAL C 304 34.52 -11.31 -33.38
C VAL C 304 34.22 -12.72 -32.88
N ASP C 305 35.06 -13.24 -32.01
CA ASP C 305 34.77 -14.53 -31.38
C ASP C 305 33.46 -14.53 -30.60
N MET C 306 33.15 -13.42 -29.91
CA MET C 306 31.86 -13.31 -29.23
C MET C 306 30.70 -13.46 -30.22
N ILE C 307 30.84 -12.83 -31.39
CA ILE C 307 29.81 -12.88 -32.42
C ILE C 307 29.71 -14.29 -33.04
N LYS C 308 30.86 -14.95 -33.24
CA LYS C 308 30.88 -16.32 -33.76
C LYS C 308 30.26 -17.33 -32.81
N GLN C 309 30.53 -17.17 -31.52
CA GLN C 309 30.00 -18.11 -30.52
C GLN C 309 28.52 -17.86 -30.22
N PHE C 310 28.12 -16.59 -30.16
CA PHE C 310 26.78 -16.25 -29.66
C PHE C 310 25.89 -15.57 -30.68
N GLY C 311 26.35 -15.50 -31.93
CA GLY C 311 25.60 -14.89 -33.02
C GLY C 311 24.13 -15.26 -33.10
N PRO C 312 23.80 -16.58 -32.98
CA PRO C 312 22.39 -16.96 -33.06
C PRO C 312 21.51 -16.29 -31.98
N ARG C 313 22.15 -15.82 -30.91
CA ARG C 313 21.41 -15.14 -29.83
C ARG C 313 21.53 -13.63 -29.84
N ILE C 314 22.20 -13.08 -30.86
CA ILE C 314 22.42 -11.63 -30.92
C ILE C 314 21.25 -10.95 -31.63
N TYR C 315 20.47 -10.18 -30.86
CA TYR C 315 19.19 -9.66 -31.34
C TYR C 315 19.16 -8.14 -31.58
N PHE C 316 20.30 -7.50 -31.32
CA PHE C 316 20.44 -6.04 -31.36
C PHE C 316 21.94 -5.74 -31.27
N THR C 317 22.40 -4.72 -32.00
CA THR C 317 23.80 -4.29 -31.89
C THR C 317 23.91 -2.79 -31.68
N HIS C 318 24.92 -2.39 -30.90
CA HIS C 318 25.33 -1.00 -30.76
C HIS C 318 26.72 -0.92 -31.38
N LEU C 319 26.82 -0.22 -32.51
CA LEU C 319 28.03 -0.31 -33.30
C LEU C 319 28.84 0.98 -33.19
N ARG C 320 29.62 1.08 -32.11
CA ARG C 320 30.47 2.23 -31.89
C ARG C 320 31.82 1.75 -31.36
N SER C 321 32.75 2.69 -31.22
CA SER C 321 34.10 2.34 -30.84
C SER C 321 34.66 3.28 -29.77
N THR C 322 35.43 2.70 -28.85
CA THR C 322 36.19 3.46 -27.87
C THR C 322 37.67 3.34 -28.17
N MET C 323 38.46 4.15 -27.48
CA MET C 323 39.89 4.22 -27.72
C MET C 323 40.61 4.26 -26.38
N ARG C 324 41.29 3.16 -26.05
CA ARG C 324 42.13 3.11 -24.84
C ARG C 324 43.34 4.04 -25.01
N GLU C 325 43.73 4.68 -23.91
CA GLU C 325 44.89 5.60 -23.91
C GLU C 325 46.10 4.93 -23.24
N ASP C 326 47.11 5.72 -22.84
CA ASP C 326 48.34 5.16 -22.25
C ASP C 326 48.06 4.27 -21.04
N ASN C 327 47.23 4.77 -20.13
CA ASN C 327 46.64 3.92 -19.10
C ASN C 327 45.51 3.13 -19.75
N PRO C 328 45.64 1.79 -19.77
CA PRO C 328 44.67 0.90 -20.42
C PRO C 328 43.23 1.03 -19.92
N LYS C 329 43.04 1.58 -18.73
CA LYS C 329 41.69 1.73 -18.18
C LYS C 329 41.11 3.10 -18.48
N THR C 330 41.94 3.99 -19.03
CA THR C 330 41.46 5.25 -19.57
C THR C 330 41.04 5.08 -21.02
N PHE C 331 39.82 5.52 -21.33
CA PHE C 331 39.32 5.46 -22.71
C PHE C 331 38.42 6.63 -23.03
N HIS C 332 38.36 6.95 -24.32
CA HIS C 332 37.37 7.91 -24.80
C HIS C 332 36.62 7.33 -25.99
N GLU C 333 35.50 7.95 -26.32
CA GLU C 333 34.72 7.53 -27.46
C GLU C 333 35.37 7.99 -28.74
N ALA C 334 35.66 7.02 -29.59
CA ALA C 334 36.37 7.30 -30.84
C ALA C 334 35.39 7.51 -31.98
N ALA C 335 35.93 7.94 -33.11
CA ALA C 335 35.19 7.90 -34.35
C ALA C 335 34.92 6.43 -34.67
N HIS C 336 33.80 6.16 -35.30
CA HIS C 336 33.33 4.77 -35.49
C HIS C 336 34.30 3.85 -36.20
N LEU C 337 35.03 4.37 -37.18
CA LEU C 337 35.98 3.55 -37.93
C LEU C 337 37.43 3.72 -37.46
N ASN C 338 37.61 4.52 -36.42
CA ASN C 338 38.95 4.92 -36.01
C ASN C 338 39.32 4.55 -34.56
N GLY C 339 38.67 3.56 -33.98
CA GLY C 339 38.97 3.18 -32.59
C GLY C 339 39.60 1.79 -32.46
N ASP C 340 39.55 1.24 -31.26
CA ASP C 340 40.05 -0.12 -30.97
C ASP C 340 39.20 -1.23 -31.64
N VAL C 341 37.92 -0.95 -31.87
CA VAL C 341 37.03 -1.89 -32.56
C VAL C 341 37.42 -1.97 -34.04
N ASP C 342 37.74 -3.17 -34.51
CA ASP C 342 37.89 -3.42 -35.95
C ASP C 342 36.47 -3.53 -36.54
N MET C 343 35.89 -2.39 -36.90
CA MET C 343 34.50 -2.32 -37.32
C MET C 343 34.27 -3.16 -38.58
N TYR C 344 35.25 -3.17 -39.48
CA TYR C 344 35.15 -4.03 -40.66
C TYR C 344 34.86 -5.49 -40.25
N GLU C 345 35.62 -5.99 -39.28
CA GLU C 345 35.57 -7.39 -38.89
C GLU C 345 34.29 -7.72 -38.14
N VAL C 346 33.89 -6.81 -37.28
CA VAL C 346 32.65 -6.94 -36.53
C VAL C 346 31.43 -6.97 -37.46
N VAL C 347 31.36 -6.04 -38.40
CA VAL C 347 30.25 -6.00 -39.35
C VAL C 347 30.22 -7.26 -40.23
N LYS C 348 31.39 -7.68 -40.71
CA LYS C 348 31.48 -8.90 -41.50
C LYS C 348 30.88 -10.10 -40.74
N ALA C 349 31.24 -10.23 -39.46
CA ALA C 349 30.76 -11.35 -38.64
C ALA C 349 29.25 -11.27 -38.41
N ILE C 350 28.75 -10.05 -38.24
CA ILE C 350 27.31 -9.83 -38.09
C ILE C 350 26.59 -10.22 -39.38
N VAL C 351 27.11 -9.71 -40.50
CA VAL C 351 26.56 -10.03 -41.83
C VAL C 351 26.56 -11.54 -42.07
N GLU C 352 27.67 -12.21 -41.71
CA GLU C 352 27.75 -13.66 -41.84
C GLU C 352 26.70 -14.38 -40.98
N GLU C 353 26.45 -13.88 -39.77
CA GLU C 353 25.40 -14.43 -38.90
C GLU C 353 24.01 -14.29 -39.54
N GLU C 354 23.73 -13.11 -40.11
CA GLU C 354 22.44 -12.88 -40.76
C GLU C 354 22.21 -13.82 -41.93
N HIS C 355 23.27 -14.05 -42.72
CA HIS C 355 23.16 -14.93 -43.86
C HIS C 355 23.03 -16.40 -43.46
N ARG C 356 23.61 -16.77 -42.32
CA ARG C 356 23.43 -18.12 -41.79
C ARG C 356 21.96 -18.37 -41.48
N ARG C 357 21.31 -17.37 -40.87
CA ARG C 357 19.90 -17.43 -40.53
C ARG C 357 19.03 -17.54 -41.78
N LYS C 358 19.36 -16.77 -42.80
CA LYS C 358 18.60 -16.78 -44.05
C LYS C 358 18.69 -18.14 -44.75
N ALA C 359 19.91 -18.70 -44.81
CA ALA C 359 20.13 -20.04 -45.41
C ALA C 359 19.37 -21.15 -44.67
N GLU C 360 19.21 -20.97 -43.36
CA GLU C 360 18.58 -21.96 -42.51
C GLU C 360 17.06 -21.92 -42.66
N GLY C 361 16.53 -20.79 -43.11
CA GLY C 361 15.10 -20.71 -43.32
C GLY C 361 14.54 -19.37 -43.69
N LYS C 362 14.90 -18.33 -42.93
CA LYS C 362 14.20 -17.06 -43.01
C LYS C 362 15.06 -15.87 -42.62
N GLU C 363 14.91 -14.79 -43.38
CA GLU C 363 15.60 -13.54 -43.11
C GLU C 363 15.22 -13.04 -41.71
N ASP C 364 16.25 -12.79 -40.89
CA ASP C 364 16.08 -12.37 -39.50
C ASP C 364 17.25 -11.44 -39.17
N LEU C 365 17.12 -10.19 -39.59
CA LEU C 365 18.18 -9.21 -39.48
C LEU C 365 18.42 -8.81 -38.01
N ILE C 366 19.63 -8.37 -37.73
CA ILE C 366 19.99 -7.90 -36.41
C ILE C 366 19.98 -6.37 -36.46
N PRO C 367 19.00 -5.74 -35.77
CA PRO C 367 18.97 -4.29 -35.85
C PRO C 367 20.19 -3.66 -35.17
N MET C 368 20.66 -2.56 -35.72
CA MET C 368 21.77 -1.82 -35.15
C MET C 368 21.35 -0.38 -34.88
N ARG C 369 22.03 0.24 -33.91
CA ARG C 369 22.07 1.70 -33.83
C ARG C 369 23.53 2.17 -33.66
N PRO C 370 23.84 3.40 -34.11
CA PRO C 370 25.22 3.95 -33.96
C PRO C 370 25.63 4.18 -32.50
N ASP C 371 24.64 4.18 -31.61
CA ASP C 371 24.85 4.22 -30.15
C ASP C 371 25.20 5.60 -29.58
N HIS C 372 26.45 6.04 -29.75
CA HIS C 372 26.88 7.38 -29.36
C HIS C 372 27.55 8.08 -30.51
N GLY C 373 27.57 9.40 -30.46
CA GLY C 373 28.25 10.19 -31.46
C GLY C 373 28.99 11.32 -30.81
N HIS C 374 29.99 11.83 -31.49
CA HIS C 374 30.68 13.02 -31.07
C HIS C 374 29.73 14.21 -31.26
N GLN C 375 29.88 15.22 -30.40
CA GLN C 375 29.14 16.46 -30.51
C GLN C 375 29.91 17.34 -31.48
N MET C 376 29.28 17.71 -32.59
CA MET C 376 29.98 18.37 -33.70
C MET C 376 29.09 19.31 -34.53
N LEU C 377 29.72 20.14 -35.36
CA LEU C 377 29.05 21.16 -36.18
C LEU C 377 28.03 21.93 -35.34
N ASP C 378 26.79 22.07 -35.81
CA ASP C 378 25.75 22.84 -35.08
C ASP C 378 25.49 22.38 -33.65
N ASP C 379 25.73 21.09 -33.38
CA ASP C 379 25.46 20.54 -32.05
C ASP C 379 26.40 21.06 -30.98
N LEU C 380 27.52 21.66 -31.41
CA LEU C 380 28.44 22.27 -30.46
C LEU C 380 27.83 23.48 -29.74
N LYS C 381 26.85 24.13 -30.36
CA LYS C 381 26.21 25.32 -29.79
C LYS C 381 24.98 24.95 -28.95
N LYS C 382 24.77 23.65 -28.75
CA LYS C 382 23.59 23.19 -28.04
C LYS C 382 23.94 22.50 -26.72
N LYS C 383 23.00 22.57 -25.78
CA LYS C 383 23.00 21.70 -24.61
C LYS C 383 22.43 20.38 -25.06
N THR C 384 23.24 19.34 -25.04
CA THR C 384 22.85 18.03 -25.58
C THR C 384 22.77 16.97 -24.50
N ASN C 385 22.04 15.89 -24.77
CA ASN C 385 22.17 14.67 -24.02
C ASN C 385 23.53 14.06 -24.38
N PRO C 386 24.41 13.87 -23.37
CA PRO C 386 25.75 13.32 -23.57
C PRO C 386 25.78 12.08 -24.46
N GLY C 387 26.49 12.19 -25.59
CA GLY C 387 26.61 11.10 -26.54
C GLY C 387 25.46 10.99 -27.53
N TYR C 388 24.43 11.80 -27.32
CA TYR C 388 23.20 11.65 -28.09
C TYR C 388 22.81 12.83 -28.95
N SER C 389 23.78 13.67 -29.31
CA SER C 389 23.50 14.69 -30.31
C SER C 389 23.31 13.97 -31.66
N ALA C 390 22.77 14.67 -32.65
CA ALA C 390 22.34 14.03 -33.88
C ALA C 390 23.46 13.85 -34.91
N ILE C 391 24.19 14.93 -35.20
CA ILE C 391 25.12 14.95 -36.33
C ILE C 391 26.22 13.87 -36.20
N GLY C 392 26.78 13.72 -35.01
CA GLY C 392 27.82 12.71 -34.77
C GLY C 392 27.31 11.29 -34.88
N ARG C 393 26.08 11.07 -34.44
CA ARG C 393 25.45 9.75 -34.60
C ARG C 393 25.07 9.48 -36.06
N LEU C 394 24.65 10.53 -36.77
CA LEU C 394 24.33 10.41 -38.18
C LEU C 394 25.59 10.00 -38.96
N LYS C 395 26.71 10.64 -38.62
CA LYS C 395 28.02 10.33 -39.22
C LYS C 395 28.44 8.85 -39.01
N GLY C 396 28.37 8.39 -37.77
CA GLY C 396 28.73 7.00 -37.42
C GLY C 396 27.84 5.98 -38.13
N LEU C 397 26.54 6.28 -38.19
CA LEU C 397 25.60 5.43 -38.88
C LEU C 397 25.93 5.36 -40.38
N ALA C 398 26.29 6.50 -40.97
CA ALA C 398 26.64 6.57 -42.39
C ALA C 398 27.89 5.73 -42.68
N GLU C 399 28.89 5.84 -41.78
CA GLU C 399 30.14 5.11 -41.91
C GLU C 399 29.91 3.59 -41.87
N VAL C 400 29.11 3.15 -40.90
CA VAL C 400 28.80 1.74 -40.76
C VAL C 400 27.92 1.26 -41.92
N ARG C 401 27.03 2.13 -42.39
CA ARG C 401 26.20 1.82 -43.57
C ARG C 401 27.07 1.48 -44.79
N GLY C 402 28.10 2.30 -45.02
CA GLY C 402 29.05 2.08 -46.12
C GLY C 402 29.81 0.77 -46.00
N VAL C 403 30.28 0.48 -44.79
CA VAL C 403 31.03 -0.75 -44.51
C VAL C 403 30.18 -1.98 -44.81
N GLU C 404 28.94 -1.97 -44.31
CA GLU C 404 28.03 -3.10 -44.46
C GLU C 404 27.69 -3.34 -45.93
N LEU C 405 27.43 -2.26 -46.65
CA LEU C 405 27.13 -2.33 -48.08
C LEU C 405 28.27 -2.99 -48.85
N ALA C 406 29.50 -2.52 -48.64
CA ALA C 406 30.64 -3.09 -49.35
C ALA C 406 30.83 -4.57 -49.02
N ILE C 407 30.67 -4.92 -47.75
CA ILE C 407 30.76 -6.31 -47.29
C ILE C 407 29.72 -7.21 -47.98
N GLN C 408 28.46 -6.77 -48.01
CA GLN C 408 27.40 -7.49 -48.70
C GLN C 408 27.75 -7.76 -50.15
N ARG C 409 28.26 -6.72 -50.82
CA ARG C 409 28.61 -6.80 -52.22
C ARG C 409 29.86 -7.63 -52.46
N ALA C 410 30.82 -7.54 -51.54
CA ALA C 410 32.09 -8.27 -51.68
C ALA C 410 31.91 -9.77 -51.48
N PHE C 411 31.21 -10.14 -50.41
CA PHE C 411 31.15 -11.53 -49.97
C PHE C 411 29.84 -12.27 -50.30
N PHE C 412 28.74 -11.53 -50.51
CA PHE C 412 27.42 -12.19 -50.57
C PHE C 412 26.51 -11.87 -51.76
N SER C 413 26.94 -11.06 -52.70
CA SER C 413 26.02 -10.76 -53.77
C SER C 413 26.57 -11.43 -54.99
N ARG C 414 27.89 -11.30 -55.04
CA ARG C 414 28.71 -11.44 -56.20
C ARG C 414 29.97 -10.86 -55.59
N SER D 19 26.92 39.54 1.14
CA SER D 19 28.33 39.06 1.17
C SER D 19 28.37 37.56 0.91
N HIS D 20 27.22 37.00 0.53
CA HIS D 20 27.06 35.57 0.22
C HIS D 20 26.54 34.78 1.43
N MET D 21 27.03 35.10 2.63
CA MET D 21 26.45 34.52 3.85
C MET D 21 24.97 34.91 3.98
N GLU D 22 24.11 33.93 4.21
CA GLU D 22 22.67 34.19 4.32
C GLU D 22 22.35 34.79 5.70
N GLN D 23 22.11 36.10 5.69
CA GLN D 23 21.96 36.86 6.92
C GLN D 23 20.50 37.19 7.18
N THR D 24 20.00 36.71 8.31
CA THR D 24 18.61 36.90 8.67
C THR D 24 18.51 37.56 10.04
N TRP D 25 17.29 37.91 10.43
CA TRP D 25 17.06 38.76 11.60
C TRP D 25 15.66 38.46 12.09
N ARG D 26 15.53 38.28 13.40
CA ARG D 26 14.22 38.01 13.98
C ARG D 26 13.38 39.28 14.18
N TRP D 27 12.20 39.29 13.57
CA TRP D 27 11.25 40.40 13.63
C TRP D 27 9.92 39.89 14.17
N TYR D 28 9.39 40.54 15.21
CA TYR D 28 8.20 40.01 15.88
C TYR D 28 6.86 40.37 15.23
N GLY D 29 6.90 41.19 14.19
CA GLY D 29 5.69 41.63 13.49
C GLY D 29 5.48 43.14 13.60
N PRO D 30 4.30 43.62 13.19
CA PRO D 30 3.99 45.05 13.12
C PRO D 30 4.22 45.80 14.43
N ASN D 31 4.00 45.13 15.56
CA ASN D 31 4.17 45.74 16.86
C ASN D 31 5.62 45.83 17.37
N ASP D 32 6.53 45.10 16.73
CA ASP D 32 7.97 45.15 17.06
C ASP D 32 8.49 46.59 16.97
N PRO D 33 9.11 47.09 18.06
CA PRO D 33 9.75 48.42 18.03
C PRO D 33 10.83 48.55 16.97
N VAL D 34 11.42 47.42 16.58
CA VAL D 34 12.40 47.40 15.50
C VAL D 34 11.66 47.29 14.16
N SER D 35 11.85 48.28 13.29
CA SER D 35 11.18 48.34 11.99
C SER D 35 11.90 47.45 10.97
N LEU D 36 11.24 47.19 9.86
CA LEU D 36 11.89 46.42 8.79
C LEU D 36 12.96 47.24 8.08
N ALA D 37 12.79 48.57 8.07
CA ALA D 37 13.84 49.45 7.57
C ALA D 37 15.12 49.30 8.42
N ASP D 38 14.97 49.15 9.74
CA ASP D 38 16.11 48.87 10.64
C ASP D 38 16.81 47.57 10.24
N VAL D 39 16.02 46.54 9.92
CA VAL D 39 16.53 45.23 9.50
C VAL D 39 17.35 45.33 8.21
N ARG D 40 16.79 45.97 7.18
CA ARG D 40 17.50 46.19 5.92
C ARG D 40 18.82 46.89 6.18
N GLN D 41 18.76 48.00 6.90
CA GLN D 41 19.93 48.80 7.18
C GLN D 41 21.00 48.01 7.98
N ALA D 42 20.57 47.11 8.86
CA ALA D 42 21.52 46.26 9.60
C ALA D 42 22.22 45.27 8.68
N GLY D 43 21.69 45.13 7.46
CA GLY D 43 22.29 44.28 6.46
C GLY D 43 21.75 42.86 6.35
N ALA D 44 20.64 42.58 7.04
CA ALA D 44 19.98 41.28 6.87
C ALA D 44 19.17 41.28 5.57
N THR D 45 19.19 40.15 4.85
CA THR D 45 18.40 40.04 3.62
C THR D 45 17.13 39.22 3.86
N GLY D 46 17.12 38.44 4.95
CA GLY D 46 16.00 37.59 5.27
C GLY D 46 15.44 37.93 6.63
N VAL D 47 14.16 37.63 6.83
CA VAL D 47 13.51 37.86 8.10
C VAL D 47 13.15 36.51 8.72
N VAL D 48 13.32 36.42 10.03
CA VAL D 48 12.86 35.28 10.81
C VAL D 48 11.69 35.80 11.62
N THR D 49 10.53 35.18 11.46
CA THR D 49 9.32 35.64 12.15
C THR D 49 8.37 34.48 12.40
N ALA D 50 7.26 34.80 13.08
CA ALA D 50 6.19 33.84 13.36
C ALA D 50 4.87 34.59 13.50
N LEU D 51 3.75 33.86 13.46
CA LEU D 51 2.45 34.48 13.70
C LEU D 51 2.11 34.38 15.18
N HIS D 52 2.75 35.24 15.96
CA HIS D 52 2.64 35.24 17.43
C HIS D 52 1.22 35.49 17.93
N HIS D 53 0.40 36.17 17.11
CA HIS D 53 -0.95 36.56 17.51
C HIS D 53 -1.96 35.41 17.44
N ILE D 54 -1.63 34.38 16.65
CA ILE D 54 -2.45 33.17 16.57
C ILE D 54 -2.24 32.31 17.82
N PRO D 55 -3.33 31.93 18.52
CA PRO D 55 -3.23 31.14 19.75
C PRO D 55 -2.49 29.82 19.58
N ASN D 56 -1.76 29.44 20.64
CA ASN D 56 -1.08 28.14 20.75
C ASN D 56 -1.91 26.97 20.24
N GLY D 57 -1.37 26.24 19.26
CA GLY D 57 -1.99 25.01 18.77
C GLY D 57 -2.83 25.13 17.53
N GLU D 58 -3.35 26.33 17.25
CA GLU D 58 -4.22 26.55 16.08
C GLU D 58 -3.43 26.55 14.77
N VAL D 59 -4.15 26.36 13.67
CA VAL D 59 -3.57 26.35 12.33
C VAL D 59 -3.19 27.77 11.89
N TRP D 60 -2.03 27.90 11.25
CA TRP D 60 -1.67 29.14 10.58
C TRP D 60 -2.28 29.08 9.18
N SER D 61 -3.31 29.88 8.96
CA SER D 61 -3.98 29.94 7.66
C SER D 61 -3.13 30.62 6.60
N VAL D 62 -3.29 30.18 5.36
CA VAL D 62 -2.58 30.73 4.22
C VAL D 62 -2.72 32.26 4.16
N GLU D 63 -3.95 32.73 4.37
CA GLU D 63 -4.27 34.17 4.37
C GLU D 63 -3.38 34.95 5.35
N GLU D 64 -3.26 34.45 6.57
CA GLU D 64 -2.43 35.09 7.61
C GLU D 64 -0.95 35.05 7.25
N ILE D 65 -0.50 33.91 6.74
CA ILE D 65 0.90 33.73 6.34
C ILE D 65 1.25 34.72 5.22
N LEU D 66 0.35 34.83 4.25
CA LEU D 66 0.54 35.72 3.11
C LEU D 66 0.51 37.19 3.49
N LYS D 67 -0.30 37.54 4.48
CA LYS D 67 -0.35 38.91 5.02
C LYS D 67 1.00 39.30 5.65
N ARG D 68 1.61 38.37 6.38
CA ARG D 68 2.94 38.58 6.94
C ARG D 68 4.03 38.59 5.86
N LYS D 69 3.96 37.64 4.93
CA LYS D 69 4.93 37.58 3.84
C LYS D 69 4.91 38.88 3.03
N ALA D 70 3.71 39.35 2.70
CA ALA D 70 3.53 40.59 1.95
C ALA D 70 4.14 41.80 2.65
N ILE D 71 3.97 41.89 3.96
CA ILE D 71 4.51 42.98 4.76
C ILE D 71 6.05 42.95 4.74
N ILE D 72 6.61 41.76 4.91
CA ILE D 72 8.05 41.56 4.80
C ILE D 72 8.57 41.88 3.39
N GLU D 73 7.84 41.44 2.36
CA GLU D 73 8.27 41.66 0.97
C GLU D 73 8.10 43.11 0.53
N ASP D 74 7.11 43.79 1.11
CA ASP D 74 6.93 45.23 0.88
C ASP D 74 8.14 46.06 1.31
N ALA D 75 8.92 45.52 2.24
CA ALA D 75 10.14 46.18 2.74
C ALA D 75 11.39 45.78 1.95
N GLY D 76 11.23 44.96 0.92
CA GLY D 76 12.35 44.49 0.11
C GLY D 76 13.12 43.36 0.78
N LEU D 77 12.41 42.57 1.58
CA LEU D 77 13.00 41.45 2.31
C LEU D 77 12.24 40.16 2.02
N VAL D 78 12.80 39.01 2.41
CA VAL D 78 12.03 37.76 2.34
C VAL D 78 11.90 37.10 3.71
N TRP D 79 10.82 36.36 3.88
CA TRP D 79 10.60 35.55 5.08
C TRP D 79 11.32 34.22 4.87
N SER D 80 12.47 34.07 5.52
CA SER D 80 13.37 32.93 5.32
C SER D 80 13.06 31.76 6.24
N VAL D 81 12.79 32.07 7.50
CA VAL D 81 12.69 31.03 8.54
C VAL D 81 11.51 31.33 9.44
N VAL D 82 10.85 30.28 9.91
CA VAL D 82 9.83 30.42 10.93
C VAL D 82 10.45 30.10 12.29
N GLU D 83 10.27 31.00 13.24
CA GLU D 83 10.71 30.80 14.62
C GLU D 83 9.75 31.53 15.58
N SER D 84 8.78 30.81 16.15
CA SER D 84 8.58 29.37 15.95
C SER D 84 7.11 29.05 15.73
N VAL D 85 6.85 27.84 15.21
CA VAL D 85 5.52 27.24 15.36
C VAL D 85 5.53 26.50 16.70
N PRO D 86 4.85 27.05 17.72
CA PRO D 86 4.99 26.53 19.08
C PRO D 86 4.33 25.16 19.25
N ILE D 87 4.94 24.34 20.09
CA ILE D 87 4.37 23.06 20.45
C ILE D 87 3.55 23.21 21.73
N HIS D 88 2.23 22.97 21.62
CA HIS D 88 1.30 23.02 22.75
C HIS D 88 1.76 22.11 23.89
N GLU D 89 1.61 22.59 25.12
CA GLU D 89 1.93 21.79 26.32
C GLU D 89 1.23 20.42 26.36
N ASP D 90 0.11 20.29 25.66
CA ASP D 90 -0.59 19.00 25.55
C ASP D 90 0.22 17.94 24.82
N ILE D 91 0.99 18.37 23.82
CA ILE D 91 1.87 17.48 23.06
C ILE D 91 3.06 17.07 23.92
N LYS D 92 3.60 18.02 24.67
CA LYS D 92 4.72 17.77 25.58
C LYS D 92 4.36 16.82 26.73
N THR D 93 3.12 16.91 27.23
CA THR D 93 2.64 16.06 28.32
C THR D 93 1.85 14.82 27.86
N HIS D 94 1.63 14.72 26.56
CA HIS D 94 0.79 13.67 25.94
C HIS D 94 -0.54 13.56 26.68
N THR D 95 -1.35 14.61 26.55
CA THR D 95 -2.55 14.80 27.35
C THR D 95 -3.60 15.63 26.59
N GLY D 96 -4.85 15.50 27.01
CA GLY D 96 -5.94 16.34 26.52
C GLY D 96 -6.21 16.28 25.03
N ASN D 97 -5.93 17.38 24.35
CA ASN D 97 -6.25 17.52 22.93
C ASN D 97 -5.02 17.45 22.02
N TYR D 98 -4.02 16.67 22.44
CA TYR D 98 -2.74 16.58 21.73
C TYR D 98 -2.87 16.15 20.27
N GLU D 99 -3.84 15.26 20.02
CA GLU D 99 -4.03 14.66 18.70
C GLU D 99 -4.50 15.69 17.68
N GLN D 100 -5.36 16.60 18.13
CA GLN D 100 -5.85 17.69 17.27
C GLN D 100 -4.76 18.74 17.08
N TRP D 101 -3.96 18.96 18.12
CA TRP D 101 -2.84 19.90 18.05
C TRP D 101 -1.81 19.43 17.00
N ILE D 102 -1.52 18.14 17.01
CA ILE D 102 -0.59 17.54 16.05
C ILE D 102 -1.10 17.68 14.61
N ALA D 103 -2.38 17.40 14.41
CA ALA D 103 -3.04 17.59 13.13
C ALA D 103 -2.98 19.05 12.67
N ASN D 104 -3.23 19.97 13.61
CA ASN D 104 -3.16 21.40 13.34
C ASN D 104 -1.74 21.87 13.02
N TYR D 105 -0.75 21.25 13.66
CA TYR D 105 0.66 21.54 13.42
C TYR D 105 1.06 21.13 12.00
N GLN D 106 0.59 19.95 11.58
CA GLN D 106 0.85 19.45 10.23
C GLN D 106 0.25 20.38 9.16
N GLN D 107 -0.99 20.80 9.37
CA GLN D 107 -1.67 21.72 8.44
C GLN D 107 -0.95 23.08 8.35
N THR D 108 -0.47 23.55 9.50
CA THR D 108 0.39 24.74 9.57
C THR D 108 1.64 24.57 8.69
N LEU D 109 2.29 23.42 8.78
CA LEU D 109 3.43 23.11 7.93
C LEU D 109 3.06 23.12 6.45
N ARG D 110 1.94 22.45 6.11
CA ARG D 110 1.41 22.42 4.74
C ARG D 110 1.14 23.81 4.17
N ASN D 111 0.57 24.68 4.99
CA ASN D 111 0.27 26.07 4.59
C ASN D 111 1.53 26.93 4.38
N LEU D 112 2.52 26.74 5.25
CA LEU D 112 3.80 27.44 5.12
C LEU D 112 4.49 27.09 3.80
N ALA D 113 4.52 25.79 3.48
CA ALA D 113 5.16 25.30 2.26
C ALA D 113 4.46 25.78 0.99
N GLN D 114 3.13 25.80 1.03
CA GLN D 114 2.32 26.34 -0.05
C GLN D 114 2.65 27.82 -0.27
N CYS D 115 3.00 28.51 0.82
CA CYS D 115 3.38 29.91 0.75
C CYS D 115 4.88 30.11 0.53
N GLY D 116 5.63 29.02 0.33
CA GLY D 116 7.03 29.09 -0.05
C GLY D 116 8.01 29.35 1.08
N ILE D 117 7.60 29.06 2.32
CA ILE D 117 8.45 29.20 3.49
C ILE D 117 8.79 27.80 4.01
N ARG D 118 10.07 27.46 4.01
CA ARG D 118 10.47 26.05 4.06
C ARG D 118 11.44 25.64 5.17
N THR D 119 11.68 26.53 6.13
CA THR D 119 12.50 26.20 7.28
C THR D 119 11.80 26.62 8.56
N VAL D 120 11.63 25.68 9.48
CA VAL D 120 10.90 25.95 10.71
C VAL D 120 11.73 25.60 11.93
N CYS D 121 12.04 26.62 12.71
CA CYS D 121 12.71 26.47 13.99
C CYS D 121 11.66 26.23 15.07
N TYR D 122 11.99 25.36 16.02
CA TYR D 122 11.10 25.04 17.13
C TYR D 122 11.93 24.51 18.29
N ASN D 123 11.28 24.36 19.45
CA ASN D 123 11.94 23.74 20.60
C ASN D 123 11.03 22.74 21.31
N PHE D 124 11.62 21.94 22.20
CA PHE D 124 10.85 21.05 23.04
C PHE D 124 11.16 21.26 24.52
N MET D 125 11.30 22.52 24.90
CA MET D 125 11.48 22.91 26.31
C MET D 125 10.16 22.78 27.06
N PRO D 126 10.16 22.08 28.21
CA PRO D 126 8.91 21.92 28.94
C PRO D 126 8.61 23.09 29.87
N VAL D 127 7.36 23.56 29.83
CA VAL D 127 6.85 24.66 30.66
C VAL D 127 7.51 26.01 30.37
N LEU D 128 8.80 26.12 30.65
CA LEU D 128 9.54 27.36 30.41
C LEU D 128 10.41 27.30 29.16
N ASP D 129 10.38 28.38 28.39
CA ASP D 129 11.19 28.52 27.22
C ASP D 129 12.60 28.93 27.68
N TRP D 130 13.34 29.66 26.86
CA TRP D 130 14.67 30.14 27.28
C TRP D 130 14.58 31.01 28.55
N THR D 131 15.56 30.85 29.45
CA THR D 131 15.45 31.42 30.79
C THR D 131 16.63 32.29 31.24
N ARG D 132 16.31 33.48 31.78
CA ARG D 132 17.27 34.38 32.40
C ARG D 132 16.75 34.91 33.74
N THR D 133 17.64 35.36 34.61
CA THR D 133 17.22 35.93 35.90
C THR D 133 17.28 37.46 35.92
N ASP D 134 18.09 38.04 35.03
CA ASP D 134 18.33 39.47 34.99
C ASP D 134 18.30 39.94 33.53
N LEU D 135 17.42 40.90 33.26
CA LEU D 135 17.20 41.35 31.90
C LEU D 135 17.85 42.71 31.65
N GLU D 136 18.62 43.20 32.62
CA GLU D 136 19.27 44.50 32.48
C GLU D 136 20.53 44.61 33.34
N TYR D 137 21.40 43.62 33.16
CA TYR D 137 22.68 43.56 33.80
C TYR D 137 23.63 44.51 33.09
N VAL D 138 24.04 45.55 33.82
CA VAL D 138 24.87 46.61 33.30
C VAL D 138 26.30 46.09 33.23
N LEU D 139 26.89 46.17 32.03
CA LEU D 139 28.27 45.80 31.79
C LEU D 139 29.21 46.99 32.00
N PRO D 140 30.54 46.76 32.04
CA PRO D 140 31.48 47.86 32.31
C PRO D 140 31.36 49.03 31.32
N ASP D 141 31.02 48.77 30.07
CA ASP D 141 30.84 49.85 29.09
C ASP D 141 29.49 50.61 29.20
N GLY D 142 28.63 50.19 30.14
CA GLY D 142 27.29 50.78 30.30
C GLY D 142 26.18 50.11 29.50
N SER D 143 26.53 49.19 28.60
CA SER D 143 25.50 48.45 27.86
C SER D 143 24.84 47.42 28.79
N LYS D 144 23.61 47.03 28.45
CA LYS D 144 22.87 46.08 29.26
C LYS D 144 22.78 44.72 28.62
N ALA D 145 23.06 43.69 29.41
CA ALA D 145 23.11 42.32 28.94
C ALA D 145 22.12 41.46 29.72
N LEU D 146 21.75 40.33 29.14
CA LEU D 146 20.95 39.35 29.86
C LEU D 146 21.88 38.43 30.62
N ARG D 147 21.43 37.97 31.78
CA ARG D 147 22.25 37.15 32.64
C ARG D 147 21.40 36.08 33.35
N PHE D 148 21.98 34.90 33.49
CA PHE D 148 21.44 33.86 34.36
C PHE D 148 22.37 33.78 35.57
N ASP D 149 21.90 34.31 36.70
CA ASP D 149 22.66 34.26 37.94
C ASP D 149 22.17 33.06 38.71
N GLN D 150 23.02 32.05 38.82
CA GLN D 150 22.69 30.78 39.45
C GLN D 150 22.16 30.99 40.86
N ILE D 151 22.71 31.98 41.56
CA ILE D 151 22.32 32.26 42.93
C ILE D 151 20.94 32.93 42.99
N GLU D 152 20.67 33.83 42.04
CA GLU D 152 19.32 34.41 41.91
C GLU D 152 18.31 33.29 41.62
N PHE D 153 18.64 32.42 40.67
CA PHE D 153 17.76 31.32 40.30
C PHE D 153 17.53 30.35 41.46
N ALA D 154 18.59 30.06 42.21
CA ALA D 154 18.50 29.24 43.41
C ALA D 154 17.60 29.89 44.48
N ALA D 155 17.74 31.20 44.65
CA ALA D 155 16.88 31.93 45.58
C ALA D 155 15.40 31.84 45.16
N PHE D 156 15.15 31.93 43.85
CA PHE D 156 13.79 31.76 43.33
C PHE D 156 13.22 30.39 43.65
N GLU D 157 13.95 29.34 43.31
CA GLU D 157 13.51 27.96 43.49
C GLU D 157 13.22 27.62 44.95
N MET D 158 14.16 27.95 45.83
CA MET D 158 14.12 27.50 47.22
C MET D 158 13.38 28.42 48.17
N HIS D 159 13.26 29.70 47.82
CA HIS D 159 12.68 30.68 48.74
C HIS D 159 11.44 31.40 48.21
N ILE D 160 11.21 31.33 46.90
CA ILE D 160 10.05 31.97 46.27
C ILE D 160 9.05 30.93 45.76
N LEU D 161 9.48 30.09 44.82
CA LEU D 161 8.67 28.98 44.35
C LEU D 161 8.49 27.97 45.48
N LYS D 162 9.57 27.74 46.23
CA LYS D 162 9.60 26.77 47.32
C LYS D 162 9.28 25.37 46.84
N ARG D 163 9.94 24.96 45.77
CA ARG D 163 9.80 23.60 45.22
C ARG D 163 10.42 22.58 46.16
N PRO D 164 9.62 21.58 46.59
CA PRO D 164 10.13 20.51 47.45
C PRO D 164 11.29 19.76 46.78
N GLY D 165 12.41 19.63 47.50
CA GLY D 165 13.57 18.89 47.02
C GLY D 165 14.47 19.66 46.06
N ALA D 166 14.22 20.95 45.90
CA ALA D 166 15.00 21.80 45.01
C ALA D 166 16.48 21.86 45.40
N GLU D 167 16.76 21.71 46.70
CA GLU D 167 18.12 21.78 47.24
C GLU D 167 19.07 20.72 46.66
N ALA D 168 18.49 19.65 46.12
CA ALA D 168 19.26 18.60 45.48
C ALA D 168 20.00 19.09 44.21
N ASP D 169 19.49 20.16 43.60
CA ASP D 169 20.08 20.72 42.37
C ASP D 169 21.21 21.72 42.60
N TYR D 170 21.58 21.93 43.87
CA TYR D 170 22.57 22.94 44.23
C TYR D 170 23.61 22.38 45.20
N THR D 171 24.78 22.99 45.23
CA THR D 171 25.79 22.64 46.21
C THR D 171 25.48 23.34 47.53
N GLU D 172 26.20 22.95 48.58
CA GLU D 172 26.01 23.52 49.90
C GLU D 172 26.33 25.00 49.89
N GLU D 173 27.42 25.38 49.23
CA GLU D 173 27.83 26.79 49.15
C GLU D 173 26.77 27.60 48.40
N GLU D 174 26.24 27.04 47.31
CA GLU D 174 25.18 27.68 46.53
C GLU D 174 23.91 27.91 47.36
N ILE D 175 23.55 26.91 48.17
CA ILE D 175 22.39 27.00 49.07
C ILE D 175 22.56 28.13 50.11
N ALA D 176 23.74 28.21 50.72
CA ALA D 176 24.05 29.30 51.65
C ALA D 176 23.97 30.67 50.93
N GLN D 177 24.61 30.77 49.78
CA GLN D 177 24.62 32.01 49.00
C GLN D 177 23.21 32.43 48.61
N ALA D 178 22.40 31.49 48.14
CA ALA D 178 21.01 31.74 47.78
C ALA D 178 20.18 32.34 48.91
N ALA D 179 20.31 31.77 50.10
CA ALA D 179 19.63 32.29 51.30
C ALA D 179 20.08 33.72 51.61
N GLU D 180 21.40 33.92 51.62
CA GLU D 180 21.98 35.25 51.85
C GLU D 180 21.53 36.29 50.82
N ARG D 181 21.42 35.87 49.56
CA ARG D 181 20.90 36.72 48.49
C ARG D 181 19.41 37.04 48.70
N PHE D 182 18.63 36.03 49.05
CA PHE D 182 17.19 36.20 49.27
C PHE D 182 16.92 37.21 50.37
N ALA D 183 17.71 37.14 51.44
CA ALA D 183 17.59 38.03 52.58
C ALA D 183 17.87 39.51 52.25
N THR D 184 18.60 39.75 51.15
CA THR D 184 18.93 41.12 50.73
C THR D 184 17.90 41.69 49.77
N MET D 185 16.95 40.86 49.35
CA MET D 185 15.97 41.27 48.33
C MET D 185 14.81 42.05 48.92
N SER D 186 14.45 43.15 48.25
CA SER D 186 13.25 43.90 48.57
C SER D 186 12.07 43.19 47.94
N ASP D 187 10.86 43.64 48.26
CA ASP D 187 9.63 43.08 47.69
C ASP D 187 9.59 43.15 46.17
N GLU D 188 10.04 44.29 45.63
CA GLU D 188 10.05 44.49 44.18
C GLU D 188 11.08 43.59 43.52
N ASP D 189 12.31 43.57 44.05
CA ASP D 189 13.34 42.61 43.63
C ASP D 189 12.79 41.20 43.45
N LYS D 190 12.02 40.73 44.43
CA LYS D 190 11.45 39.37 44.40
C LYS D 190 10.41 39.20 43.30
N ALA D 191 9.55 40.22 43.14
CA ALA D 191 8.51 40.19 42.10
C ALA D 191 9.11 40.27 40.69
N ARG D 192 10.14 41.11 40.51
CA ARG D 192 10.81 41.24 39.22
C ARG D 192 11.53 39.95 38.81
N LEU D 193 12.33 39.40 39.72
CA LEU D 193 12.94 38.09 39.54
C LEU D 193 11.91 37.04 39.11
N THR D 194 10.77 37.01 39.79
CA THR D 194 9.71 36.04 39.50
C THR D 194 9.17 36.21 38.08
N ARG D 195 8.83 37.45 37.75
CA ARG D 195 8.36 37.83 36.42
C ARG D 195 9.40 37.47 35.37
N ASN D 196 10.67 37.77 35.66
CA ASN D 196 11.77 37.47 34.75
C ASN D 196 11.83 36.00 34.38
N ILE D 197 11.60 35.13 35.38
CA ILE D 197 11.69 33.69 35.17
C ILE D 197 10.44 33.06 34.54
N ILE D 198 9.26 33.52 34.92
CA ILE D 198 8.03 32.83 34.53
C ILE D 198 7.12 33.53 33.50
N ALA D 199 7.17 34.86 33.43
CA ALA D 199 6.25 35.62 32.56
C ALA D 199 6.48 35.34 31.07
N GLY D 200 7.67 34.85 30.74
CA GLY D 200 8.01 34.53 29.38
C GLY D 200 8.78 35.66 28.71
N LEU D 201 9.92 35.30 28.14
CA LEU D 201 10.79 36.23 27.43
C LEU D 201 10.40 36.34 25.95
N PRO D 202 10.95 37.34 25.22
CA PRO D 202 10.57 37.52 23.81
C PRO D 202 10.64 36.22 22.99
N GLY D 203 9.55 35.93 22.28
CA GLY D 203 9.48 34.74 21.44
C GLY D 203 8.88 33.53 22.14
N ALA D 204 8.91 33.54 23.46
CA ALA D 204 8.25 32.50 24.25
C ALA D 204 6.75 32.56 24.03
N GLU D 205 6.10 31.41 24.11
CA GLU D 205 4.68 31.32 23.76
C GLU D 205 3.82 30.78 24.91
N GLU D 206 4.24 31.06 26.14
CA GLU D 206 3.49 30.61 27.32
C GLU D 206 3.11 31.74 28.29
N GLY D 207 3.85 31.89 29.39
CA GLY D 207 3.57 32.94 30.38
C GLY D 207 2.64 32.50 31.50
N TYR D 208 3.09 32.67 32.74
CA TYR D 208 2.37 32.19 33.94
C TYR D 208 2.40 33.18 35.10
N THR D 209 1.36 33.14 35.93
CA THR D 209 1.44 33.67 37.29
C THR D 209 2.05 32.56 38.15
N LEU D 210 2.59 32.91 39.31
CA LEU D 210 3.27 31.93 40.19
C LEU D 210 2.41 30.71 40.51
N ASP D 211 1.12 30.93 40.76
CA ASP D 211 0.19 29.85 41.03
C ASP D 211 -0.10 29.01 39.79
N GLN D 212 -0.34 29.67 38.66
CA GLN D 212 -0.50 29.01 37.36
C GLN D 212 0.71 28.13 37.07
N PHE D 213 1.89 28.70 37.29
CA PHE D 213 3.18 28.02 37.10
C PHE D 213 3.31 26.80 38.01
N ARG D 214 3.11 27.00 39.31
CA ARG D 214 3.22 25.92 40.28
C ARG D 214 2.29 24.75 39.93
N LYS D 215 1.06 25.07 39.56
CA LYS D 215 0.07 24.07 39.15
C LYS D 215 0.50 23.32 37.88
N HIS D 216 1.06 24.06 36.92
CA HIS D 216 1.49 23.47 35.65
C HIS D 216 2.70 22.56 35.80
N LEU D 217 3.55 22.85 36.78
CA LEU D 217 4.72 22.03 37.09
C LEU D 217 4.32 20.63 37.56
N GLU D 218 3.16 20.54 38.22
CA GLU D 218 2.65 19.28 38.76
C GLU D 218 2.28 18.28 37.68
N LEU D 219 2.06 18.77 36.46
CA LEU D 219 1.73 17.91 35.31
C LEU D 219 2.90 17.03 34.89
N TYR D 220 4.11 17.41 35.30
CA TYR D 220 5.33 16.67 35.00
C TYR D 220 5.79 15.80 36.18
N LYS D 221 4.88 15.56 37.13
CA LYS D 221 5.18 14.76 38.32
C LYS D 221 5.78 13.38 38.00
N ASP D 222 5.31 12.76 36.93
CA ASP D 222 5.78 11.43 36.51
C ASP D 222 6.45 11.43 35.13
N ILE D 223 6.81 12.62 34.65
CA ILE D 223 7.48 12.76 33.35
C ILE D 223 8.97 13.02 33.53
N ASP D 224 9.75 11.93 33.49
CA ASP D 224 11.21 12.03 33.52
C ASP D 224 11.76 12.19 32.09
N LYS D 225 13.09 12.14 31.97
CA LYS D 225 13.74 12.28 30.67
C LYS D 225 13.19 11.27 29.63
N ALA D 226 13.11 10.00 30.03
CA ALA D 226 12.63 8.93 29.16
C ALA D 226 11.23 9.21 28.60
N LYS D 227 10.31 9.63 29.46
CA LYS D 227 8.93 9.90 29.04
C LYS D 227 8.78 11.15 28.18
N LEU D 228 9.55 12.20 28.49
CA LEU D 228 9.53 13.41 27.67
C LEU D 228 10.05 13.06 26.27
N ARG D 229 11.11 12.26 26.22
CA ARG D 229 11.62 11.73 24.96
C ARG D 229 10.54 10.97 24.17
N GLU D 230 9.79 10.10 24.87
CA GLU D 230 8.70 9.35 24.26
C GLU D 230 7.62 10.27 23.67
N ASN D 231 7.29 11.33 24.40
CA ASN D 231 6.32 12.32 23.94
C ASN D 231 6.82 13.08 22.71
N PHE D 232 8.12 13.38 22.70
CA PHE D 232 8.78 14.04 21.59
C PHE D 232 8.86 13.12 20.36
N ALA D 233 9.13 11.84 20.61
CA ALA D 233 9.16 10.83 19.56
C ALA D 233 7.83 10.73 18.80
N VAL D 234 6.72 10.83 19.54
CA VAL D 234 5.39 10.77 18.91
C VAL D 234 5.19 11.98 17.99
N PHE D 235 5.57 13.15 18.49
CA PHE D 235 5.49 14.40 17.74
C PHE D 235 6.31 14.33 16.45
N LEU D 236 7.55 13.85 16.57
CA LEU D 236 8.46 13.79 15.42
C LEU D 236 7.95 12.82 14.35
N LYS D 237 7.63 11.60 14.76
CA LYS D 237 7.16 10.55 13.85
C LYS D 237 5.87 10.93 13.10
N ALA D 238 5.16 11.94 13.59
CA ALA D 238 3.96 12.45 12.94
C ALA D 238 4.25 13.68 12.08
N ILE D 239 5.12 14.56 12.58
CA ILE D 239 5.41 15.84 11.94
C ILE D 239 6.47 15.75 10.83
N ILE D 240 7.49 14.93 11.03
CA ILE D 240 8.59 14.83 10.06
C ILE D 240 8.16 14.32 8.68
N PRO D 241 7.35 13.23 8.62
CA PRO D 241 6.92 12.77 7.30
C PRO D 241 6.11 13.84 6.54
N VAL D 242 5.33 14.64 7.26
CA VAL D 242 4.54 15.71 6.65
C VAL D 242 5.45 16.82 6.11
N ALA D 243 6.47 17.19 6.88
CA ALA D 243 7.47 18.14 6.43
C ALA D 243 8.21 17.63 5.21
N GLU D 244 8.65 16.37 5.26
CA GLU D 244 9.37 15.73 4.16
C GLU D 244 8.55 15.72 2.87
N GLU D 245 7.27 15.37 2.97
CA GLU D 245 6.39 15.28 1.81
C GLU D 245 6.21 16.64 1.15
N VAL D 246 6.15 17.68 1.98
CA VAL D 246 5.79 19.02 1.56
C VAL D 246 7.02 19.89 1.23
N GLY D 247 8.20 19.45 1.68
CA GLY D 247 9.44 20.15 1.38
C GLY D 247 9.88 21.19 2.40
N VAL D 248 9.45 21.00 3.65
CA VAL D 248 9.85 21.84 4.76
C VAL D 248 10.92 21.12 5.56
N ARG D 249 11.90 21.85 6.08
CA ARG D 249 12.90 21.27 6.96
C ARG D 249 12.75 21.79 8.39
N MET D 250 12.69 20.87 9.35
CA MET D 250 12.57 21.23 10.76
C MET D 250 13.95 21.44 11.37
N ALA D 251 14.08 22.47 12.20
CA ALA D 251 15.38 22.83 12.79
C ALA D 251 15.26 23.08 14.31
N VAL D 252 15.45 22.02 15.09
CA VAL D 252 15.22 22.07 16.53
C VAL D 252 16.19 22.99 17.24
N HIS D 253 15.65 23.87 18.07
CA HIS D 253 16.46 24.75 18.90
C HIS D 253 16.80 24.03 20.19
N PRO D 254 18.06 24.09 20.63
CA PRO D 254 18.51 23.52 21.89
C PRO D 254 17.86 24.16 23.11
N ASP D 255 18.03 23.52 24.27
CA ASP D 255 17.52 24.07 25.51
C ASP D 255 18.40 25.25 25.94
N ASP D 256 17.80 26.25 26.59
CA ASP D 256 18.52 27.44 27.02
C ASP D 256 18.03 27.86 28.41
N PRO D 257 18.82 27.59 29.46
CA PRO D 257 20.12 26.89 29.48
C PRO D 257 19.98 25.39 29.19
N PRO D 258 21.06 24.77 28.68
CA PRO D 258 21.00 23.36 28.27
C PRO D 258 21.25 22.41 29.43
N ARG D 259 20.38 22.48 30.44
CA ARG D 259 20.47 21.62 31.63
C ARG D 259 19.09 21.54 32.28
N PRO D 260 18.82 20.46 33.06
CA PRO D 260 17.49 20.36 33.66
C PRO D 260 17.34 21.36 34.78
N ILE D 261 16.23 22.08 34.77
CA ILE D 261 15.90 23.05 35.80
C ILE D 261 14.49 22.82 36.33
N LEU D 262 14.28 23.21 37.58
CA LEU D 262 12.95 23.15 38.22
C LEU D 262 12.39 21.74 38.33
N GLY D 263 13.27 20.73 38.33
CA GLY D 263 12.85 19.34 38.37
C GLY D 263 12.20 18.85 37.09
N LEU D 264 12.36 19.63 36.02
CA LEU D 264 11.86 19.24 34.71
C LEU D 264 13.06 18.78 33.89
N PRO D 265 12.87 17.75 33.05
CA PRO D 265 13.98 17.38 32.18
C PRO D 265 14.13 18.35 31.00
N ARG D 266 15.30 18.33 30.37
CA ARG D 266 15.52 19.06 29.13
C ARG D 266 16.32 18.18 28.17
N ILE D 267 15.72 17.91 27.01
CA ILE D 267 16.11 16.80 26.14
C ILE D 267 16.69 17.20 24.78
N VAL D 268 17.07 18.47 24.64
CA VAL D 268 17.84 18.92 23.48
C VAL D 268 19.01 19.78 24.00
N SER D 269 19.91 19.16 24.75
CA SER D 269 20.96 19.91 25.45
C SER D 269 22.39 19.54 25.07
N THR D 270 22.58 18.32 24.57
CA THR D 270 23.91 17.76 24.35
C THR D 270 23.99 17.04 23.00
N ILE D 271 25.21 16.70 22.58
CA ILE D 271 25.43 15.97 21.33
C ILE D 271 24.65 14.63 21.31
N GLU D 272 24.47 14.02 22.48
CA GLU D 272 23.74 12.76 22.60
C GLU D 272 22.25 12.93 22.28
N ASP D 273 21.70 14.10 22.61
CA ASP D 273 20.30 14.42 22.30
C ASP D 273 20.11 14.58 20.80
N MET D 274 21.12 15.13 20.13
CA MET D 274 21.14 15.29 18.68
C MET D 274 21.16 13.91 18.03
N GLN D 275 22.03 13.03 18.52
CA GLN D 275 22.07 11.64 18.07
C GLN D 275 20.72 10.94 18.25
N TRP D 276 20.12 11.10 19.43
CA TRP D 276 18.81 10.52 19.73
C TRP D 276 17.75 10.86 18.68
N MET D 277 17.77 12.12 18.24
CA MET D 277 16.78 12.62 17.29
C MET D 277 16.95 12.04 15.88
N VAL D 278 18.20 11.82 15.49
CA VAL D 278 18.50 11.17 14.22
C VAL D 278 18.10 9.69 14.28
N ASP D 279 18.31 9.07 15.45
CA ASP D 279 17.91 7.67 15.66
C ASP D 279 16.40 7.47 15.70
N THR D 280 15.68 8.48 16.16
CA THR D 280 14.22 8.40 16.27
C THR D 280 13.55 8.58 14.90
N VAL D 281 13.99 9.58 14.14
CA VAL D 281 13.52 9.80 12.77
C VAL D 281 14.71 10.11 11.87
N ASN D 282 15.03 9.18 10.96
CA ASN D 282 16.19 9.30 10.07
C ASN D 282 16.09 10.38 8.99
N SER D 283 14.86 10.64 8.55
CA SER D 283 14.62 11.58 7.46
C SER D 283 15.38 12.90 7.62
N MET D 284 15.91 13.40 6.51
CA MET D 284 16.69 14.64 6.49
C MET D 284 15.87 15.89 6.82
N ALA D 285 14.54 15.77 6.79
CA ALA D 285 13.65 16.86 7.22
C ALA D 285 13.73 17.11 8.73
N ASN D 286 14.29 16.13 9.45
CA ASN D 286 14.52 16.25 10.89
C ASN D 286 15.91 16.83 11.16
N GLY D 287 15.97 18.15 11.32
CA GLY D 287 17.25 18.86 11.45
C GLY D 287 17.41 19.76 12.64
N PHE D 288 18.42 20.64 12.58
CA PHE D 288 18.89 21.36 13.75
C PHE D 288 19.08 22.84 13.51
N THR D 289 18.73 23.62 14.53
CA THR D 289 19.20 24.99 14.65
C THR D 289 20.41 24.94 15.57
N MET D 290 21.58 25.23 15.01
CA MET D 290 22.80 25.31 15.81
C MET D 290 22.85 26.65 16.52
N CYS D 291 22.41 26.69 17.78
CA CYS D 291 22.47 27.90 18.59
C CYS D 291 23.69 27.80 19.49
N THR D 292 24.77 28.47 19.09
CA THR D 292 26.02 28.44 19.85
C THR D 292 25.89 29.14 21.20
N GLY D 293 24.92 30.05 21.32
CA GLY D 293 24.68 30.72 22.59
C GLY D 293 24.15 29.74 23.63
N SER D 294 23.21 28.91 23.20
CA SER D 294 22.58 27.93 24.09
C SER D 294 23.50 26.73 24.33
N TYR D 295 23.96 26.07 23.27
CA TYR D 295 24.84 24.91 23.45
C TYR D 295 26.14 25.27 24.19
N GLY D 296 26.66 26.48 23.95
CA GLY D 296 27.91 26.94 24.55
C GLY D 296 27.85 27.32 26.03
N VAL D 297 26.66 27.28 26.62
CA VAL D 297 26.52 27.59 28.04
C VAL D 297 27.31 26.58 28.88
N ARG D 298 27.32 25.32 28.46
CA ARG D 298 28.09 24.30 29.18
C ARG D 298 29.35 23.91 28.43
N ALA D 299 30.45 23.78 29.18
CA ALA D 299 31.78 23.61 28.60
C ALA D 299 32.00 22.22 27.96
N ASP D 300 31.12 21.28 28.29
CA ASP D 300 31.27 19.90 27.80
C ASP D 300 30.69 19.70 26.41
N ASN D 301 29.94 20.69 25.92
CA ASN D 301 29.46 20.70 24.54
C ASN D 301 30.54 21.22 23.62
N ASP D 302 31.00 20.38 22.70
CA ASP D 302 32.02 20.74 21.72
C ASP D 302 31.27 21.21 20.48
N LEU D 303 31.20 22.53 20.30
CA LEU D 303 30.43 23.14 19.23
C LEU D 303 30.95 22.79 17.84
N VAL D 304 32.28 22.81 17.68
CA VAL D 304 32.89 22.48 16.40
C VAL D 304 32.61 21.02 16.04
N ASP D 305 32.78 20.11 17.00
CA ASP D 305 32.48 18.69 16.78
C ASP D 305 31.00 18.49 16.43
N MET D 306 30.12 19.17 17.16
CA MET D 306 28.68 19.13 16.89
C MET D 306 28.37 19.50 15.44
N ILE D 307 29.05 20.54 14.96
CA ILE D 307 28.90 20.98 13.57
C ILE D 307 29.50 19.98 12.60
N LYS D 308 30.61 19.36 13.00
CA LYS D 308 31.25 18.37 12.14
C LYS D 308 30.49 17.05 12.04
N GLN D 309 29.90 16.62 13.16
CA GLN D 309 29.11 15.38 13.17
C GLN D 309 27.72 15.55 12.55
N PHE D 310 27.09 16.71 12.78
CA PHE D 310 25.70 16.91 12.36
C PHE D 310 25.52 17.98 11.27
N GLY D 311 26.64 18.51 10.78
CA GLY D 311 26.69 19.45 9.65
C GLY D 311 25.62 19.35 8.59
N PRO D 312 25.42 18.15 7.99
CA PRO D 312 24.45 17.99 6.90
C PRO D 312 22.99 18.22 7.33
N ARG D 313 22.76 18.24 8.64
CA ARG D 313 21.42 18.40 9.20
C ARG D 313 21.20 19.77 9.84
N ILE D 314 22.22 20.63 9.82
CA ILE D 314 22.11 21.98 10.36
C ILE D 314 21.50 22.94 9.32
N TYR D 315 20.35 23.48 9.64
CA TYR D 315 19.55 24.19 8.66
C TYR D 315 19.30 25.64 9.05
N PHE D 316 19.93 26.05 10.15
CA PHE D 316 19.73 27.36 10.75
C PHE D 316 20.73 27.50 11.89
N THR D 317 21.35 28.67 12.02
CA THR D 317 22.24 28.94 13.13
C THR D 317 21.90 30.23 13.88
N HIS D 318 22.04 30.17 15.20
CA HIS D 318 22.04 31.35 16.04
C HIS D 318 23.49 31.54 16.49
N LEU D 319 24.12 32.60 16.00
CA LEU D 319 25.54 32.81 16.25
C LEU D 319 25.74 33.91 17.27
N ARG D 320 25.68 33.54 18.55
CA ARG D 320 25.97 34.46 19.65
C ARG D 320 26.77 33.71 20.70
N SER D 321 27.24 34.44 21.72
CA SER D 321 28.12 33.84 22.72
C SER D 321 27.69 34.21 24.14
N THR D 322 27.85 33.27 25.07
CA THR D 322 27.68 33.56 26.49
C THR D 322 29.03 33.52 27.19
N MET D 323 29.04 33.92 28.45
CA MET D 323 30.25 33.95 29.24
C MET D 323 29.96 33.43 30.64
N ARG D 324 30.48 32.23 30.94
CA ARG D 324 30.43 31.63 32.28
C ARG D 324 31.31 32.41 33.22
N GLU D 325 30.84 32.61 34.45
CA GLU D 325 31.58 33.39 35.46
C GLU D 325 32.25 32.44 36.46
N ASP D 326 32.70 32.96 37.60
CA ASP D 326 33.36 32.15 38.64
C ASP D 326 32.61 30.87 39.03
N ASN D 327 31.30 30.98 39.21
CA ASN D 327 30.43 29.82 39.26
C ASN D 327 30.05 29.49 37.81
N PRO D 328 30.46 28.31 37.31
CA PRO D 328 30.30 27.95 35.90
C PRO D 328 28.84 27.85 35.42
N LYS D 329 27.88 27.79 36.35
CA LYS D 329 26.47 27.75 35.97
C LYS D 329 25.87 29.16 35.88
N THR D 330 26.62 30.15 36.35
CA THR D 330 26.26 31.55 36.13
C THR D 330 26.87 32.00 34.80
N PHE D 331 26.05 32.64 33.96
CA PHE D 331 26.52 33.19 32.69
C PHE D 331 25.77 34.44 32.30
N HIS D 332 26.44 35.30 31.55
CA HIS D 332 25.76 36.43 30.92
C HIS D 332 26.03 36.39 29.44
N GLU D 333 25.24 37.15 28.69
CA GLU D 333 25.49 37.25 27.28
C GLU D 333 26.69 38.15 27.01
N ALA D 334 27.63 37.61 26.26
CA ALA D 334 28.86 38.29 25.94
C ALA D 334 28.74 39.00 24.60
N ALA D 335 29.72 39.84 24.30
CA ALA D 335 29.87 40.37 22.96
C ALA D 335 30.20 39.18 22.06
N HIS D 336 29.71 39.22 20.82
CA HIS D 336 29.74 38.07 19.94
C HIS D 336 31.13 37.47 19.71
N LEU D 337 32.17 38.30 19.69
CA LEU D 337 33.51 37.80 19.42
C LEU D 337 34.33 37.62 20.69
N ASN D 338 33.68 37.80 21.84
CA ASN D 338 34.41 37.95 23.09
C ASN D 338 33.98 37.04 24.25
N GLY D 339 33.21 35.98 23.97
CA GLY D 339 32.77 35.07 25.03
C GLY D 339 33.44 33.72 25.03
N ASP D 340 32.73 32.71 25.49
CA ASP D 340 33.26 31.34 25.54
C ASP D 340 33.31 30.67 24.15
N VAL D 341 32.41 31.09 23.26
CA VAL D 341 32.38 30.58 21.90
C VAL D 341 33.60 31.11 21.13
N ASP D 342 34.40 30.18 20.61
CA ASP D 342 35.43 30.52 19.64
C ASP D 342 34.70 30.73 18.31
N MET D 343 34.26 31.96 18.07
CA MET D 343 33.39 32.26 16.94
C MET D 343 34.08 32.02 15.61
N TYR D 344 35.39 32.25 15.56
CA TYR D 344 36.17 31.97 14.36
C TYR D 344 36.07 30.50 13.92
N GLU D 345 36.24 29.58 14.87
CA GLU D 345 36.23 28.14 14.59
C GLU D 345 34.83 27.63 14.26
N VAL D 346 33.84 28.19 14.95
CA VAL D 346 32.44 27.87 14.67
C VAL D 346 32.07 28.28 13.23
N VAL D 347 32.37 29.52 12.85
CA VAL D 347 32.01 29.97 11.50
C VAL D 347 32.87 29.28 10.43
N LYS D 348 34.14 29.01 10.74
CA LYS D 348 34.98 28.26 9.83
C LYS D 348 34.36 26.89 9.52
N ALA D 349 33.85 26.22 10.56
CA ALA D 349 33.23 24.90 10.42
C ALA D 349 31.93 24.98 9.63
N ILE D 350 31.19 26.07 9.83
CA ILE D 350 29.95 26.31 9.10
C ILE D 350 30.25 26.54 7.61
N VAL D 351 31.23 27.41 7.35
CA VAL D 351 31.70 27.66 5.99
C VAL D 351 32.14 26.37 5.30
N GLU D 352 32.88 25.52 6.03
CA GLU D 352 33.35 24.24 5.48
C GLU D 352 32.20 23.30 5.11
N GLU D 353 31.15 23.32 5.93
CA GLU D 353 29.94 22.54 5.65
C GLU D 353 29.21 23.04 4.40
N GLU D 354 29.09 24.35 4.24
CA GLU D 354 28.44 24.92 3.07
C GLU D 354 29.18 24.55 1.78
N HIS D 355 30.51 24.56 1.85
CA HIS D 355 31.31 24.19 0.69
C HIS D 355 31.29 22.71 0.39
N ARG D 356 31.17 21.87 1.41
CA ARG D 356 31.09 20.43 1.15
C ARG D 356 29.76 20.08 0.48
N ARG D 357 28.69 20.76 0.88
CA ARG D 357 27.39 20.64 0.21
C ARG D 357 27.48 21.03 -1.27
N LYS D 358 28.19 22.13 -1.56
CA LYS D 358 28.38 22.57 -2.95
C LYS D 358 29.19 21.56 -3.77
N ALA D 359 30.30 21.09 -3.19
CA ALA D 359 31.19 20.13 -3.83
C ALA D 359 30.54 18.78 -4.10
N GLU D 360 29.55 18.44 -3.28
CA GLU D 360 28.84 17.16 -3.43
C GLU D 360 27.61 17.25 -4.33
N GLY D 361 27.36 18.42 -4.90
CA GLY D 361 26.37 18.56 -5.96
C GLY D 361 25.56 19.83 -6.00
N LYS D 362 25.18 20.36 -4.84
CA LYS D 362 24.24 21.47 -4.79
C LYS D 362 24.48 22.47 -3.66
N GLU D 363 24.56 23.75 -4.05
CA GLU D 363 24.66 24.86 -3.10
C GLU D 363 23.43 24.89 -2.19
N ASP D 364 23.69 24.98 -0.89
CA ASP D 364 22.64 25.01 0.10
C ASP D 364 23.16 25.73 1.34
N LEU D 365 23.01 27.05 1.36
CA LEU D 365 23.54 27.85 2.45
C LEU D 365 22.76 27.62 3.76
N ILE D 366 23.42 27.86 4.87
CA ILE D 366 22.78 27.80 6.17
C ILE D 366 22.49 29.22 6.66
N PRO D 367 21.19 29.58 6.78
CA PRO D 367 20.87 30.93 7.24
C PRO D 367 21.34 31.15 8.69
N MET D 368 21.75 32.38 9.01
CA MET D 368 22.12 32.73 10.37
C MET D 368 21.35 33.94 10.82
N ARG D 369 21.28 34.11 12.14
CA ARG D 369 20.89 35.39 12.74
C ARG D 369 21.75 35.62 13.98
N PRO D 370 22.03 36.90 14.32
CA PRO D 370 22.90 37.22 15.47
C PRO D 370 22.31 36.81 16.83
N ASP D 371 21.01 36.56 16.85
CA ASP D 371 20.27 35.99 18.00
C ASP D 371 19.93 36.98 19.11
N HIS D 372 20.89 37.34 19.96
CA HIS D 372 20.66 38.35 21.01
C HIS D 372 21.67 39.46 20.85
N GLY D 373 21.32 40.64 21.37
CA GLY D 373 22.24 41.77 21.37
C GLY D 373 22.22 42.47 22.70
N HIS D 374 23.35 43.06 23.08
CA HIS D 374 23.38 43.96 24.22
C HIS D 374 22.50 45.14 23.88
N GLN D 375 21.91 45.74 24.91
CA GLN D 375 21.14 46.96 24.77
C GLN D 375 22.11 48.11 24.92
N MET D 376 22.22 48.96 23.91
CA MET D 376 23.26 49.99 23.86
C MET D 376 22.86 51.22 23.07
N LEU D 377 23.66 52.27 23.19
CA LEU D 377 23.41 53.54 22.50
C LEU D 377 21.94 53.98 22.67
N ASP D 378 21.26 54.34 21.59
CA ASP D 378 19.88 54.84 21.67
C ASP D 378 18.90 53.87 22.36
N ASP D 379 19.18 52.58 22.27
CA ASP D 379 18.31 51.54 22.80
C ASP D 379 18.23 51.52 24.33
N LEU D 380 19.21 52.13 24.99
CA LEU D 380 19.21 52.23 26.46
C LEU D 380 18.13 53.18 27.00
N LYS D 381 17.57 54.03 26.13
CA LYS D 381 16.50 54.95 26.52
C LYS D 381 15.11 54.36 26.26
N LYS D 382 15.07 53.14 25.75
CA LYS D 382 13.83 52.49 25.34
C LYS D 382 13.48 51.34 26.26
N LYS D 383 12.19 51.02 26.31
CA LYS D 383 11.71 49.76 26.85
C LYS D 383 11.86 48.76 25.72
N THR D 384 12.74 47.79 25.90
CA THR D 384 13.04 46.88 24.81
C THR D 384 12.50 45.49 25.12
N ASN D 385 12.30 44.70 24.07
CA ASN D 385 12.24 43.25 24.21
C ASN D 385 13.62 42.78 24.66
N PRO D 386 13.70 42.14 25.84
CA PRO D 386 14.98 41.69 26.38
C PRO D 386 15.79 40.86 25.38
N GLY D 387 16.98 41.34 25.06
CA GLY D 387 17.89 40.67 24.13
C GLY D 387 17.64 41.04 22.68
N TYR D 388 16.56 41.78 22.43
CA TYR D 388 16.09 42.01 21.07
C TYR D 388 16.01 43.48 20.64
N SER D 389 16.85 44.33 21.24
CA SER D 389 17.05 45.68 20.71
C SER D 389 17.88 45.60 19.42
N ALA D 390 17.89 46.65 18.63
CA ALA D 390 18.49 46.61 17.30
C ALA D 390 20.01 46.76 17.27
N ILE D 391 20.53 47.80 17.90
CA ILE D 391 21.93 48.18 17.72
C ILE D 391 22.93 47.06 18.09
N GLY D 392 22.72 46.44 19.25
CA GLY D 392 23.54 45.30 19.69
C GLY D 392 23.47 44.08 18.79
N ARG D 393 22.30 43.80 18.22
CA ARG D 393 22.18 42.69 17.27
C ARG D 393 22.82 43.06 15.95
N LEU D 394 22.68 44.33 15.54
CA LEU D 394 23.32 44.82 14.32
C LEU D 394 24.83 44.66 14.45
N LYS D 395 25.35 44.96 15.65
CA LYS D 395 26.78 44.90 15.94
C LYS D 395 27.31 43.46 15.84
N GLY D 396 26.62 42.51 16.47
CA GLY D 396 26.97 41.10 16.41
C GLY D 396 26.93 40.55 14.99
N LEU D 397 25.88 40.92 14.26
CA LEU D 397 25.74 40.56 12.85
C LEU D 397 26.93 41.07 12.02
N ALA D 398 27.29 42.35 12.23
CA ALA D 398 28.41 42.95 11.54
C ALA D 398 29.73 42.22 11.87
N GLU D 399 29.92 41.89 13.14
CA GLU D 399 31.09 41.12 13.57
C GLU D 399 31.21 39.78 12.86
N VAL D 400 30.12 39.02 12.85
CA VAL D 400 30.10 37.72 12.18
C VAL D 400 30.24 37.83 10.66
N ARG D 401 29.61 38.84 10.07
CA ARG D 401 29.77 39.12 8.64
C ARG D 401 31.24 39.24 8.27
N GLY D 402 31.99 39.99 9.09
CA GLY D 402 33.40 40.22 8.82
C GLY D 402 34.24 38.97 9.01
N VAL D 403 33.99 38.23 10.08
CA VAL D 403 34.67 36.96 10.30
C VAL D 403 34.45 36.00 9.12
N GLU D 404 33.19 35.88 8.70
CA GLU D 404 32.83 34.94 7.65
C GLU D 404 33.42 35.34 6.29
N LEU D 405 33.35 36.62 5.94
CA LEU D 405 33.93 37.11 4.71
C LEU D 405 35.41 36.76 4.61
N ALA D 406 36.16 37.00 5.69
CA ALA D 406 37.60 36.74 5.67
C ALA D 406 37.94 35.25 5.61
N ILE D 407 37.11 34.41 6.25
CA ILE D 407 37.28 32.97 6.16
C ILE D 407 37.05 32.51 4.72
N GLN D 408 35.99 33.04 4.10
CA GLN D 408 35.68 32.71 2.71
C GLN D 408 36.87 33.02 1.81
N ARG D 409 37.46 34.19 2.01
CA ARG D 409 38.58 34.64 1.20
C ARG D 409 39.89 33.91 1.53
N ALA D 410 40.10 33.59 2.81
CA ALA D 410 41.33 32.93 3.24
C ALA D 410 41.41 31.47 2.79
N PHE D 411 40.30 30.73 2.93
CA PHE D 411 40.31 29.30 2.66
C PHE D 411 39.69 28.86 1.34
N PHE D 412 38.88 29.72 0.72
CA PHE D 412 38.06 29.33 -0.41
C PHE D 412 38.00 30.31 -1.58
N SER D 413 38.98 31.19 -1.73
CA SER D 413 38.92 32.16 -2.82
C SER D 413 39.91 31.87 -3.96
CL CL E . -28.75 -16.62 -29.73
MN MN F . -27.65 -14.36 -21.17
CL CL G . -20.04 -19.29 24.52
MN MN H . -12.18 -15.02 24.12
CL CL I . 21.40 5.72 -31.78
MN MN J . 25.67 0.34 -26.08
CL CL K . 18.23 38.21 15.19
MN MN L . 19.14 30.73 19.90
#